data_6CEA
# 
_entry.id   6CEA 
# 
_audit_conform.dict_name       mmcif_pdbx.dic 
_audit_conform.dict_version    5.379 
_audit_conform.dict_location   http://mmcif.pdb.org/dictionaries/ascii/mmcif_pdbx.dic 
# 
loop_
_database_2.database_id 
_database_2.database_code 
_database_2.pdbx_database_accession 
_database_2.pdbx_DOI 
PDB   6CEA         pdb_00006cea 10.2210/pdb6cea/pdb 
WWPDB D_1000232611 ?            ?                   
# 
_pdbx_database_status.status_code                     REL 
_pdbx_database_status.status_code_sf                  REL 
_pdbx_database_status.status_code_mr                  ? 
_pdbx_database_status.entry_id                        6CEA 
_pdbx_database_status.recvd_initial_deposition_date   2018-02-11 
_pdbx_database_status.SG_entry                        Y 
_pdbx_database_status.deposit_site                    RCSB 
_pdbx_database_status.process_site                    RCSB 
_pdbx_database_status.status_code_cs                  ? 
_pdbx_database_status.methods_development_category    ? 
_pdbx_database_status.pdb_format_compatible           Y 
_pdbx_database_status.status_code_nmr_data            ? 
# 
loop_
_audit_author.name 
_audit_author.pdbx_ordinal 
_audit_author.identifier_ORCID 
'Harding, R.J.'                        1  ? 
'Halabelian, L.'                       2  ? 
'Ferreira de Freitas, R.'              3  ? 
'Ravichandran, M.'                     4  ? 
'Santhakumar, V.'                      5  ? 
'Schapira, M.'                         6  ? 
'Bountra, C.'                          7  ? 
'Edwards, A.M.'                        8  ? 
'Arrowsmith, C.M.'                     9  ? 
'Structural Genomics Consortium (SGC)' 10 ? 
# 
_citation.abstract                  ? 
_citation.abstract_id_CAS           ? 
_citation.book_id_ISBN              ? 
_citation.book_publisher            ? 
_citation.book_publisher_city       ? 
_citation.book_title                ? 
_citation.coordinate_linkage        ? 
_citation.country                   US 
_citation.database_id_Medline       ? 
_citation.details                   ? 
_citation.id                        primary 
_citation.journal_abbrev            'J. Med. Chem.' 
_citation.journal_id_ASTM           JMCMAR 
_citation.journal_id_CSD            0151 
_citation.journal_id_ISSN           1520-4804 
_citation.journal_full              ? 
_citation.journal_issue             ? 
_citation.journal_volume            61 
_citation.language                  ? 
_citation.page_first                4517 
_citation.page_last                 4527 
_citation.title                     
'Identification and Structure-Activity Relationship of HDAC6 Zinc-Finger Ubiquitin Binding Domain Inhibitors.' 
_citation.year                      2018 
_citation.database_id_CSD           ? 
_citation.pdbx_database_id_DOI      10.1021/acs.jmedchem.8b00258 
_citation.pdbx_database_id_PubMed   29741882 
_citation.unpublished_flag          ? 
# 
loop_
_citation_author.citation_id 
_citation_author.name 
_citation_author.ordinal 
_citation_author.identifier_ORCID 
primary 'Ferreira de Freitas, R.' 1  ? 
primary 'Harding, R.J.'           2  ? 
primary 'Franzoni, I.'            3  ? 
primary 'Ravichandran, M.'        4  ? 
primary 'Mann, M.K.'              5  ? 
primary 'Ouyang, H.'              6  ? 
primary 'Lautens, M.'             7  ? 
primary 'Santhakumar, V.'         8  ? 
primary 'Arrowsmith, C.H.'        9  ? 
primary 'Schapira, M.'            10 ? 
# 
_cell.length_a           40.680 
_cell.length_b           44.220 
_cell.length_c           55.960 
_cell.angle_alpha        90.000 
_cell.angle_beta         90.000 
_cell.angle_gamma        90.000 
_cell.entry_id           6CEA 
_cell.Z_PDB              4 
_cell.pdbx_unique_axis   ? 
# 
_symmetry.space_group_name_H-M             'P 21 21 21' 
_symmetry.entry_id                         6CEA 
_symmetry.Int_Tables_number                19 
_symmetry.pdbx_full_space_group_name_H-M   ? 
_symmetry.cell_setting                     ? 
# 
loop_
_entity.id 
_entity.type 
_entity.src_method 
_entity.pdbx_description 
_entity.formula_weight 
_entity.pdbx_number_of_molecules 
_entity.pdbx_ec 
_entity.pdbx_mutation 
_entity.pdbx_fragment 
_entity.details 
1 polymer     man 'Histone deacetylase 6'           11932.607 1  3.5.1.98 ? ? ? 
2 non-polymer syn 'ZINC ION'                        65.409    3  ?        ? ? ? 
3 non-polymer syn 'UNKNOWN ATOM OR ION'             ?         3  ?        ? ? ? 
4 non-polymer syn '3-(quinolin-2-yl)propanoic acid' 201.221   1  ?        ? ? ? 
5 water       nat water                             18.015    90 ?        ? ? ? 
# 
_entity_name_com.entity_id   1 
_entity_name_com.name        HD6 
# 
_entity_poly.entity_id                      1 
_entity_poly.type                           'polypeptide(L)' 
_entity_poly.nstd_linkage                   no 
_entity_poly.nstd_monomer                   no 
_entity_poly.pdbx_seq_one_letter_code       
;GSPLPWCPHLVAVCPIPAAGLDVTQPCGDCGTIQENWVCLSCYQVYCGRYINGHMLQHHGNSGHPLVLSYIDLSAWCYYC
QAYVHHQALLDVKNIAHQNKFGEDMPH
;
_entity_poly.pdbx_seq_one_letter_code_can   
;GSPLPWCPHLVAVCPIPAAGLDVTQPCGDCGTIQENWVCLSCYQVYCGRYINGHMLQHHGNSGHPLVLSYIDLSAWCYYC
QAYVHHQALLDVKNIAHQNKFGEDMPH
;
_entity_poly.pdbx_strand_id                 A 
_entity_poly.pdbx_target_identifier         ? 
# 
loop_
_entity_poly_seq.entity_id 
_entity_poly_seq.num 
_entity_poly_seq.mon_id 
_entity_poly_seq.hetero 
1 1   GLY n 
1 2   SER n 
1 3   PRO n 
1 4   LEU n 
1 5   PRO n 
1 6   TRP n 
1 7   CYS n 
1 8   PRO n 
1 9   HIS n 
1 10  LEU n 
1 11  VAL n 
1 12  ALA n 
1 13  VAL n 
1 14  CYS n 
1 15  PRO n 
1 16  ILE n 
1 17  PRO n 
1 18  ALA n 
1 19  ALA n 
1 20  GLY n 
1 21  LEU n 
1 22  ASP n 
1 23  VAL n 
1 24  THR n 
1 25  GLN n 
1 26  PRO n 
1 27  CYS n 
1 28  GLY n 
1 29  ASP n 
1 30  CYS n 
1 31  GLY n 
1 32  THR n 
1 33  ILE n 
1 34  GLN n 
1 35  GLU n 
1 36  ASN n 
1 37  TRP n 
1 38  VAL n 
1 39  CYS n 
1 40  LEU n 
1 41  SER n 
1 42  CYS n 
1 43  TYR n 
1 44  GLN n 
1 45  VAL n 
1 46  TYR n 
1 47  CYS n 
1 48  GLY n 
1 49  ARG n 
1 50  TYR n 
1 51  ILE n 
1 52  ASN n 
1 53  GLY n 
1 54  HIS n 
1 55  MET n 
1 56  LEU n 
1 57  GLN n 
1 58  HIS n 
1 59  HIS n 
1 60  GLY n 
1 61  ASN n 
1 62  SER n 
1 63  GLY n 
1 64  HIS n 
1 65  PRO n 
1 66  LEU n 
1 67  VAL n 
1 68  LEU n 
1 69  SER n 
1 70  TYR n 
1 71  ILE n 
1 72  ASP n 
1 73  LEU n 
1 74  SER n 
1 75  ALA n 
1 76  TRP n 
1 77  CYS n 
1 78  TYR n 
1 79  TYR n 
1 80  CYS n 
1 81  GLN n 
1 82  ALA n 
1 83  TYR n 
1 84  VAL n 
1 85  HIS n 
1 86  HIS n 
1 87  GLN n 
1 88  ALA n 
1 89  LEU n 
1 90  LEU n 
1 91  ASP n 
1 92  VAL n 
1 93  LYS n 
1 94  ASN n 
1 95  ILE n 
1 96  ALA n 
1 97  HIS n 
1 98  GLN n 
1 99  ASN n 
1 100 LYS n 
1 101 PHE n 
1 102 GLY n 
1 103 GLU n 
1 104 ASP n 
1 105 MET n 
1 106 PRO n 
1 107 HIS n 
# 
_entity_src_gen.entity_id                          1 
_entity_src_gen.pdbx_src_id                        1 
_entity_src_gen.pdbx_alt_source_flag               sample 
_entity_src_gen.pdbx_seq_type                      'Biological sequence' 
_entity_src_gen.pdbx_beg_seq_num                   1 
_entity_src_gen.pdbx_end_seq_num                   107 
_entity_src_gen.gene_src_common_name               Human 
_entity_src_gen.gene_src_genus                     ? 
_entity_src_gen.pdbx_gene_src_gene                 'HDAC6, KIAA0901, JM21' 
_entity_src_gen.gene_src_species                   ? 
_entity_src_gen.gene_src_strain                    ? 
_entity_src_gen.gene_src_tissue                    ? 
_entity_src_gen.gene_src_tissue_fraction           ? 
_entity_src_gen.gene_src_details                   ? 
_entity_src_gen.pdbx_gene_src_fragment             ? 
_entity_src_gen.pdbx_gene_src_scientific_name      'Homo sapiens' 
_entity_src_gen.pdbx_gene_src_ncbi_taxonomy_id     9606 
_entity_src_gen.pdbx_gene_src_variant              ? 
_entity_src_gen.pdbx_gene_src_cell_line            ? 
_entity_src_gen.pdbx_gene_src_atcc                 ? 
_entity_src_gen.pdbx_gene_src_organ                ? 
_entity_src_gen.pdbx_gene_src_organelle            ? 
_entity_src_gen.pdbx_gene_src_cell                 ? 
_entity_src_gen.pdbx_gene_src_cellular_location    ? 
_entity_src_gen.host_org_common_name               ? 
_entity_src_gen.pdbx_host_org_scientific_name      'Escherichia coli' 
_entity_src_gen.pdbx_host_org_ncbi_taxonomy_id     469008 
_entity_src_gen.host_org_genus                     ? 
_entity_src_gen.pdbx_host_org_gene                 ? 
_entity_src_gen.pdbx_host_org_organ                ? 
_entity_src_gen.host_org_species                   ? 
_entity_src_gen.pdbx_host_org_tissue               ? 
_entity_src_gen.pdbx_host_org_tissue_fraction      ? 
_entity_src_gen.pdbx_host_org_strain               'BL21 (DE3) codon plus' 
_entity_src_gen.pdbx_host_org_variant              ? 
_entity_src_gen.pdbx_host_org_cell_line            ? 
_entity_src_gen.pdbx_host_org_atcc                 ? 
_entity_src_gen.pdbx_host_org_culture_collection   ? 
_entity_src_gen.pdbx_host_org_cell                 ? 
_entity_src_gen.pdbx_host_org_organelle            ? 
_entity_src_gen.pdbx_host_org_cellular_location    ? 
_entity_src_gen.pdbx_host_org_vector_type          ? 
_entity_src_gen.pdbx_host_org_vector               ? 
_entity_src_gen.host_org_details                   ? 
_entity_src_gen.expression_system_id               ? 
_entity_src_gen.plasmid_name                       pET28-lic 
_entity_src_gen.plasmid_details                    ? 
_entity_src_gen.pdbx_description                   ? 
# 
_struct_ref.id                         1 
_struct_ref.db_name                    UNP 
_struct_ref.db_code                    HDAC6_HUMAN 
_struct_ref.pdbx_db_accession          Q9UBN7 
_struct_ref.pdbx_db_isoform            ? 
_struct_ref.entity_id                  1 
_struct_ref.pdbx_seq_one_letter_code   
;PLPWCPHLVAVCPIPAAGLDVTQPCGDCGTIQENWVCLSCYQVYCGRYINGHMLQHHGNSGHPLVLSYIDLSAWCYYCQA
YVHHQALLDVKNIAHQNKFGEDMPH
;
_struct_ref.pdbx_align_begin           1109 
# 
_struct_ref_seq.align_id                      1 
_struct_ref_seq.ref_id                        1 
_struct_ref_seq.pdbx_PDB_id_code              6CEA 
_struct_ref_seq.pdbx_strand_id                A 
_struct_ref_seq.seq_align_beg                 3 
_struct_ref_seq.pdbx_seq_align_beg_ins_code   ? 
_struct_ref_seq.seq_align_end                 107 
_struct_ref_seq.pdbx_seq_align_end_ins_code   ? 
_struct_ref_seq.pdbx_db_accession             Q9UBN7 
_struct_ref_seq.db_align_beg                  1109 
_struct_ref_seq.pdbx_db_align_beg_ins_code    ? 
_struct_ref_seq.db_align_end                  1213 
_struct_ref_seq.pdbx_db_align_end_ins_code    ? 
_struct_ref_seq.pdbx_auth_seq_align_beg       1109 
_struct_ref_seq.pdbx_auth_seq_align_end       1213 
# 
loop_
_struct_ref_seq_dif.align_id 
_struct_ref_seq_dif.pdbx_pdb_id_code 
_struct_ref_seq_dif.mon_id 
_struct_ref_seq_dif.pdbx_pdb_strand_id 
_struct_ref_seq_dif.seq_num 
_struct_ref_seq_dif.pdbx_pdb_ins_code 
_struct_ref_seq_dif.pdbx_seq_db_name 
_struct_ref_seq_dif.pdbx_seq_db_accession_code 
_struct_ref_seq_dif.db_mon_id 
_struct_ref_seq_dif.pdbx_seq_db_seq_num 
_struct_ref_seq_dif.details 
_struct_ref_seq_dif.pdbx_auth_seq_num 
_struct_ref_seq_dif.pdbx_ordinal 
1 6CEA GLY A 1 ? UNP Q9UBN7 ? ? 'expression tag' 1107 1 
1 6CEA SER A 2 ? UNP Q9UBN7 ? ? 'expression tag' 1108 2 
# 
loop_
_chem_comp.id 
_chem_comp.type 
_chem_comp.mon_nstd_flag 
_chem_comp.name 
_chem_comp.pdbx_synonyms 
_chem_comp.formula 
_chem_comp.formula_weight 
ALA 'L-peptide linking' y ALANINE                           ? 'C3 H7 N O2'     89.093  
ARG 'L-peptide linking' y ARGININE                          ? 'C6 H15 N4 O2 1' 175.209 
ASN 'L-peptide linking' y ASPARAGINE                        ? 'C4 H8 N2 O3'    132.118 
ASP 'L-peptide linking' y 'ASPARTIC ACID'                   ? 'C4 H7 N O4'     133.103 
CYS 'L-peptide linking' y CYSTEINE                          ? 'C3 H7 N O2 S'   121.158 
EYY non-polymer         . '3-(quinolin-2-yl)propanoic acid' ? 'C12 H11 N O2'   201.221 
GLN 'L-peptide linking' y GLUTAMINE                         ? 'C5 H10 N2 O3'   146.144 
GLU 'L-peptide linking' y 'GLUTAMIC ACID'                   ? 'C5 H9 N O4'     147.129 
GLY 'peptide linking'   y GLYCINE                           ? 'C2 H5 N O2'     75.067  
HIS 'L-peptide linking' y HISTIDINE                         ? 'C6 H10 N3 O2 1' 156.162 
HOH non-polymer         . WATER                             ? 'H2 O'           18.015  
ILE 'L-peptide linking' y ISOLEUCINE                        ? 'C6 H13 N O2'    131.173 
LEU 'L-peptide linking' y LEUCINE                           ? 'C6 H13 N O2'    131.173 
LYS 'L-peptide linking' y LYSINE                            ? 'C6 H15 N2 O2 1' 147.195 
MET 'L-peptide linking' y METHIONINE                        ? 'C5 H11 N O2 S'  149.211 
PHE 'L-peptide linking' y PHENYLALANINE                     ? 'C9 H11 N O2'    165.189 
PRO 'L-peptide linking' y PROLINE                           ? 'C5 H9 N O2'     115.130 
SER 'L-peptide linking' y SERINE                            ? 'C3 H7 N O3'     105.093 
THR 'L-peptide linking' y THREONINE                         ? 'C4 H9 N O3'     119.119 
TRP 'L-peptide linking' y TRYPTOPHAN                        ? 'C11 H12 N2 O2'  204.225 
TYR 'L-peptide linking' y TYROSINE                          ? 'C9 H11 N O3'    181.189 
UNX non-polymer         . 'UNKNOWN ATOM OR ION'             ? ?                ?       
VAL 'L-peptide linking' y VALINE                            ? 'C5 H11 N O2'    117.146 
ZN  non-polymer         . 'ZINC ION'                        ? 'Zn 2'           65.409  
# 
_exptl.absorpt_coefficient_mu     ? 
_exptl.absorpt_correction_T_max   ? 
_exptl.absorpt_correction_T_min   ? 
_exptl.absorpt_correction_type    ? 
_exptl.absorpt_process_details    ? 
_exptl.entry_id                   6CEA 
_exptl.crystals_number            1 
_exptl.details                    ? 
_exptl.method                     'X-RAY DIFFRACTION' 
_exptl.method_details             ? 
# 
_exptl_crystal.colour                      ? 
_exptl_crystal.density_diffrn              ? 
_exptl_crystal.density_Matthews            2.09 
_exptl_crystal.density_method              ? 
_exptl_crystal.density_percent_sol         41.07 
_exptl_crystal.description                 ? 
_exptl_crystal.F_000                       ? 
_exptl_crystal.id                          1 
_exptl_crystal.preparation                 ? 
_exptl_crystal.size_max                    ? 
_exptl_crystal.size_mid                    ? 
_exptl_crystal.size_min                    ? 
_exptl_crystal.size_rad                    ? 
_exptl_crystal.colour_lustre               ? 
_exptl_crystal.colour_modifier             ? 
_exptl_crystal.colour_primary              ? 
_exptl_crystal.density_meas                ? 
_exptl_crystal.density_meas_esd            ? 
_exptl_crystal.density_meas_gt             ? 
_exptl_crystal.density_meas_lt             ? 
_exptl_crystal.density_meas_temp           ? 
_exptl_crystal.density_meas_temp_esd       ? 
_exptl_crystal.density_meas_temp_gt        ? 
_exptl_crystal.density_meas_temp_lt        ? 
_exptl_crystal.pdbx_crystal_image_url      ? 
_exptl_crystal.pdbx_crystal_image_format   ? 
_exptl_crystal.pdbx_mosaicity              0.000 
_exptl_crystal.pdbx_mosaicity_esd          ? 
# 
_exptl_crystal_grow.apparatus       ? 
_exptl_crystal_grow.atmosphere      ? 
_exptl_crystal_grow.crystal_id      1 
_exptl_crystal_grow.details         ? 
_exptl_crystal_grow.method          'VAPOR DIFFUSION, SITTING DROP' 
_exptl_crystal_grow.method_ref      ? 
_exptl_crystal_grow.pH              4.6 
_exptl_crystal_grow.pressure        ? 
_exptl_crystal_grow.pressure_esd    ? 
_exptl_crystal_grow.seeding         ? 
_exptl_crystal_grow.seeding_ref     ? 
_exptl_crystal_grow.temp            291 
_exptl_crystal_grow.temp_details    ? 
_exptl_crystal_grow.temp_esd        ? 
_exptl_crystal_grow.time            ? 
_exptl_crystal_grow.pdbx_details    '2 M Na-formate, 0.2 M Na-acetate pH4.6, 5 % ethylene glycol' 
_exptl_crystal_grow.pdbx_pH_range   ? 
# 
_diffrn.ambient_environment    ? 
_diffrn.ambient_temp           100 
_diffrn.ambient_temp_details   ? 
_diffrn.ambient_temp_esd       ? 
_diffrn.crystal_id             1 
_diffrn.crystal_support        ? 
_diffrn.crystal_treatment      ? 
_diffrn.details                ? 
_diffrn.id                     1 
_diffrn.ambient_pressure       ? 
_diffrn.ambient_pressure_esd   ? 
_diffrn.ambient_pressure_gt    ? 
_diffrn.ambient_pressure_lt    ? 
_diffrn.ambient_temp_gt        ? 
_diffrn.ambient_temp_lt        ? 
# 
_diffrn_detector.details                      ? 
_diffrn_detector.detector                     CCD 
_diffrn_detector.diffrn_id                    1 
_diffrn_detector.type                         'RIGAKU SATURN A200' 
_diffrn_detector.area_resol_mean              ? 
_diffrn_detector.dtime                        ? 
_diffrn_detector.pdbx_frames_total            ? 
_diffrn_detector.pdbx_collection_time_total   ? 
_diffrn_detector.pdbx_collection_date         2015-12-16 
# 
_diffrn_radiation.collimation                      ? 
_diffrn_radiation.diffrn_id                        1 
_diffrn_radiation.filter_edge                      ? 
_diffrn_radiation.inhomogeneity                    ? 
_diffrn_radiation.monochromator                    ? 
_diffrn_radiation.polarisn_norm                    ? 
_diffrn_radiation.polarisn_ratio                   ? 
_diffrn_radiation.probe                            ? 
_diffrn_radiation.type                             ? 
_diffrn_radiation.xray_symbol                      ? 
_diffrn_radiation.wavelength_id                    1 
_diffrn_radiation.pdbx_monochromatic_or_laue_m_l   M 
_diffrn_radiation.pdbx_wavelength_list             ? 
_diffrn_radiation.pdbx_wavelength                  ? 
_diffrn_radiation.pdbx_diffrn_protocol             'SINGLE WAVELENGTH' 
_diffrn_radiation.pdbx_analyzer                    ? 
_diffrn_radiation.pdbx_scattering_type             x-ray 
# 
_diffrn_radiation_wavelength.id           1 
_diffrn_radiation_wavelength.wavelength   1.54178 
_diffrn_radiation_wavelength.wt           1.0 
# 
_diffrn_source.current                     ? 
_diffrn_source.details                     ? 
_diffrn_source.diffrn_id                   1 
_diffrn_source.power                       ? 
_diffrn_source.size                        ? 
_diffrn_source.source                      'ROTATING ANODE' 
_diffrn_source.target                      ? 
_diffrn_source.type                        'RIGAKU FR-E SUPERBRIGHT' 
_diffrn_source.voltage                     ? 
_diffrn_source.take-off_angle              ? 
_diffrn_source.pdbx_wavelength_list        1.54178 
_diffrn_source.pdbx_wavelength             ? 
_diffrn_source.pdbx_synchrotron_beamline   ? 
_diffrn_source.pdbx_synchrotron_site       ? 
# 
_reflns.entry_id                     6CEA 
_reflns.pdbx_diffrn_id               1 
_reflns.pdbx_ordinal                 1 
_reflns.observed_criterion_sigma_I   ? 
_reflns.observed_criterion_sigma_F   ? 
_reflns.d_resolution_low             32.900 
_reflns.d_resolution_high            1.600 
_reflns.number_obs                   13550 
_reflns.number_all                   ? 
_reflns.percent_possible_obs         97.900 
_reflns.pdbx_Rmerge_I_obs            0.033 
_reflns.pdbx_Rsym_value              ? 
_reflns.pdbx_netI_over_sigmaI        35.400 
_reflns.B_iso_Wilson_estimate        ? 
_reflns.pdbx_redundancy              6.900 
_reflns.pdbx_Rrim_I_all              0.036 
_reflns.pdbx_Rpim_I_all              0.014 
_reflns.pdbx_CC_half                 1.000 
_reflns.pdbx_netI_over_av_sigmaI     ? 
_reflns.pdbx_number_measured_all     92869 
_reflns.pdbx_scaling_rejects         ? 
_reflns.pdbx_chi_squared             ? 
_reflns.Rmerge_F_all                 ? 
_reflns.Rmerge_F_obs                 ? 
_reflns.observed_criterion_F_max     ? 
_reflns.observed_criterion_F_min     ? 
_reflns.observed_criterion_I_max     ? 
_reflns.observed_criterion_I_min     ? 
_reflns.pdbx_d_res_high_opt          ? 
_reflns.pdbx_d_res_low_opt           ? 
_reflns.details                      ? 
# 
loop_
_reflns_shell.pdbx_diffrn_id 
_reflns_shell.pdbx_ordinal 
_reflns_shell.d_res_high 
_reflns_shell.d_res_low 
_reflns_shell.number_measured_obs 
_reflns_shell.number_measured_all 
_reflns_shell.number_unique_obs 
_reflns_shell.pdbx_rejects 
_reflns_shell.Rmerge_I_obs 
_reflns_shell.meanI_over_sigI_obs 
_reflns_shell.pdbx_Rsym_value 
_reflns_shell.pdbx_chi_squared 
_reflns_shell.pdbx_redundancy 
_reflns_shell.percent_possible_obs 
_reflns_shell.pdbx_netI_over_sigmaI_obs 
_reflns_shell.number_possible 
_reflns_shell.number_unique_all 
_reflns_shell.Rmerge_F_all 
_reflns_shell.Rmerge_F_obs 
_reflns_shell.Rmerge_I_all 
_reflns_shell.meanI_over_sigI_all 
_reflns_shell.percent_possible_all 
_reflns_shell.pdbx_Rrim_I_all 
_reflns_shell.pdbx_Rpim_I_all 
_reflns_shell.pdbx_CC_half 
1 1 1.600 1.630  ? 4501 653 ? 0.127 ? ? ? 6.900 ? 14.000 ? ? ? ? ? ? 95.300 0.137 0.052 0.994 
1 2 8.760 32.900 ? 550  107 ? 0.021 ? ? ? 5.100 ? 56.800 ? ? ? ? ? ? 97.700 0.023 0.009 1.000 
# 
_refine.entry_id                                 6CEA 
_refine.pdbx_refine_id                           'X-RAY DIFFRACTION' 
_refine.ls_d_res_high                            1.6000 
_refine.ls_d_res_low                             32.9000 
_refine.pdbx_ls_sigma_F                          0.000 
_refine.pdbx_data_cutoff_high_absF               ? 
_refine.pdbx_data_cutoff_low_absF                ? 
_refine.ls_percent_reflns_obs                    97.5500 
_refine.ls_number_reflns_obs                     12862 
_refine.ls_number_reflns_all                     ? 
_refine.pdbx_ls_cross_valid_method               THROUGHOUT 
_refine.ls_matrix_type                           ? 
_refine.pdbx_R_Free_selection_details            RANDOM 
_refine.details                                  
;Users of this crystal structure: verify our intepretion of the electron density. Amplitudes and unmerged intensities are included with this deposition. Diffraction images will be deposited at a later date in a public repository. Geometry restraints for the ligand were prepared with GRADE.
;
_refine.ls_R_factor_all                          ? 
_refine.ls_R_factor_obs                          0.1655 
_refine.ls_R_factor_R_work                       0.1638 
_refine.ls_wR_factor_R_work                      ? 
_refine.ls_R_factor_R_free                       0.1979 
_refine.ls_wR_factor_R_free                      ? 
_refine.ls_percent_reflns_R_free                 4.8000 
_refine.ls_number_reflns_R_free                  654 
_refine.ls_number_reflns_R_work                  ? 
_refine.ls_R_factor_R_free_error                 ? 
_refine.B_iso_mean                               11.3770 
_refine.solvent_model_param_bsol                 ? 
_refine.solvent_model_param_ksol                 ? 
_refine.pdbx_isotropic_thermal_model             ? 
_refine.aniso_B[1][1]                            -0.6500 
_refine.aniso_B[2][2]                            1.3900 
_refine.aniso_B[3][3]                            -0.7400 
_refine.aniso_B[1][2]                            0.0000 
_refine.aniso_B[1][3]                            0.0000 
_refine.aniso_B[2][3]                            -0.0000 
_refine.correlation_coeff_Fo_to_Fc               0.9520 
_refine.correlation_coeff_Fo_to_Fc_free          0.9350 
_refine.overall_SU_R_Cruickshank_DPI             ? 
_refine.pdbx_overall_SU_R_free_Cruickshank_DPI   ? 
_refine.pdbx_overall_SU_R_Blow_DPI               ? 
_refine.pdbx_overall_SU_R_free_Blow_DPI          ? 
_refine.overall_SU_R_free                        ? 
_refine.pdbx_overall_ESU_R                       0.0850 
_refine.pdbx_overall_ESU_R_Free                  0.0860 
_refine.overall_SU_ML                            0.0500 
_refine.overall_SU_B                             1.3480 
_refine.solvent_model_details                    MASK 
_refine.pdbx_solvent_vdw_probe_radii             1.2000 
_refine.pdbx_solvent_ion_probe_radii             0.8000 
_refine.pdbx_solvent_shrinkage_radii             0.8000 
_refine.ls_number_parameters                     ? 
_refine.ls_number_restraints                     ? 
_refine.pdbx_starting_model                      'pdbid 5KH3' 
_refine.pdbx_method_to_determine_struct          ? 
_refine.pdbx_stereochemistry_target_values       'MAXIMUM LIKELIHOOD' 
_refine.pdbx_stereochem_target_val_spec_case     ? 
_refine.overall_FOM_work_R_set                   ? 
_refine.B_iso_max                                39.950 
_refine.B_iso_min                                5.170 
_refine.pdbx_overall_phase_error                 ? 
_refine.occupancy_max                            ? 
_refine.occupancy_min                            ? 
_refine.pdbx_diffrn_id                           1 
_refine.pdbx_TLS_residual_ADP_flag               ? 
_refine.pdbx_ls_sigma_I                          ? 
_refine.pdbx_data_cutoff_high_rms_absF           ? 
_refine.ls_R_factor_R_free_error_details         ? 
# 
_refine_hist.cycle_id                         final 
_refine_hist.pdbx_refine_id                   'X-RAY DIFFRACTION' 
_refine_hist.d_res_high                       1.6000 
_refine_hist.d_res_low                        32.9000 
_refine_hist.pdbx_number_atoms_ligand         21 
_refine_hist.number_atoms_solvent             90 
_refine_hist.number_atoms_total               886 
_refine_hist.pdbx_number_residues_total       99 
_refine_hist.pdbx_B_iso_mean_ligand           15.55 
_refine_hist.pdbx_B_iso_mean_solvent          21.00 
_refine_hist.pdbx_number_atoms_protein        775 
_refine_hist.pdbx_number_atoms_nucleic_acid   0 
# 
loop_
_refine_ls_restr.pdbx_refine_id 
_refine_ls_restr.type 
_refine_ls_restr.number 
_refine_ls_restr.dev_ideal 
_refine_ls_restr.dev_ideal_target 
_refine_ls_restr.weight 
_refine_ls_restr.pdbx_restraint_function 
'X-RAY DIFFRACTION' r_bond_refined_d       862  0.020  0.019  ? ? 
'X-RAY DIFFRACTION' r_bond_other_d         716  0.002  0.020  ? ? 
'X-RAY DIFFRACTION' r_angle_refined_deg    1185 2.008  1.909  ? ? 
'X-RAY DIFFRACTION' r_angle_other_deg      1661 1.243  3.010  ? ? 
'X-RAY DIFFRACTION' r_dihedral_angle_1_deg 104  6.522  5.000  ? ? 
'X-RAY DIFFRACTION' r_dihedral_angle_2_deg 39   36.012 24.359 ? ? 
'X-RAY DIFFRACTION' r_dihedral_angle_3_deg 114  12.067 15.000 ? ? 
'X-RAY DIFFRACTION' r_dihedral_angle_4_deg 1    18.241 15.000 ? ? 
'X-RAY DIFFRACTION' r_chiral_restr         120  0.154  0.200  ? ? 
'X-RAY DIFFRACTION' r_gen_planes_refined   1040 0.013  0.021  ? ? 
'X-RAY DIFFRACTION' r_gen_planes_other     177  0.002  0.020  ? ? 
# 
_refine_ls_shell.d_res_high                       1.6000 
_refine_ls_shell.d_res_low                        1.6420 
_refine_ls_shell.pdbx_total_number_of_bins_used   20 
_refine_ls_shell.percent_reflns_obs               95.7300 
_refine_ls_shell.number_reflns_R_work             909 
_refine_ls_shell.R_factor_all                     ? 
_refine_ls_shell.R_factor_R_work                  0.1260 
_refine_ls_shell.R_factor_R_free                  0.1650 
_refine_ls_shell.percent_reflns_R_free            ? 
_refine_ls_shell.number_reflns_R_free             54 
_refine_ls_shell.R_factor_R_free_error            0.0000 
_refine_ls_shell.number_reflns_all                963 
_refine_ls_shell.number_reflns_obs                ? 
_refine_ls_shell.pdbx_refine_id                   'X-RAY DIFFRACTION' 
# 
_struct.entry_id                     6CEA 
_struct.title                        
'Crystal structure of fragment 3-(quinolin-2-yl)propanoic acid bound in the ubiquitin binding pocket of the HDAC6 zinc-finger domain' 
_struct.pdbx_model_details           ? 
_struct.pdbx_formula_weight          ? 
_struct.pdbx_formula_weight_method   ? 
_struct.pdbx_model_type_details      ? 
_struct.pdbx_CASP_flag               N 
# 
_struct_keywords.entry_id        6CEA 
_struct_keywords.text            'HISTONE DEACETYLASE, HDAC, HDAC6, UBIQUITIN, STRUCTURAL GENOMICS CONSORTIUM, SGC, HYDROLASE' 
_struct_keywords.pdbx_keywords   HYDROLASE 
# 
loop_
_struct_asym.id 
_struct_asym.pdbx_blank_PDB_chainid_flag 
_struct_asym.pdbx_modified 
_struct_asym.entity_id 
_struct_asym.details 
A N N 1 ? 
B N N 2 ? 
C N N 2 ? 
D N N 2 ? 
E N N 3 ? 
F N N 4 ? 
G N N 3 ? 
H N N 3 ? 
I N N 5 ? 
# 
loop_
_struct_conf.conf_type_id 
_struct_conf.id 
_struct_conf.pdbx_PDB_helix_id 
_struct_conf.beg_label_comp_id 
_struct_conf.beg_label_asym_id 
_struct_conf.beg_label_seq_id 
_struct_conf.pdbx_beg_PDB_ins_code 
_struct_conf.end_label_comp_id 
_struct_conf.end_label_asym_id 
_struct_conf.end_label_seq_id 
_struct_conf.pdbx_end_PDB_ins_code 
_struct_conf.beg_auth_comp_id 
_struct_conf.beg_auth_asym_id 
_struct_conf.beg_auth_seq_id 
_struct_conf.end_auth_comp_id 
_struct_conf.end_auth_asym_id 
_struct_conf.end_auth_seq_id 
_struct_conf.pdbx_PDB_helix_class 
_struct_conf.details 
_struct_conf.pdbx_PDB_helix_length 
HELX_P HELX_P1 AA1 HIS A 9  ? VAL A 13  ? HIS A 1115 VAL A 1119 5 ? 5  
HELX_P HELX_P2 AA2 GLY A 53 ? GLY A 63  ? GLY A 1159 GLY A 1169 1 ? 11 
HELX_P HELX_P3 AA3 HIS A 86 ? ALA A 88  ? HIS A 1192 ALA A 1194 5 ? 3  
HELX_P HELX_P4 AA4 LEU A 89 ? PHE A 101 ? LEU A 1195 PHE A 1207 1 ? 13 
# 
_struct_conf_type.id          HELX_P 
_struct_conf_type.criteria    ? 
_struct_conf_type.reference   ? 
# 
loop_
_struct_conn.id 
_struct_conn.conn_type_id 
_struct_conn.pdbx_leaving_atom_flag 
_struct_conn.pdbx_PDB_id 
_struct_conn.ptnr1_label_asym_id 
_struct_conn.ptnr1_label_comp_id 
_struct_conn.ptnr1_label_seq_id 
_struct_conn.ptnr1_label_atom_id 
_struct_conn.pdbx_ptnr1_label_alt_id 
_struct_conn.pdbx_ptnr1_PDB_ins_code 
_struct_conn.pdbx_ptnr1_standard_comp_id 
_struct_conn.ptnr1_symmetry 
_struct_conn.ptnr2_label_asym_id 
_struct_conn.ptnr2_label_comp_id 
_struct_conn.ptnr2_label_seq_id 
_struct_conn.ptnr2_label_atom_id 
_struct_conn.pdbx_ptnr2_label_alt_id 
_struct_conn.pdbx_ptnr2_PDB_ins_code 
_struct_conn.ptnr1_auth_asym_id 
_struct_conn.ptnr1_auth_comp_id 
_struct_conn.ptnr1_auth_seq_id 
_struct_conn.ptnr2_auth_asym_id 
_struct_conn.ptnr2_auth_comp_id 
_struct_conn.ptnr2_auth_seq_id 
_struct_conn.ptnr2_symmetry 
_struct_conn.pdbx_ptnr3_label_atom_id 
_struct_conn.pdbx_ptnr3_label_seq_id 
_struct_conn.pdbx_ptnr3_label_comp_id 
_struct_conn.pdbx_ptnr3_label_asym_id 
_struct_conn.pdbx_ptnr3_label_alt_id 
_struct_conn.pdbx_ptnr3_PDB_ins_code 
_struct_conn.details 
_struct_conn.pdbx_dist_value 
_struct_conn.pdbx_value_order 
_struct_conn.pdbx_role 
metalc1  metalc ? ? A CYS 7  SG  ? ? ? 1_555 D ZN . ZN ? ? A CYS 1113 A ZN 1303 1_555 ? ? ? ? ? ? ? 2.328 ? ? 
metalc2  metalc ? ? A HIS 9  ND1 ? ? ? 1_555 D ZN . ZN ? ? A HIS 1115 A ZN 1303 1_555 ? ? ? ? ? ? ? 2.106 ? ? 
metalc3  metalc ? ? A CYS 27 SG  ? ? ? 1_555 C ZN . ZN ? ? A CYS 1133 A ZN 1302 1_555 ? ? ? ? ? ? ? 2.352 ? ? 
metalc4  metalc ? ? A CYS 30 SG  ? ? ? 1_555 C ZN . ZN ? ? A CYS 1136 A ZN 1302 1_555 ? ? ? ? ? ? ? 2.294 ? ? 
metalc5  metalc ? ? A CYS 39 SG  ? ? ? 1_555 B ZN . ZN ? ? A CYS 1145 A ZN 1301 1_555 ? ? ? ? ? ? ? 2.307 ? ? 
metalc6  metalc ? ? A CYS 42 SG  ? ? ? 1_555 B ZN . ZN ? ? A CYS 1148 A ZN 1301 1_555 ? ? ? ? ? ? ? 2.282 ? ? 
metalc7  metalc ? ? A CYS 47 SG  ? ? ? 1_555 C ZN . ZN ? ? A CYS 1153 A ZN 1302 1_555 ? ? ? ? ? ? ? 2.326 ? ? 
metalc8  metalc ? ? A HIS 54 ND1 ? ? ? 1_555 C ZN . ZN ? ? A HIS 1160 A ZN 1302 1_555 ? ? ? ? ? ? ? 2.071 ? ? 
metalc9  metalc ? ? A HIS 58 NE2 ? ? ? 1_555 B ZN . ZN ? ? A HIS 1164 A ZN 1301 1_555 ? ? ? ? ? ? ? 2.031 ? ? 
metalc10 metalc ? ? A HIS 64 ND1 ? ? ? 1_555 B ZN . ZN ? ? A HIS 1170 A ZN 1301 1_555 ? ? ? ? ? ? ? 2.079 ? ? 
metalc11 metalc ? ? A CYS 77 SG  ? ? ? 1_555 D ZN . ZN ? ? A CYS 1183 A ZN 1303 1_555 ? ? ? ? ? ? ? 2.313 ? ? 
metalc12 metalc ? ? A CYS 80 SG  ? ? ? 1_555 D ZN . ZN ? ? A CYS 1186 A ZN 1303 1_555 ? ? ? ? ? ? ? 2.312 ? ? 
# 
_struct_conn_type.id          metalc 
_struct_conn_type.criteria    ? 
_struct_conn_type.reference   ? 
# 
_struct_sheet.id               AA1 
_struct_sheet.type             ? 
_struct_sheet.number_strands   5 
_struct_sheet.details          ? 
# 
loop_
_struct_sheet_order.sheet_id 
_struct_sheet_order.range_id_1 
_struct_sheet_order.range_id_2 
_struct_sheet_order.offset 
_struct_sheet_order.sense 
AA1 1 2 ? anti-parallel 
AA1 2 3 ? anti-parallel 
AA1 3 4 ? anti-parallel 
AA1 4 5 ? anti-parallel 
# 
loop_
_struct_sheet_range.sheet_id 
_struct_sheet_range.id 
_struct_sheet_range.beg_label_comp_id 
_struct_sheet_range.beg_label_asym_id 
_struct_sheet_range.beg_label_seq_id 
_struct_sheet_range.pdbx_beg_PDB_ins_code 
_struct_sheet_range.end_label_comp_id 
_struct_sheet_range.end_label_asym_id 
_struct_sheet_range.end_label_seq_id 
_struct_sheet_range.pdbx_end_PDB_ins_code 
_struct_sheet_range.beg_auth_comp_id 
_struct_sheet_range.beg_auth_asym_id 
_struct_sheet_range.beg_auth_seq_id 
_struct_sheet_range.end_auth_comp_id 
_struct_sheet_range.end_auth_asym_id 
_struct_sheet_range.end_auth_seq_id 
AA1 1 VAL A 45 ? CYS A 47 ? VAL A 1151 CYS A 1153 
AA1 2 ASN A 36 ? CYS A 39 ? ASN A 1142 CYS A 1145 
AA1 3 LEU A 66 ? SER A 69 ? LEU A 1172 SER A 1175 
AA1 4 ALA A 75 ? CYS A 77 ? ALA A 1181 CYS A 1183 
AA1 5 ALA A 82 ? TYR A 83 ? ALA A 1188 TYR A 1189 
# 
loop_
_pdbx_struct_sheet_hbond.sheet_id 
_pdbx_struct_sheet_hbond.range_id_1 
_pdbx_struct_sheet_hbond.range_id_2 
_pdbx_struct_sheet_hbond.range_1_label_atom_id 
_pdbx_struct_sheet_hbond.range_1_label_comp_id 
_pdbx_struct_sheet_hbond.range_1_label_asym_id 
_pdbx_struct_sheet_hbond.range_1_label_seq_id 
_pdbx_struct_sheet_hbond.range_1_PDB_ins_code 
_pdbx_struct_sheet_hbond.range_1_auth_atom_id 
_pdbx_struct_sheet_hbond.range_1_auth_comp_id 
_pdbx_struct_sheet_hbond.range_1_auth_asym_id 
_pdbx_struct_sheet_hbond.range_1_auth_seq_id 
_pdbx_struct_sheet_hbond.range_2_label_atom_id 
_pdbx_struct_sheet_hbond.range_2_label_comp_id 
_pdbx_struct_sheet_hbond.range_2_label_asym_id 
_pdbx_struct_sheet_hbond.range_2_label_seq_id 
_pdbx_struct_sheet_hbond.range_2_PDB_ins_code 
_pdbx_struct_sheet_hbond.range_2_auth_atom_id 
_pdbx_struct_sheet_hbond.range_2_auth_comp_id 
_pdbx_struct_sheet_hbond.range_2_auth_asym_id 
_pdbx_struct_sheet_hbond.range_2_auth_seq_id 
AA1 1 2 O TYR A 46 ? O TYR A 1152 N TRP A 37 ? N TRP A 1143 
AA1 2 3 N VAL A 38 ? N VAL A 1144 O LEU A 68 ? O LEU A 1174 
AA1 3 4 N VAL A 67 ? N VAL A 1173 O TRP A 76 ? O TRP A 1182 
AA1 4 5 N CYS A 77 ? N CYS A 1183 O ALA A 82 ? O ALA A 1188 
# 
loop_
_struct_site.id 
_struct_site.pdbx_evidence_code 
_struct_site.pdbx_auth_asym_id 
_struct_site.pdbx_auth_comp_id 
_struct_site.pdbx_auth_seq_id 
_struct_site.pdbx_auth_ins_code 
_struct_site.pdbx_num_residues 
_struct_site.details 
AC1 Software A ZN  1301 ? 4 'binding site for residue ZN A 1301'  
AC2 Software A ZN  1302 ? 4 'binding site for residue ZN A 1302'  
AC3 Software A ZN  1303 ? 4 'binding site for residue ZN A 1303'  
AC4 Software A EYY 1305 ? 7 'binding site for residue EYY A 1305' 
# 
loop_
_struct_site_gen.id 
_struct_site_gen.site_id 
_struct_site_gen.pdbx_num_res 
_struct_site_gen.label_comp_id 
_struct_site_gen.label_asym_id 
_struct_site_gen.label_seq_id 
_struct_site_gen.pdbx_auth_ins_code 
_struct_site_gen.auth_comp_id 
_struct_site_gen.auth_asym_id 
_struct_site_gen.auth_seq_id 
_struct_site_gen.label_atom_id 
_struct_site_gen.label_alt_id 
_struct_site_gen.symmetry 
_struct_site_gen.details 
1  AC1 4 CYS A 39 ? CYS A 1145 . ? 1_555 ? 
2  AC1 4 CYS A 42 ? CYS A 1148 . ? 1_555 ? 
3  AC1 4 HIS A 58 ? HIS A 1164 . ? 1_555 ? 
4  AC1 4 HIS A 64 ? HIS A 1170 . ? 1_555 ? 
5  AC2 4 CYS A 27 ? CYS A 1133 . ? 1_555 ? 
6  AC2 4 CYS A 30 ? CYS A 1136 . ? 1_555 ? 
7  AC2 4 CYS A 47 ? CYS A 1153 . ? 1_555 ? 
8  AC2 4 HIS A 54 ? HIS A 1160 . ? 1_555 ? 
9  AC3 4 CYS A 7  ? CYS A 1113 . ? 1_555 ? 
10 AC3 4 HIS A 9  ? HIS A 1115 . ? 1_555 ? 
11 AC3 4 CYS A 77 ? CYS A 1183 . ? 1_555 ? 
12 AC3 4 CYS A 80 ? CYS A 1186 . ? 1_555 ? 
13 AC4 7 TRP A 37 ? TRP A 1143 . ? 1_555 ? 
14 AC4 7 GLY A 48 ? GLY A 1154 . ? 1_555 ? 
15 AC4 7 ARG A 49 ? ARG A 1155 . ? 1_555 ? 
16 AC4 7 TRP A 76 ? TRP A 1182 . ? 1_555 ? 
17 AC4 7 TYR A 78 ? TYR A 1184 . ? 1_555 ? 
18 AC4 7 TYR A 83 ? TYR A 1189 . ? 1_555 ? 
19 AC4 7 HOH I .  ? HOH A 1408 . ? 1_555 ? 
# 
_atom_sites.entry_id                    6CEA 
_atom_sites.fract_transf_matrix[1][1]   -0.01490853 
_atom_sites.fract_transf_matrix[1][2]   -0.01064341 
_atom_sites.fract_transf_matrix[1][3]   -0.01639294 
_atom_sites.fract_transf_matrix[2][1]   -0.00896410 
_atom_sites.fract_transf_matrix[2][2]   -0.01271821 
_atom_sites.fract_transf_matrix[2][3]   0.01640991 
_atom_sites.fract_transf_matrix[3][1]   -0.01231670 
_atom_sites.fract_transf_matrix[3][2]   0.01258831 
_atom_sites.fract_transf_matrix[3][3]   0.00302822 
_atom_sites.fract_transf_vector[1]      0.184421 
_atom_sites.fract_transf_vector[2]      -0.091780 
_atom_sites.fract_transf_vector[3]      0.156561 
# 
loop_
_atom_type.symbol 
C  
N  
O  
S  
X  
ZN 
# 
loop_
_atom_site.group_PDB 
_atom_site.id 
_atom_site.type_symbol 
_atom_site.label_atom_id 
_atom_site.label_alt_id 
_atom_site.label_comp_id 
_atom_site.label_asym_id 
_atom_site.label_entity_id 
_atom_site.label_seq_id 
_atom_site.pdbx_PDB_ins_code 
_atom_site.Cartn_x 
_atom_site.Cartn_y 
_atom_site.Cartn_z 
_atom_site.occupancy 
_atom_site.B_iso_or_equiv 
_atom_site.pdbx_formal_charge 
_atom_site.auth_seq_id 
_atom_site.auth_comp_id 
_atom_site.auth_asym_id 
_atom_site.auth_atom_id 
_atom_site.pdbx_PDB_model_num 
ATOM   1   N  N   . PRO A 1 3   ? 11.920  8.035   8.557   1.00 24.28 ? 1109 PRO A N   1 
ATOM   2   C  CA  . PRO A 1 3   ? 11.679  7.151   7.382   1.00 21.67 ? 1109 PRO A CA  1 
ATOM   3   C  C   . PRO A 1 3   ? 12.800  7.078   6.364   1.00 20.49 ? 1109 PRO A C   1 
ATOM   4   O  O   . PRO A 1 3   ? 13.440  8.113   6.021   1.00 16.34 ? 1109 PRO A O   1 
ATOM   5   C  CB  . PRO A 1 3   ? 10.606  7.875   6.602   1.00 24.98 ? 1109 PRO A CB  1 
ATOM   6   C  CG  . PRO A 1 3   ? 10.900  9.323   6.871   1.00 25.59 ? 1109 PRO A CG  1 
ATOM   7   C  CD  . PRO A 1 3   ? 11.344  9.364   8.330   1.00 28.51 ? 1109 PRO A CD  1 
ATOM   8   N  N   . LEU A 1 4   ? 12.945  5.886   5.798   1.00 13.44 ? 1110 LEU A N   1 
ATOM   9   C  CA  . LEU A 1 4   ? 14.125  5.649   4.948   1.00 12.62 ? 1110 LEU A CA  1 
ATOM   10  C  C   . LEU A 1 4   ? 13.996  6.377   3.631   1.00 12.51 ? 1110 LEU A C   1 
ATOM   11  O  O   . LEU A 1 4   ? 12.964  6.415   3.004   1.00 13.43 ? 1110 LEU A O   1 
ATOM   12  C  CB  . LEU A 1 4   ? 14.318  4.161   4.670   1.00 11.30 ? 1110 LEU A CB  1 
ATOM   13  C  CG  . LEU A 1 4   ? 14.465  3.167   5.830   1.00 11.46 ? 1110 LEU A CG  1 
ATOM   14  C  CD1 . LEU A 1 4   ? 14.302  1.728   5.430   1.00 11.98 ? 1110 LEU A CD1 1 
ATOM   15  C  CD2 . LEU A 1 4   ? 15.758  3.448   6.531   1.00 13.93 ? 1110 LEU A CD2 1 
ATOM   16  N  N   . PRO A 1 5   ? 15.135  6.869   3.120   1.00 11.53 ? 1111 PRO A N   1 
ATOM   17  C  CA  . PRO A 1 5   ? 15.113  7.490   1.827   1.00 12.23 ? 1111 PRO A CA  1 
ATOM   18  C  C   . PRO A 1 5   ? 15.265  6.546   0.627   1.00 11.45 ? 1111 PRO A C   1 
ATOM   19  O  O   . PRO A 1 5   ? 15.237  6.996   -0.539  1.00 14.15 ? 1111 PRO A O   1 
ATOM   20  C  CB  . PRO A 1 5   ? 16.352  8.408   1.893   1.00 13.57 ? 1111 PRO A CB  1 
ATOM   21  C  CG  . PRO A 1 5   ? 17.282  7.741   2.834   1.00 12.15 ? 1111 PRO A CG  1 
ATOM   22  C  CD  . PRO A 1 5   ? 16.392  7.080   3.880   1.00 12.47 ? 1111 PRO A CD  1 
ATOM   23  N  N   . TRP A 1 6   ? 15.403  5.250   0.893   1.00 10.25 ? 1112 TRP A N   1 
ATOM   24  C  CA  . TRP A 1 6   ? 15.512  4.241   -0.120  1.00 9.24  ? 1112 TRP A CA  1 
ATOM   25  C  C   . TRP A 1 6   ? 15.280  2.910   0.608   1.00 8.49  ? 1112 TRP A C   1 
ATOM   26  O  O   . TRP A 1 6   ? 15.576  2.769   1.758   1.00 8.93  ? 1112 TRP A O   1 
ATOM   27  C  CB  . TRP A 1 6   ? 16.927  4.250   -0.704  1.00 9.52  ? 1112 TRP A CB  1 
ATOM   28  C  CG  . TRP A 1 6   ? 17.146  3.310   -1.829  1.00 9.55  ? 1112 TRP A CG  1 
ATOM   29  C  CD1 . TRP A 1 6   ? 16.901  3.532   -3.159  1.00 9.86  ? 1112 TRP A CD1 1 
ATOM   30  C  CD2 . TRP A 1 6   ? 17.724  1.983   -1.776  1.00 9.91  ? 1112 TRP A CD2 1 
ATOM   31  N  NE1 . TRP A 1 6   ? 17.172  2.432   -3.881  1.00 10.22 ? 1112 TRP A NE1 1 
ATOM   32  C  CE2 . TRP A 1 6   ? 17.737  1.485   -3.086  1.00 10.35 ? 1112 TRP A CE2 1 
ATOM   33  C  CE3 . TRP A 1 6   ? 18.216  1.181   -0.745  1.00 10.58 ? 1112 TRP A CE3 1 
ATOM   34  C  CZ2 . TRP A 1 6   ? 18.247  0.252   -3.407  1.00 9.92  ? 1112 TRP A CZ2 1 
ATOM   35  C  CZ3 . TRP A 1 6   ? 18.689  -0.086  -1.060  1.00 10.55 ? 1112 TRP A CZ3 1 
ATOM   36  C  CH2 . TRP A 1 6   ? 18.738  -0.520  -2.386  1.00 10.65 ? 1112 TRP A CH2 1 
ATOM   37  N  N   . CYS A 1 7   ? 14.881  1.886   -0.117  1.00 7.68  ? 1113 CYS A N   1 
ATOM   38  C  CA  . CYS A 1 7   ? 14.988  0.497   0.354   1.00 7.53  ? 1113 CYS A CA  1 
ATOM   39  C  C   . CYS A 1 7   ? 15.190  -0.451  -0.816  1.00 7.86  ? 1113 CYS A C   1 
ATOM   40  O  O   . CYS A 1 7   ? 14.868  -0.111  -1.966  1.00 7.79  ? 1113 CYS A O   1 
ATOM   41  C  CB  . CYS A 1 7   ? 13.823  0.120   1.296   1.00 7.99  ? 1113 CYS A CB  1 
ATOM   42  S  SG  . CYS A 1 7   ? 12.521  -0.917  0.539   1.00 7.41  ? 1113 CYS A SG  1 
ATOM   43  N  N   . PRO A 1 8   ? 15.747  -1.642  -0.543  1.00 8.37  ? 1114 PRO A N   1 
ATOM   44  C  CA  . PRO A 1 8   ? 16.054  -2.591  -1.633  1.00 8.54  ? 1114 PRO A CA  1 
ATOM   45  C  C   . PRO A 1 8   ? 14.880  -3.307  -2.268  1.00 8.82  ? 1114 PRO A C   1 
ATOM   46  O  O   . PRO A 1 8   ? 15.003  -4.090  -3.212  1.00 9.80  ? 1114 PRO A O   1 
ATOM   47  C  CB  . PRO A 1 8   ? 17.015  -3.564  -0.992  1.00 9.90  ? 1114 PRO A CB  1 
ATOM   48  C  CG  . PRO A 1 8   ? 16.728  -3.470  0.525   1.00 9.56  ? 1114 PRO A CG  1 
ATOM   49  C  CD  . PRO A 1 8   ? 16.262  -2.066  0.749   1.00 9.48  ? 1114 PRO A CD  1 
ATOM   50  N  N   . HIS A 1 9   ? 13.693  -2.942  -1.794  1.00 8.81  ? 1115 HIS A N   1 
ATOM   51  C  CA  . HIS A 1 9   ? 12.445  -3.493  -2.321  1.00 8.50  ? 1115 HIS A CA  1 
ATOM   52  C  C   . HIS A 1 9   ? 11.708  -2.568  -3.246  1.00 8.37  ? 1115 HIS A C   1 
ATOM   53  O  O   . HIS A 1 9   ? 10.699  -2.967  -3.834  1.00 9.16  ? 1115 HIS A O   1 
ATOM   54  C  CB  . HIS A 1 9   ? 11.538  -4.015  -1.192  1.00 7.95  ? 1115 HIS A CB  1 
ATOM   55  C  CG  . HIS A 1 9   ? 12.248  -4.933  -0.281  1.00 7.70  ? 1115 HIS A CG  1 
ATOM   56  N  ND1 . HIS A 1 9   ? 12.873  -4.517  0.877   1.00 7.56  ? 1115 HIS A ND1 1 
ATOM   57  C  CD2 . HIS A 1 9   ? 12.601  -6.232  -0.459  1.00 7.71  ? 1115 HIS A CD2 1 
ATOM   58  C  CE1 . HIS A 1 9   ? 13.579  -5.541  1.363   1.00 8.25  ? 1115 HIS A CE1 1 
ATOM   59  N  NE2 . HIS A 1 9   ? 13.390  -6.601  0.594   1.00 7.66  ? 1115 HIS A NE2 1 
ATOM   60  N  N   . LEU A 1 10  ? 12.181  -1.343  -3.415  1.00 7.56  ? 1116 LEU A N   1 
ATOM   61  C  CA  . LEU A 1 10  ? 11.544  -0.405  -4.362  1.00 8.39  ? 1116 LEU A CA  1 
ATOM   62  C  C   . LEU A 1 10  ? 11.514  -0.932  -5.794  1.00 8.51  ? 1116 LEU A C   1 
ATOM   63  O  O   . LEU A 1 10  ? 10.567  -0.636  -6.520  1.00 8.92  ? 1116 LEU A O   1 
ATOM   64  C  CB  . LEU A 1 10  ? 12.250  0.942   -4.352  1.00 8.75  ? 1116 LEU A CB  1 
ATOM   65  C  CG  . LEU A 1 10  ? 12.090  1.792   -3.083  1.00 8.74  ? 1116 LEU A CG  1 
ATOM   66  C  CD1 . LEU A 1 10  ? 13.130  2.956   -3.167  1.00 9.96  ? 1116 LEU A CD1 1 
ATOM   67  C  CD2 . LEU A 1 10  ? 10.644  2.331   -2.961  1.00 8.68  ? 1116 LEU A CD2 1 
ATOM   68  N  N   . VAL A 1 11  ? 12.444  -1.793  -6.125  1.00 9.08  ? 1117 VAL A N   1 
ATOM   69  C  CA  . VAL A 1 11  ? 12.370  -2.504  -7.432  1.00 10.56 ? 1117 VAL A CA  1 
ATOM   70  C  C   . VAL A 1 11  ? 11.087  -3.286  -7.667  1.00 13.62 ? 1117 VAL A C   1 
ATOM   71  O  O   . VAL A 1 11  ? 10.795  -3.595  -8.781  1.00 13.93 ? 1117 VAL A O   1 
ATOM   72  C  CB  . VAL A 1 11  ? 13.568  -3.456  -7.679  1.00 11.44 ? 1117 VAL A CB  1 
ATOM   73  C  CG1 . VAL A 1 11  ? 14.847  -2.622  -7.865  1.00 12.85 ? 1117 VAL A CG1 1 
ATOM   74  C  CG2 . VAL A 1 11  ? 13.720  -4.511  -6.591  1.00 12.68 ? 1117 VAL A CG2 1 
ATOM   75  N  N   . ALA A 1 12  ? 10.363  -3.708  -6.606  1.00 10.46 ? 1118 ALA A N   1 
ATOM   76  C  CA  . ALA A 1 12  ? 9.144   -4.436  -6.768  1.00 11.25 ? 1118 ALA A CA  1 
ATOM   77  C  C   . ALA A 1 12  ? 7.923   -3.562  -6.879  1.00 10.23 ? 1118 ALA A C   1 
ATOM   78  O  O   . ALA A 1 12  ? 6.824   -4.111  -7.021  1.00 12.50 ? 1118 ALA A O   1 
ATOM   79  C  CB  . ALA A 1 12  ? 8.999   -5.399  -5.574  1.00 12.13 ? 1118 ALA A CB  1 
ATOM   80  N  N   . VAL A 1 13  ? 8.048   -2.228  -6.813  1.00 10.18 ? 1119 VAL A N   1 
ATOM   81  C  CA  . VAL A 1 13  ? 6.935   -1.293  -7.055  1.00 10.43 ? 1119 VAL A CA  1 
ATOM   82  C  C   . VAL A 1 13  ? 6.573   -1.305  -8.551  1.00 11.58 ? 1119 VAL A C   1 
ATOM   83  O  O   . VAL A 1 13  ? 7.450   -1.088  -9.405  1.00 14.67 ? 1119 VAL A O   1 
ATOM   84  C  CB  . VAL A 1 13  ? 7.302   0.153   -6.580  1.00 11.31 ? 1119 VAL A CB  1 
ATOM   85  C  CG1 . VAL A 1 13  ? 6.234   1.154   -6.991  1.00 10.80 ? 1119 VAL A CG1 1 
ATOM   86  C  CG2 . VAL A 1 13  ? 7.401   0.093   -5.038  1.00 11.72 ? 1119 VAL A CG2 1 
ATOM   87  N  N   . CYS A 1 14  ? 5.309   -1.652  -8.864  1.00 10.63 ? 1120 CYS A N   1 
ATOM   88  C  CA  . CYS A 1 14  ? 4.877   -1.887  -10.256 1.00 10.62 ? 1120 CYS A CA  1 
ATOM   89  C  C   . CYS A 1 14  ? 4.059   -0.692  -10.768 1.00 11.50 ? 1120 CYS A C   1 
ATOM   90  O  O   . CYS A 1 14  ? 3.566   0.167   -10.030 1.00 11.84 ? 1120 CYS A O   1 
ATOM   91  C  CB  . CYS A 1 14  ? 4.127   -3.204  -10.304 1.00 10.54 ? 1120 CYS A CB  1 
ATOM   92  S  SG  . CYS A 1 14  ? 5.166   -4.616  -9.952  1.00 10.37 ? 1120 CYS A SG  1 
ATOM   93  N  N   . PRO A 1 15  ? 3.888   -0.627  -12.085 1.00 11.08 ? 1121 PRO A N   1 
ATOM   94  C  CA  . PRO A 1 15  ? 3.110   0.441   -12.659 1.00 11.56 ? 1121 PRO A CA  1 
ATOM   95  C  C   . PRO A 1 15  ? 1.670   0.494   -12.133 1.00 11.17 ? 1121 PRO A C   1 
ATOM   96  O  O   . PRO A 1 15  ? 1.015   -0.515  -11.889 1.00 12.81 ? 1121 PRO A O   1 
ATOM   97  C  CB  . PRO A 1 15  ? 3.193   0.145   -14.184 1.00 11.14 ? 1121 PRO A CB  1 
ATOM   98  C  CG  . PRO A 1 15  ? 4.379   -0.649  -14.314 1.00 10.70 ? 1121 PRO A CG  1 
ATOM   99  C  CD  . PRO A 1 15  ? 4.494   -1.499  -13.094 1.00 11.02 ? 1121 PRO A CD  1 
ATOM   100 N  N   . ILE A 1 16  ? 1.228   1.738   -12.015 1.00 14.51 ? 1122 ILE A N   1 
ATOM   101 C  CA  . ILE A 1 16  ? -0.071  2.044   -11.521 1.00 15.65 ? 1122 ILE A CA  1 
ATOM   102 C  C   . ILE A 1 16  ? -1.099  1.625   -12.570 1.00 15.00 ? 1122 ILE A C   1 
ATOM   103 O  O   . ILE A 1 16  ? -0.975  2.029   -13.750 1.00 14.78 ? 1122 ILE A O   1 
ATOM   104 C  CB  . ILE A 1 16  ? -0.283  3.551   -11.251 1.00 18.82 ? 1122 ILE A CB  1 
ATOM   105 C  CG1 . ILE A 1 16  ? 0.739   4.135   -10.232 1.00 21.29 ? 1122 ILE A CG1 1 
ATOM   106 C  CG2 . ILE A 1 16  ? -1.680  3.743   -10.730 1.00 21.81 ? 1122 ILE A CG2 1 
ATOM   107 C  CD1 . ILE A 1 16  ? 1.239   5.556   -10.517 1.00 23.74 ? 1122 ILE A CD1 1 
ATOM   108 N  N   . PRO A 1 17  ? -2.100  0.850   -12.175 1.00 13.97 ? 1123 PRO A N   1 
ATOM   109 C  CA  . PRO A 1 17  ? -3.161  0.557   -13.166 1.00 14.10 ? 1123 PRO A CA  1 
ATOM   110 C  C   . PRO A 1 17  ? -3.752  1.828   -13.779 1.00 14.26 ? 1123 PRO A C   1 
ATOM   111 O  O   . PRO A 1 17  ? -3.932  2.855   -13.108 1.00 14.74 ? 1123 PRO A O   1 
ATOM   112 C  CB  . PRO A 1 17  ? -4.215  -0.206  -12.389 1.00 14.46 ? 1123 PRO A CB  1 
ATOM   113 C  CG  . PRO A 1 17  ? -3.460  -0.723  -11.160 1.00 14.01 ? 1123 PRO A CG  1 
ATOM   114 C  CD  . PRO A 1 17  ? -2.425  0.303   -10.847 1.00 14.71 ? 1123 PRO A CD  1 
ATOM   115 N  N   . ALA A 1 18  ? -4.023  1.738   -15.081 1.00 13.30 ? 1124 ALA A N   1 
ATOM   116 C  CA  . ALA A 1 18  ? -4.654  2.877   -15.774 1.00 13.88 ? 1124 ALA A CA  1 
ATOM   117 C  C   . ALA A 1 18  ? -6.074  3.194   -15.217 1.00 14.33 ? 1124 ALA A C   1 
ATOM   118 O  O   . ALA A 1 18  ? -6.503  4.342   -15.343 1.00 16.95 ? 1124 ALA A O   1 
ATOM   119 C  CB  . ALA A 1 18  ? -4.693  2.686   -17.300 1.00 12.93 ? 1124 ALA A CB  1 
ATOM   120 N  N   . ALA A 1 19  ? -6.740  2.284   -14.534 1.00 15.25 ? 1125 ALA A N   1 
ATOM   121 C  CA  . ALA A 1 19  ? -7.978  2.637   -13.823 1.00 17.78 ? 1125 ALA A CA  1 
ATOM   122 C  C   . ALA A 1 19  ? -7.726  3.548   -12.655 1.00 19.54 ? 1125 ALA A C   1 
ATOM   123 O  O   . ALA A 1 19  ? -8.678  4.098   -12.115 1.00 21.14 ? 1125 ALA A O   1 
ATOM   124 C  CB  . ALA A 1 19  ? -8.730  1.402   -13.307 1.00 17.46 ? 1125 ALA A CB  1 
ATOM   125 N  N   . GLY A 1 20  ? -6.478  3.746   -12.272 1.00 15.74 ? 1126 GLY A N   1 
ATOM   126 C  CA  . GLY A 1 20  ? -6.183  4.476   -11.081 1.00 15.65 ? 1126 GLY A CA  1 
ATOM   127 C  C   . GLY A 1 20  ? -6.449  3.698   -9.761  1.00 13.20 ? 1126 GLY A C   1 
ATOM   128 O  O   . GLY A 1 20  ? -6.621  2.486   -9.688  1.00 15.64 ? 1126 GLY A O   1 
ATOM   129 N  N   . LEU A 1 21  ? -6.475  4.513   -8.730  1.00 12.30 ? 1127 LEU A N   1 
ATOM   130 C  CA  . LEU A 1 21  ? -6.628  4.044   -7.337  1.00 11.16 ? 1127 LEU A CA  1 
ATOM   131 C  C   . LEU A 1 21  ? -7.899  4.583   -6.762  1.00 10.60 ? 1127 LEU A C   1 
ATOM   132 O  O   . LEU A 1 21  ? -8.325  5.689   -7.151  1.00 12.44 ? 1127 LEU A O   1 
ATOM   133 C  CB  . LEU A 1 21  ? -5.485  4.544   -6.454  1.00 11.69 ? 1127 LEU A CB  1 
ATOM   134 C  CG  . LEU A 1 21  ? -4.124  4.077   -6.825  1.00 12.34 ? 1127 LEU A CG  1 
ATOM   135 C  CD1 . LEU A 1 21  ? -3.089  4.834   -5.993  1.00 12.26 ? 1127 LEU A CD1 1 
ATOM   136 C  CD2 . LEU A 1 21  ? -3.950  2.590   -6.735  1.00 13.18 ? 1127 LEU A CD2 1 
ATOM   137 N  N   . ASP A 1 22  ? -8.528  3.779   -5.884  1.00 10.01 ? 1128 ASP A N   1 
ATOM   138 C  CA  . ASP A 1 22  ? -9.775  4.224   -5.211  1.00 10.73 ? 1128 ASP A CA  1 
ATOM   139 C  C   . ASP A 1 22  ? -9.469  4.089   -3.730  1.00 9.24  ? 1128 ASP A C   1 
ATOM   140 O  O   . ASP A 1 22  ? -9.444  2.970   -3.196  1.00 9.72  ? 1128 ASP A O   1 
ATOM   141 C  CB  . ASP A 1 22  ? -10.946 3.299   -5.571  1.00 11.47 ? 1128 ASP A CB  1 
ATOM   142 C  CG  . ASP A 1 22  ? -12.200 3.606   -4.782  1.00 13.45 ? 1128 ASP A CG  1 
ATOM   143 O  OD1 . ASP A 1 22  ? -12.210 4.589   -4.033  1.00 11.99 ? 1128 ASP A OD1 1 
ATOM   144 O  OD2 . ASP A 1 22  ? -13.142 2.768   -4.900  1.00 18.39 ? 1128 ASP A OD2 1 
ATOM   145 N  N   . VAL A 1 23  ? -9.191  5.219   -3.077  1.00 8.56  ? 1129 VAL A N   1 
ATOM   146 C  CA  . VAL A 1 23  ? -8.826  5.208   -1.718  1.00 8.51  ? 1129 VAL A CA  1 
ATOM   147 C  C   . VAL A 1 23  ? -9.939  4.768   -0.733  1.00 7.94  ? 1129 VAL A C   1 
ATOM   148 O  O   . VAL A 1 23  ? -9.669  4.491   0.457   1.00 7.99  ? 1129 VAL A O   1 
ATOM   149 C  CB  . VAL A 1 23  ? -8.190  6.536   -1.182  1.00 8.76  ? 1129 VAL A CB  1 
ATOM   150 C  CG1 . VAL A 1 23  ? -6.976  6.915   -2.031  1.00 9.10  ? 1129 VAL A CG1 1 
ATOM   151 C  CG2 . VAL A 1 23  ? -9.254  7.604   -1.075  1.00 9.62  ? 1129 VAL A CG2 1 
ATOM   152 N  N   . THR A 1 24  ? -11.175 4.659   -1.286  1.00 7.49  ? 1130 THR A N   1 
ATOM   153 C  CA  . THR A 1 24  ? -12.303 4.175   -0.542  1.00 8.81  ? 1130 THR A CA  1 
ATOM   154 C  C   . THR A 1 24  ? -12.610 2.708   -0.762  1.00 8.73  ? 1130 THR A C   1 
ATOM   155 O  O   . THR A 1 24  ? -13.596 2.143   -0.168  1.00 10.98 ? 1130 THR A O   1 
ATOM   156 C  CB  . THR A 1 24  ? -13.568 4.990   -0.800  1.00 8.99  ? 1130 THR A CB  1 
ATOM   157 O  OG1 . THR A 1 24  ? -14.126 4.742   -2.077  1.00 8.50  ? 1130 THR A OG1 1 
ATOM   158 C  CG2 . THR A 1 24  ? -13.281 6.431   -0.521  1.00 9.93  ? 1130 THR A CG2 1 
ATOM   159 N  N   . GLN A 1 25  ? -11.733 2.009   -1.474  1.00 8.45  ? 1131 GLN A N   1 
ATOM   160 C  CA  . GLN A 1 25  ? -11.931 0.599   -1.764  1.00 8.70  ? 1131 GLN A CA  1 
ATOM   161 C  C   . GLN A 1 25  ? -11.853 -0.230  -0.491  1.00 9.57  ? 1131 GLN A C   1 
ATOM   162 O  O   . GLN A 1 25  ? -10.978 -0.012  0.356   1.00 8.87  ? 1131 GLN A O   1 
ATOM   163 C  CB  . GLN A 1 25  ? -10.858 0.129   -2.741  1.00 8.96  ? 1131 GLN A CB  1 
ATOM   164 C  CG  . GLN A 1 25  ? -11.014 -1.259  -3.289  1.00 8.55  ? 1131 GLN A CG  1 
ATOM   165 C  CD  . GLN A 1 25  ? -10.066 -1.623  -4.424  1.00 9.05  ? 1131 GLN A CD  1 
ATOM   166 O  OE1 . GLN A 1 25  ? -9.689  -0.738  -5.232  1.00 10.62 ? 1131 GLN A OE1 1 
ATOM   167 N  NE2 . GLN A 1 25  ? -9.723  -2.893  -4.535  1.00 8.62  ? 1131 GLN A NE2 1 
ATOM   168 N  N   . PRO A 1 26  ? -12.796 -1.150  -0.309  1.00 8.58  ? 1132 PRO A N   1 
ATOM   169 C  CA  . PRO A 1 26  ? -12.775 -1.943  0.937   1.00 8.62  ? 1132 PRO A CA  1 
ATOM   170 C  C   . PRO A 1 26  ? -11.721 -3.055  0.875   1.00 8.37  ? 1132 PRO A C   1 
ATOM   171 O  O   . PRO A 1 26  ? -11.203 -3.409  -0.202  1.00 8.29  ? 1132 PRO A O   1 
ATOM   172 C  CB  . PRO A 1 26  ? -14.190 -2.520  1.000   1.00 8.92  ? 1132 PRO A CB  1 
ATOM   173 C  CG  . PRO A 1 26  ? -14.552 -2.670  -0.420  1.00 9.09  ? 1132 PRO A CG  1 
ATOM   174 C  CD  . PRO A 1 26  ? -13.976 -1.431  -1.147  1.00 9.08  ? 1132 PRO A CD  1 
ATOM   175 N  N   . CYS A 1 27  ? -11.505 -3.691  2.029   1.00 8.25  ? 1133 CYS A N   1 
ATOM   176 C  CA  . CYS A 1 27  ? -10.584 -4.826  2.116   1.00 8.18  ? 1133 CYS A CA  1 
ATOM   177 C  C   . CYS A 1 27  ? -11.120 -5.917  1.237   1.00 8.95  ? 1133 CYS A C   1 
ATOM   178 O  O   . CYS A 1 27  ? -12.256 -6.358  1.438   1.00 9.59  ? 1133 CYS A O   1 
ATOM   179 C  CB  . CYS A 1 27  ? -10.456 -5.328  3.517   1.00 8.27  ? 1133 CYS A CB  1 
ATOM   180 S  SG  . CYS A 1 27  ? -9.436  -6.768  3.753   1.00 7.27  ? 1133 CYS A SG  1 
ATOM   181 N  N   . GLY A 1 28  ? -10.252 -6.486  0.438   1.00 8.31  ? 1134 GLY A N   1 
ATOM   182 C  CA  . GLY A 1 28  ? -10.613 -7.591  -0.425  1.00 9.24  ? 1134 GLY A CA  1 
ATOM   183 C  C   . GLY A 1 28  ? -10.937 -8.878  0.245   1.00 10.39 ? 1134 GLY A C   1 
ATOM   184 O  O   . GLY A 1 28  ? -11.530 -9.751  -0.439  1.00 14.31 ? 1134 GLY A O   1 
ATOM   185 N  N   A ASP A 1 29  ? -10.542 -9.075  1.497   0.70 9.86  ? 1135 ASP A N   1 
ATOM   186 N  N   B ASP A 1 29  ? -10.666 -9.013  1.536   0.30 10.20 ? 1135 ASP A N   1 
ATOM   187 C  CA  A ASP A 1 29  ? -10.938 -10.295 2.257   0.70 10.70 ? 1135 ASP A CA  1 
ATOM   188 C  CA  B ASP A 1 29  ? -10.947 -10.253 2.263   0.30 10.43 ? 1135 ASP A CA  1 
ATOM   189 C  C   A ASP A 1 29  ? -12.214 -9.977  3.039   0.70 10.28 ? 1135 ASP A C   1 
ATOM   190 C  C   B ASP A 1 29  ? -12.089 -10.118 3.270   0.30 10.41 ? 1135 ASP A C   1 
ATOM   191 O  O   A ASP A 1 29  ? -13.295 -10.616 2.762   0.70 11.07 ? 1135 ASP A O   1 
ATOM   192 O  O   B ASP A 1 29  ? -12.919 -11.042 3.434   0.30 11.59 ? 1135 ASP A O   1 
ATOM   193 C  CB  A ASP A 1 29  ? -9.785  -10.735 3.144   0.70 11.67 ? 1135 ASP A CB  1 
ATOM   194 C  CB  B ASP A 1 29  ? -9.668  -10.665 2.945   0.30 10.46 ? 1135 ASP A CB  1 
ATOM   195 C  CG  A ASP A 1 29  ? -8.592  -11.361 2.359   0.70 13.60 ? 1135 ASP A CG  1 
ATOM   196 C  CG  B ASP A 1 29  ? -9.760  -12.027 3.524   0.30 11.13 ? 1135 ASP A CG  1 
ATOM   197 O  OD1 A ASP A 1 29  ? -8.776  -11.945 1.258   0.70 16.74 ? 1135 ASP A OD1 1 
ATOM   198 O  OD1 B ASP A 1 29  ? -10.857 -12.333 3.989   0.30 11.70 ? 1135 ASP A OD1 1 
ATOM   199 O  OD2 A ASP A 1 29  ? -7.449  -11.316 2.909   0.70 15.72 ? 1135 ASP A OD2 1 
ATOM   200 O  OD2 B ASP A 1 29  ? -8.749  -12.776 3.472   0.30 11.56 ? 1135 ASP A OD2 1 
ATOM   201 N  N   . CYS A 1 30  ? -12.169 -9.000  3.977   1.00 10.22 ? 1136 CYS A N   1 
ATOM   202 C  CA  . CYS A 1 30  ? -13.276 -8.871  4.949   1.00 9.18  ? 1136 CYS A CA  1 
ATOM   203 C  C   . CYS A 1 30  ? -14.258 -7.783  4.633   1.00 9.08  ? 1136 CYS A C   1 
ATOM   204 O  O   . CYS A 1 30  ? -15.244 -7.618  5.360   1.00 9.83  ? 1136 CYS A O   1 
ATOM   205 C  CB  . CYS A 1 30  ? -12.733 -8.672  6.327   1.00 9.00  ? 1136 CYS A CB  1 
ATOM   206 S  SG  . CYS A 1 30  ? -11.868 -7.096  6.642   1.00 8.45  ? 1136 CYS A SG  1 
ATOM   207 N  N   . GLY A 1 31  ? -13.975 -6.958  3.654   1.00 9.16  ? 1137 GLY A N   1 
ATOM   208 C  CA  . GLY A 1 31  ? -14.910 -5.920  3.268   1.00 8.69  ? 1137 GLY A CA  1 
ATOM   209 C  C   . GLY A 1 31  ? -14.907 -4.662  4.110   1.00 9.04  ? 1137 GLY A C   1 
ATOM   210 O  O   . GLY A 1 31  ? -15.668 -3.761  3.869   1.00 10.04 ? 1137 GLY A O   1 
ATOM   211 N  N   . THR A 1 32  ? -14.018 -4.539  5.092   1.00 7.89  ? 1138 THR A N   1 
ATOM   212 C  CA  . THR A 1 32  ? -14.005 -3.404  5.960   1.00 8.69  ? 1138 THR A CA  1 
ATOM   213 C  C   . THR A 1 32  ? -13.610 -2.156  5.188   1.00 9.10  ? 1138 THR A C   1 
ATOM   214 O  O   . THR A 1 32  ? -12.794 -2.233  4.234   1.00 8.77  ? 1138 THR A O   1 
ATOM   215 C  CB  . THR A 1 32  ? -13.106 -3.542  7.172   1.00 9.44  ? 1138 THR A CB  1 
ATOM   216 O  OG1 . THR A 1 32  ? -13.274 -2.388  8.037   1.00 11.00 ? 1138 THR A OG1 1 
ATOM   217 C  CG2 . THR A 1 32  ? -11.580 -3.586  6.760   1.00 9.84  ? 1138 THR A CG2 1 
ATOM   218 N  N   . ILE A 1 33  ? -14.209 -1.039  5.525   1.00 10.07 ? 1139 ILE A N   1 
ATOM   219 C  CA  . ILE A 1 33  ? -13.844 0.263   4.940   1.00 11.53 ? 1139 ILE A CA  1 
ATOM   220 C  C   . ILE A 1 33  ? -12.760 0.969   5.711   1.00 11.66 ? 1139 ILE A C   1 
ATOM   221 O  O   . ILE A 1 33  ? -12.267 1.999   5.193   1.00 13.03 ? 1139 ILE A O   1 
ATOM   222 C  CB  . ILE A 1 33  ? -15.039 1.207   4.787   1.00 16.30 ? 1139 ILE A CB  1 
ATOM   223 C  CG1 . ILE A 1 33  ? -15.619 1.675   6.146   1.00 19.20 ? 1139 ILE A CG1 1 
ATOM   224 C  CG2 . ILE A 1 33  ? -16.081 0.530   3.870   1.00 18.56 ? 1139 ILE A CG2 1 
ATOM   225 C  CD1 . ILE A 1 33  ? -16.805 2.633   6.016   1.00 20.55 ? 1139 ILE A CD1 1 
ATOM   226 N  N   . GLN A 1 34  ? -12.324 0.380   6.823   1.00 10.65 ? 1140 GLN A N   1 
ATOM   227 C  CA  . GLN A 1 34  ? -11.386 1.001   7.740   1.00 11.94 ? 1140 GLN A CA  1 
ATOM   228 C  C   . GLN A 1 34  ? -9.917  0.566   7.543   1.00 10.53 ? 1140 GLN A C   1 
ATOM   229 O  O   . GLN A 1 34  ? -9.636  -0.612  7.385   1.00 11.31 ? 1140 GLN A O   1 
ATOM   230 C  CB  . GLN A 1 34  ? -11.731 0.644   9.164   1.00 13.36 ? 1140 GLN A CB  1 
ATOM   231 C  CG  . GLN A 1 34  ? -13.138 1.037   9.497   1.00 15.77 ? 1140 GLN A CG  1 
ATOM   232 C  CD  . GLN A 1 34  ? -13.420 0.907   10.964  1.00 17.29 ? 1140 GLN A CD  1 
ATOM   233 O  OE1 . GLN A 1 34  ? -12.673 1.453   11.761  1.00 22.72 ? 1140 GLN A OE1 1 
ATOM   234 N  NE2 . GLN A 1 34  ? -14.460 0.190   11.315  1.00 17.66 ? 1140 GLN A NE2 1 
ATOM   235 N  N   A GLU A 1 35  ? -9.039  1.535   7.635   0.50 10.58 ? 1141 GLU A N   1 
ATOM   236 N  N   B GLU A 1 35  ? -9.053  1.544   7.632   0.50 9.56  ? 1141 GLU A N   1 
ATOM   237 C  CA  A GLU A 1 35  ? -7.606  1.317   7.688   0.50 10.67 ? 1141 GLU A CA  1 
ATOM   238 C  CA  B GLU A 1 35  ? -7.621  1.362   7.650   0.50 9.01  ? 1141 GLU A CA  1 
ATOM   239 C  C   A GLU A 1 35  ? -7.038  0.414   6.569   0.50 8.86  ? 1141 GLU A C   1 
ATOM   240 C  C   B GLU A 1 35  ? -7.046  0.417   6.572   0.50 8.06  ? 1141 GLU A C   1 
ATOM   241 O  O   A GLU A 1 35  ? -6.220  -0.458  6.829   0.50 9.48  ? 1141 GLU A O   1 
ATOM   242 O  O   B GLU A 1 35  ? -6.244  -0.464  6.857   0.50 8.71  ? 1141 GLU A O   1 
ATOM   243 C  CB  A GLU A 1 35  ? -7.190  0.761   9.054   0.50 13.03 ? 1141 GLU A CB  1 
ATOM   244 C  CB  B GLU A 1 35  ? -7.139  1.029   9.066   0.50 9.72  ? 1141 GLU A CB  1 
ATOM   245 C  CG  A GLU A 1 35  ? -7.548  1.658   10.251  0.50 16.40 ? 1141 GLU A CG  1 
ATOM   246 C  CG  B GLU A 1 35  ? -7.202  2.299   9.955   0.50 10.53 ? 1141 GLU A CG  1 
ATOM   247 C  CD  A GLU A 1 35  ? -6.399  2.588   10.679  0.50 18.92 ? 1141 GLU A CD  1 
ATOM   248 C  CD  B GLU A 1 35  ? -7.279  2.062   11.486  0.50 10.52 ? 1141 GLU A CD  1 
ATOM   249 O  OE1 A GLU A 1 35  ? -5.240  2.099   10.755  0.50 25.29 ? 1141 GLU A OE1 1 
ATOM   250 O  OE1 B GLU A 1 35  ? -6.676  1.099   12.006  0.50 9.47  ? 1141 GLU A OE1 1 
ATOM   251 O  OE2 A GLU A 1 35  ? -6.650  3.800   10.915  0.50 19.39 ? 1141 GLU A OE2 1 
ATOM   252 O  OE2 B GLU A 1 35  ? -7.989  2.826   12.161  0.50 11.21 ? 1141 GLU A OE2 1 
ATOM   253 N  N   . ASN A 1 36  ? -7.492  0.582   5.354   1.00 7.90  ? 1142 ASN A N   1 
ATOM   254 C  CA  . ASN A 1 36  ? -6.943  -0.175  4.221   1.00 7.38  ? 1142 ASN A CA  1 
ATOM   255 C  C   . ASN A 1 36  ? -5.645  0.405   3.704   1.00 7.12  ? 1142 ASN A C   1 
ATOM   256 O  O   . ASN A 1 36  ? -5.349  1.623   3.758   1.00 7.01  ? 1142 ASN A O   1 
ATOM   257 C  CB  . ASN A 1 36  ? -8.037  -0.298  3.120   1.00 7.91  ? 1142 ASN A CB  1 
ATOM   258 C  CG  . ASN A 1 36  ? -9.178  -1.157  3.599   1.00 8.34  ? 1142 ASN A CG  1 
ATOM   259 O  OD1 . ASN A 1 36  ? -8.935  -2.279  4.046   1.00 8.90  ? 1142 ASN A OD1 1 
ATOM   260 N  ND2 . ASN A 1 36  ? -10.420 -0.606  3.587   1.00 9.00  ? 1142 ASN A ND2 1 
ATOM   261 N  N   . TRP A 1 37  ? -4.883  -0.515  3.112   1.00 6.97  ? 1143 TRP A N   1 
ATOM   262 C  CA  . TRP A 1 37  ? -3.646  -0.295  2.401   1.00 7.02  ? 1143 TRP A CA  1 
ATOM   263 C  C   . TRP A 1 37  ? -3.779  -0.884  0.994   1.00 7.14  ? 1143 TRP A C   1 
ATOM   264 O  O   . TRP A 1 37  ? -4.541  -1.802  0.788   1.00 7.37  ? 1143 TRP A O   1 
ATOM   265 C  CB  . TRP A 1 37  ? -2.503  -0.992  3.173   1.00 7.43  ? 1143 TRP A CB  1 
ATOM   266 C  CG  . TRP A 1 37  ? -2.254  -0.430  4.535   1.00 7.72  ? 1143 TRP A CG  1 
ATOM   267 C  CD1 . TRP A 1 37  ? -3.066  -0.533  5.644   1.00 8.22  ? 1143 TRP A CD1 1 
ATOM   268 C  CD2 . TRP A 1 37  ? -1.090  0.323   4.960   1.00 8.03  ? 1143 TRP A CD2 1 
ATOM   269 N  NE1 . TRP A 1 37  ? -2.514  0.144   6.696   1.00 8.36  ? 1143 TRP A NE1 1 
ATOM   270 C  CE2 . TRP A 1 37  ? -1.311  0.674   6.308   1.00 8.66  ? 1143 TRP A CE2 1 
ATOM   271 C  CE3 . TRP A 1 37  ? 0.055   0.827   4.315   1.00 8.26  ? 1143 TRP A CE3 1 
ATOM   272 C  CZ2 . TRP A 1 37  ? -0.393  1.413   7.026   1.00 8.36  ? 1143 TRP A CZ2 1 
ATOM   273 C  CZ3 . TRP A 1 37  ? 0.939   1.527   5.013   1.00 9.23  ? 1143 TRP A CZ3 1 
ATOM   274 C  CH2 . TRP A 1 37  ? 0.715   1.845   6.366   1.00 9.21  ? 1143 TRP A CH2 1 
ATOM   275 N  N   . VAL A 1 38  ? -2.995  -0.349  0.045   1.00 6.30  ? 1144 VAL A N   1 
ATOM   276 C  CA  . VAL A 1 38  ? -2.958  -0.900  -1.339  1.00 7.01  ? 1144 VAL A CA  1 
ATOM   277 C  C   . VAL A 1 38  ? -1.521  -1.475  -1.539  1.00 6.50  ? 1144 VAL A C   1 
ATOM   278 O  O   . VAL A 1 38  ? -0.508  -0.845  -1.139  1.00 6.76  ? 1144 VAL A O   1 
ATOM   279 C  CB  . VAL A 1 38  ? -3.322  0.160   -2.438  1.00 6.92  ? 1144 VAL A CB  1 
ATOM   280 C  CG1 . VAL A 1 38  ? -2.403  1.378   -2.439  1.00 6.57  ? 1144 VAL A CG1 1 
ATOM   281 C  CG2 . VAL A 1 38  ? -3.405  -0.497  -3.805  1.00 7.13  ? 1144 VAL A CG2 1 
ATOM   282 N  N   . CYS A 1 39  ? -1.439  -2.664  -2.117  1.00 6.84  ? 1145 CYS A N   1 
ATOM   283 C  CA  . CYS A 1 39  ? -0.159  -3.265  -2.418  1.00 7.02  ? 1145 CYS A CA  1 
ATOM   284 C  C   . CYS A 1 39  ? 0.462   -2.623  -3.654  1.00 7.13  ? 1145 CYS A C   1 
ATOM   285 O  O   . CYS A 1 39  ? -0.134  -2.514  -4.729  1.00 6.62  ? 1145 CYS A O   1 
ATOM   286 C  CB  . CYS A 1 39  ? -0.336  -4.723  -2.743  1.00 6.94  ? 1145 CYS A CB  1 
ATOM   287 S  SG  . CYS A 1 39  ? 1.196   -5.576  -3.046  1.00 7.41  ? 1145 CYS A SG  1 
ATOM   288 N  N   . LEU A 1 40  ? 1.694   -2.193  -3.528  1.00 7.01  ? 1146 LEU A N   1 
ATOM   289 C  CA  . LEU A 1 40  ? 2.392   -1.476  -4.565  1.00 6.84  ? 1146 LEU A CA  1 
ATOM   290 C  C   . LEU A 1 40  ? 3.028   -2.398  -5.618  1.00 7.86  ? 1146 LEU A C   1 
ATOM   291 O  O   . LEU A 1 40  ? 3.583   -1.847  -6.607  1.00 8.70  ? 1146 LEU A O   1 
ATOM   292 C  CB  . LEU A 1 40  ? 3.396   -0.480  -3.995  1.00 7.39  ? 1146 LEU A CB  1 
ATOM   293 C  CG  . LEU A 1 40  ? 2.807   0.695   -3.183  1.00 7.41  ? 1146 LEU A CG  1 
ATOM   294 C  CD1 . LEU A 1 40  ? 3.922   1.639   -2.753  1.00 8.88  ? 1146 LEU A CD1 1 
ATOM   295 C  CD2 . LEU A 1 40  ? 1.726   1.388   -3.938  1.00 7.82  ? 1146 LEU A CD2 1 
ATOM   296 N  N   . SER A 1 41  ? 2.819   -3.711  -5.438  1.00 7.46  ? 1147 SER A N   1 
ATOM   297 C  CA  . SER A 1 41  ? 3.141   -4.701  -6.507  1.00 7.26  ? 1147 SER A CA  1 
ATOM   298 C  C   . SER A 1 41  ? 1.944   -5.062  -7.355  1.00 8.33  ? 1147 SER A C   1 
ATOM   299 O  O   . SER A 1 41  ? 1.983   -4.887  -8.575  1.00 10.28 ? 1147 SER A O   1 
ATOM   300 C  CB  . SER A 1 41  ? 3.901   -5.852  -6.024  1.00 6.39  ? 1147 SER A CB  1 
ATOM   301 O  OG  . SER A 1 41  ? 5.177   -5.501  -5.422  1.00 6.51  ? 1147 SER A OG  1 
ATOM   302 N  N   . CYS A 1 42  ? 0.860   -5.482  -6.718  1.00 8.51  ? 1148 CYS A N   1 
ATOM   303 C  CA  . CYS A 1 42  ? -0.292  -6.052  -7.444  1.00 8.32  ? 1148 CYS A CA  1 
ATOM   304 C  C   . CYS A 1 42  ? -1.575  -5.226  -7.289  1.00 8.50  ? 1148 CYS A C   1 
ATOM   305 O  O   . CYS A 1 42  ? -2.590  -5.597  -7.877  1.00 8.40  ? 1148 CYS A O   1 
ATOM   306 C  CB  . CYS A 1 42  ? -0.526  -7.461  -6.970  1.00 8.59  ? 1148 CYS A CB  1 
ATOM   307 S  SG  . CYS A 1 42  ? -1.235  -7.652  -5.280  1.00 8.60  ? 1148 CYS A SG  1 
ATOM   308 N  N   . TYR A 1 43  ? -1.553  -4.170  -6.474  1.00 7.33  ? 1149 TYR A N   1 
ATOM   309 C  CA  . TYR A 1 43  ? -2.663  -3.241  -6.315  1.00 7.47  ? 1149 TYR A CA  1 
ATOM   310 C  C   . TYR A 1 43  ? -3.983  -3.804  -5.776  1.00 7.23  ? 1149 TYR A C   1 
ATOM   311 O  O   . TYR A 1 43  ? -4.997  -3.127  -5.876  1.00 8.24  ? 1149 TYR A O   1 
ATOM   312 C  CB  . TYR A 1 43  ? -2.820  -2.416  -7.611  1.00 7.89  ? 1149 TYR A CB  1 
ATOM   313 C  CG  . TYR A 1 43  ? -1.617  -1.497  -7.849  1.00 7.73  ? 1149 TYR A CG  1 
ATOM   314 C  CD1 . TYR A 1 43  ? -0.470  -1.973  -8.451  1.00 8.28  ? 1149 TYR A CD1 1 
ATOM   315 C  CD2 . TYR A 1 43  ? -1.554  -0.221  -7.274  1.00 8.74  ? 1149 TYR A CD2 1 
ATOM   316 C  CE1 . TYR A 1 43  ? 0.686   -1.145  -8.579  1.00 8.90  ? 1149 TYR A CE1 1 
ATOM   317 C  CE2 . TYR A 1 43  ? -0.449  0.588   -7.389  1.00 8.99  ? 1149 TYR A CE2 1 
ATOM   318 C  CZ  . TYR A 1 43  ? 0.673   0.131   -8.074  1.00 9.06  ? 1149 TYR A CZ  1 
ATOM   319 O  OH  . TYR A 1 43  ? 1.790   0.913   -8.119  1.00 10.31 ? 1149 TYR A OH  1 
ATOM   320 N  N   . GLN A 1 44  ? -3.888  -4.944  -5.120  1.00 7.03  ? 1150 GLN A N   1 
ATOM   321 C  CA  . GLN A 1 44  ? -4.903  -5.416  -4.213  1.00 7.64  ? 1150 GLN A CA  1 
ATOM   322 C  C   . GLN A 1 44  ? -4.946  -4.548  -2.999  1.00 7.04  ? 1150 GLN A C   1 
ATOM   323 O  O   . GLN A 1 44  ? -3.924  -4.027  -2.560  1.00 7.99  ? 1150 GLN A O   1 
ATOM   324 C  CB  . GLN A 1 44  ? -4.822  -6.870  -3.915  1.00 8.19  ? 1150 GLN A CB  1 
ATOM   325 C  CG  . GLN A 1 44  ? -5.088  -7.720  -5.176  1.00 10.10 ? 1150 GLN A CG  1 
ATOM   326 C  CD  . GLN A 1 44  ? -4.644  -9.164  -5.038  1.00 12.37 ? 1150 GLN A CD  1 
ATOM   327 O  OE1 . GLN A 1 44  ? -4.623  -9.765  -3.966  1.00 18.43 ? 1150 GLN A OE1 1 
ATOM   328 N  NE2 . GLN A 1 44  ? -4.269  -9.759  -6.201  1.00 17.27 ? 1150 GLN A NE2 1 
ATOM   329 N  N   . VAL A 1 45  ? -6.142  -4.462  -2.405  1.00 6.87  ? 1151 VAL A N   1 
ATOM   330 C  CA  . VAL A 1 45  ? -6.434  -3.637  -1.214  1.00 6.65  ? 1151 VAL A CA  1 
ATOM   331 C  C   . VAL A 1 45  ? -6.876  -4.529  -0.082  1.00 7.21  ? 1151 VAL A C   1 
ATOM   332 O  O   . VAL A 1 45  ? -7.774  -5.371  -0.198  1.00 8.90  ? 1151 VAL A O   1 
ATOM   333 C  CB  . VAL A 1 45  ? -7.527  -2.559  -1.502  1.00 7.09  ? 1151 VAL A CB  1 
ATOM   334 C  CG1 . VAL A 1 45  ? -7.875  -1.786  -0.225  1.00 7.29  ? 1151 VAL A CG1 1 
ATOM   335 C  CG2 . VAL A 1 45  ? -7.046  -1.631  -2.618  1.00 7.01  ? 1151 VAL A CG2 1 
ATOM   336 N  N   . TYR A 1 46  ? -6.166  -4.374  1.036   1.00 6.49  ? 1152 TYR A N   1 
ATOM   337 C  CA  . TYR A 1 46  ? -6.385  -5.177  2.282   1.00 6.22  ? 1152 TYR A CA  1 
ATOM   338 C  C   . TYR A 1 46  ? -6.218  -4.317  3.535   1.00 5.90  ? 1152 TYR A C   1 
ATOM   339 O  O   . TYR A 1 46  ? -5.452  -3.354  3.535   1.00 5.17  ? 1152 TYR A O   1 
ATOM   340 C  CB  . TYR A 1 46  ? -5.464  -6.407  2.391   1.00 6.56  ? 1152 TYR A CB  1 
ATOM   341 C  CG  . TYR A 1 46  ? -5.656  -7.374  1.240   1.00 7.14  ? 1152 TYR A CG  1 
ATOM   342 C  CD1 . TYR A 1 46  ? -6.816  -8.158  1.163   1.00 7.62  ? 1152 TYR A CD1 1 
ATOM   343 C  CD2 . TYR A 1 46  ? -4.677  -7.529  0.284   1.00 7.67  ? 1152 TYR A CD2 1 
ATOM   344 C  CE1 . TYR A 1 46  ? -7.004  -9.052  0.106   1.00 8.05  ? 1152 TYR A CE1 1 
ATOM   345 C  CE2 . TYR A 1 46  ? -4.882  -8.423  -0.780  1.00 7.97  ? 1152 TYR A CE2 1 
ATOM   346 C  CZ  . TYR A 1 46  ? -6.034  -9.189  -0.816  1.00 8.68  ? 1152 TYR A CZ  1 
ATOM   347 O  OH  . TYR A 1 46  ? -6.207  -10.057 -1.882  1.00 11.30 ? 1152 TYR A OH  1 
ATOM   348 N  N   . CYS A 1 47  ? -6.907  -4.721  4.620   1.00 6.36  ? 1153 CYS A N   1 
ATOM   349 C  CA  . CYS A 1 47  ? -6.874  -3.933  5.843   1.00 6.98  ? 1153 CYS A CA  1 
ATOM   350 C  C   . CYS A 1 47  ? -5.600  -4.053  6.702   1.00 6.48  ? 1153 CYS A C   1 
ATOM   351 O  O   . CYS A 1 47  ? -4.817  -5.006  6.600   1.00 6.39  ? 1153 CYS A O   1 
ATOM   352 C  CB  . CYS A 1 47  ? -8.128  -4.243  6.668   1.00 7.30  ? 1153 CYS A CB  1 
ATOM   353 S  SG  . CYS A 1 47  ? -8.200  -5.937  7.344   1.00 7.92  ? 1153 CYS A SG  1 
ATOM   354 N  N   . GLY A 1 48  ? -5.462  -3.020  7.551   1.00 6.96  ? 1154 GLY A N   1 
ATOM   355 C  CA  . GLY A 1 48  ? -4.303  -2.908  8.366   1.00 7.42  ? 1154 GLY A CA  1 
ATOM   356 C  C   . GLY A 1 48  ? -4.346  -3.795  9.628   1.00 7.83  ? 1154 GLY A C   1 
ATOM   357 O  O   . GLY A 1 48  ? -5.299  -4.466  9.955   1.00 10.16 ? 1154 GLY A O   1 
ATOM   358 N  N   . ARG A 1 49  ? -3.237  -3.782  10.347  1.00 8.22  ? 1155 ARG A N   1 
ATOM   359 C  CA  . ARG A 1 49  ? -3.005  -4.603  11.482  1.00 10.10 ? 1155 ARG A CA  1 
ATOM   360 C  C   . ARG A 1 49  ? -3.954  -4.398  12.645  1.00 10.23 ? 1155 ARG A C   1 
ATOM   361 O  O   . ARG A 1 49  ? -4.177  -5.349  13.468  1.00 13.83 ? 1155 ARG A O   1 
ATOM   362 C  CB  . ARG A 1 49  ? -1.529  -4.425  11.948  1.00 10.53 ? 1155 ARG A CB  1 
ATOM   363 C  CG  . ARG A 1 49  ? -1.155  -3.040  12.451  1.00 12.05 ? 1155 ARG A CG  1 
ATOM   364 C  CD  . ARG A 1 49  ? 0.351   -2.726  12.307  1.00 14.72 ? 1155 ARG A CD  1 
ATOM   365 N  NE  . ARG A 1 49  ? 0.686   -1.339  12.715  1.00 14.97 ? 1155 ARG A NE  1 
ATOM   366 C  CZ  . ARG A 1 49  ? 0.384   -0.231  12.050  1.00 16.56 ? 1155 ARG A CZ  1 
ATOM   367 N  NH1 . ARG A 1 49  ? 0.750   0.960   12.514  1.00 21.20 ? 1155 ARG A NH1 1 
ATOM   368 N  NH2 . ARG A 1 49  ? -0.217  -0.282  10.866  1.00 18.20 ? 1155 ARG A NH2 1 
ATOM   369 N  N   . TYR A 1 50  ? -4.498  -3.209  12.762  1.00 10.61 ? 1156 TYR A N   1 
ATOM   370 C  CA  . TYR A 1 50  ? -5.437  -2.904  13.847  1.00 12.15 ? 1156 TYR A CA  1 
ATOM   371 C  C   . TYR A 1 50  ? -6.875  -3.283  13.516  1.00 13.17 ? 1156 TYR A C   1 
ATOM   372 O  O   . TYR A 1 50  ? -7.735  -3.269  14.420  1.00 13.47 ? 1156 TYR A O   1 
ATOM   373 C  CB  . TYR A 1 50  ? -5.334  -1.445  14.295  1.00 12.19 ? 1156 TYR A CB  1 
ATOM   374 C  CG  . TYR A 1 50  ? -3.973  -1.080  14.856  1.00 11.35 ? 1156 TYR A CG  1 
ATOM   375 C  CD1 . TYR A 1 50  ? -3.349  -1.865  15.870  1.00 11.41 ? 1156 TYR A CD1 1 
ATOM   376 C  CD2 . TYR A 1 50  ? -3.293  -0.053  14.359  1.00 11.84 ? 1156 TYR A CD2 1 
ATOM   377 C  CE1 . TYR A 1 50  ? -2.115  -1.571  16.371  1.00 12.53 ? 1156 TYR A CE1 1 
ATOM   378 C  CE2 . TYR A 1 50  ? -2.048  0.295   14.851  1.00 12.24 ? 1156 TYR A CE2 1 
ATOM   379 C  CZ  . TYR A 1 50  ? -1.433  -0.490  15.826  1.00 12.51 ? 1156 TYR A CZ  1 
ATOM   380 O  OH  . TYR A 1 50  ? -0.193  -0.039  16.305  1.00 14.07 ? 1156 TYR A OH  1 
ATOM   381 N  N   . ILE A 1 51  ? -7.171  -3.677  12.264  1.00 10.93 ? 1157 ILE A N   1 
ATOM   382 C  CA  . ILE A 1 51  ? -8.529  -4.170  11.874  1.00 10.16 ? 1157 ILE A CA  1 
ATOM   383 C  C   . ILE A 1 51  ? -8.431  -5.697  11.882  1.00 9.75  ? 1157 ILE A C   1 
ATOM   384 O  O   . ILE A 1 51  ? -8.288  -6.330  12.984  1.00 11.99 ? 1157 ILE A O   1 
ATOM   385 C  CB  . ILE A 1 51  ? -9.062  -3.490  10.583  1.00 10.16 ? 1157 ILE A CB  1 
ATOM   386 C  CG1 . ILE A 1 51  ? -8.890  -1.970  10.644  1.00 11.35 ? 1157 ILE A CG1 1 
ATOM   387 C  CG2 . ILE A 1 51  ? -10.538 -3.862  10.307  1.00 10.99 ? 1157 ILE A CG2 1 
ATOM   388 C  CD1 . ILE A 1 51  ? -9.593  -1.293  11.794  1.00 11.55 ? 1157 ILE A CD1 1 
ATOM   389 N  N   . ASN A 1 52  ? -8.259  -6.313  10.732  1.00 9.34  ? 1158 ASN A N   1 
ATOM   390 C  CA  . ASN A 1 52  ? -8.118  -7.778  10.686  1.00 9.55  ? 1158 ASN A CA  1 
ATOM   391 C  C   . ASN A 1 52  ? -6.849  -8.294  10.039  1.00 9.71  ? 1158 ASN A C   1 
ATOM   392 O  O   . ASN A 1 52  ? -6.722  -9.521  9.808   1.00 11.82 ? 1158 ASN A O   1 
ATOM   393 C  CB  . ASN A 1 52  ? -9.322  -8.354  9.965   1.00 10.96 ? 1158 ASN A CB  1 
ATOM   394 C  CG  . ASN A 1 52  ? -10.636 -8.033  10.667  1.00 11.91 ? 1158 ASN A CG  1 
ATOM   395 O  OD1 . ASN A 1 52  ? -10.731 -8.226  11.884  1.00 15.76 ? 1158 ASN A OD1 1 
ATOM   396 N  ND2 . ASN A 1 52  ? -11.638 -7.583  9.927   1.00 11.98 ? 1158 ASN A ND2 1 
ATOM   397 N  N   . GLY A 1 53  ? -5.880  -7.407  9.892   1.00 9.12  ? 1159 GLY A N   1 
ATOM   398 C  CA  . GLY A 1 53  ? -4.504  -7.825  9.479   1.00 8.91  ? 1159 GLY A CA  1 
ATOM   399 C  C   . GLY A 1 53  ? -4.406  -8.471  8.105   1.00 8.61  ? 1159 GLY A C   1 
ATOM   400 O  O   . GLY A 1 53  ? -3.525  -9.314  7.852   1.00 10.24 ? 1159 GLY A O   1 
ATOM   401 N  N   . HIS A 1 54  ? -5.254  -8.120  7.167   1.00 8.67  ? 1160 HIS A N   1 
ATOM   402 C  CA  . HIS A 1 54  ? -5.279  -8.833  5.886   1.00 8.99  ? 1160 HIS A CA  1 
ATOM   403 C  C   . HIS A 1 54  ? -4.115  -8.404  5.030   1.00 8.26  ? 1160 HIS A C   1 
ATOM   404 O  O   . HIS A 1 54  ? -3.618  -9.196  4.245   1.00 8.97  ? 1160 HIS A O   1 
ATOM   405 C  CB  . HIS A 1 54  ? -6.657  -8.764  5.208   1.00 9.38  ? 1160 HIS A CB  1 
ATOM   406 C  CG  . HIS A 1 54  ? -7.681  -9.577  5.942   1.00 9.57  ? 1160 HIS A CG  1 
ATOM   407 N  ND1 . HIS A 1 54  ? -8.908  -9.114  6.385   1.00 9.49  ? 1160 HIS A ND1 1 
ATOM   408 C  CD2 . HIS A 1 54  ? -7.615  -10.882 6.328   1.00 10.70 ? 1160 HIS A CD2 1 
ATOM   409 C  CE1 . HIS A 1 54  ? -9.542  -10.101 7.016   1.00 9.60  ? 1160 HIS A CE1 1 
ATOM   410 N  NE2 . HIS A 1 54  ? -8.776  -11.175 7.029   1.00 10.04 ? 1160 HIS A NE2 1 
ATOM   411 N  N   . MET A 1 55  ? -3.647  -7.165  5.117   1.00 7.88  ? 1161 MET A N   1 
ATOM   412 C  CA  . MET A 1 55  ? -2.484  -6.764  4.310   1.00 7.11  ? 1161 MET A CA  1 
ATOM   413 C  C   . MET A 1 55  ? -1.199  -7.518  4.774   1.00 7.46  ? 1161 MET A C   1 
ATOM   414 O  O   . MET A 1 55  ? -0.387  -7.994  3.974   1.00 7.41  ? 1161 MET A O   1 
ATOM   415 C  CB  . MET A 1 55  ? -2.243  -5.253  4.221   1.00 6.94  ? 1161 MET A CB  1 
ATOM   416 C  CG  . MET A 1 55  ? -1.172  -4.872  3.185   1.00 6.63  ? 1161 MET A CG  1 
ATOM   417 S  SD  . MET A 1 55  ? -1.527  -5.527  1.524   1.00 6.96  ? 1161 MET A SD  1 
ATOM   418 C  CE  . MET A 1 55  ? -2.486  -4.107  0.900   1.00 7.70  ? 1161 MET A CE  1 
ATOM   419 N  N   . LEU A 1 56  ? -1.041  -7.627  6.074   1.00 8.18  ? 1162 LEU A N   1 
ATOM   420 C  CA  . LEU A 1 56  ? 0.033   -8.508  6.601   1.00 9.30  ? 1162 LEU A CA  1 
ATOM   421 C  C   . LEU A 1 56  ? -0.079  -9.928  6.055   1.00 8.65  ? 1162 LEU A C   1 
ATOM   422 O  O   . LEU A 1 56  ? 0.921   -10.532 5.619   1.00 8.74  ? 1162 LEU A O   1 
ATOM   423 C  CB  . LEU A 1 56  ? 0.076   -8.469  8.144   1.00 11.87 ? 1162 LEU A CB  1 
ATOM   424 C  CG  . LEU A 1 56  ? 1.206   -9.290  8.732   1.00 14.73 ? 1162 LEU A CG  1 
ATOM   425 C  CD1 . LEU A 1 56  ? 2.616   -8.842  8.387   1.00 14.13 ? 1162 LEU A CD1 1 
ATOM   426 C  CD2 . LEU A 1 56  ? 0.920   -9.367  10.279  1.00 15.92 ? 1162 LEU A CD2 1 
ATOM   427 N  N   . GLN A 1 57  ? -1.266  -10.478 6.032   1.00 8.92  ? 1163 GLN A N   1 
ATOM   428 C  CA  . GLN A 1 57  ? -1.482  -11.824 5.445   1.00 9.43  ? 1163 GLN A CA  1 
ATOM   429 C  C   . GLN A 1 57  ? -1.122  -11.828 3.978   1.00 9.15  ? 1163 GLN A C   1 
ATOM   430 O  O   . GLN A 1 57  ? -0.463  -12.766 3.481   1.00 9.61  ? 1163 GLN A O   1 
ATOM   431 C  CB  . GLN A 1 57  ? -2.939  -12.253 5.717   1.00 12.10 ? 1163 GLN A CB  1 
ATOM   432 C  CG  . GLN A 1 57  ? -3.360  -13.543 5.099   1.00 15.03 ? 1163 GLN A CG  1 
ATOM   433 C  CD  . GLN A 1 57  ? -4.842  -13.815 5.403   1.00 18.42 ? 1163 GLN A CD  1 
ATOM   434 O  OE1 . GLN A 1 57  ? -5.206  -13.832 6.566   1.00 22.50 ? 1163 GLN A OE1 1 
ATOM   435 N  NE2 . GLN A 1 57  ? -5.700  -13.773 4.371   1.00 23.21 ? 1163 GLN A NE2 1 
ATOM   436 N  N   . HIS A 1 58  ? -1.515  -10.802 3.226   1.00 7.40  ? 1164 HIS A N   1 
ATOM   437 C  CA  . HIS A 1 58  ? -1.147  -10.718 1.812   1.00 8.17  ? 1164 HIS A CA  1 
ATOM   438 C  C   . HIS A 1 58  ? 0.377   -10.691 1.669   1.00 7.58  ? 1164 HIS A C   1 
ATOM   439 O  O   . HIS A 1 58  ? 0.937   -11.400 0.840   1.00 8.73  ? 1164 HIS A O   1 
ATOM   440 C  CB  . HIS A 1 58  ? -1.754  -9.449  1.179   1.00 7.81  ? 1164 HIS A CB  1 
ATOM   441 C  CG  . HIS A 1 58  ? -1.349  -9.243  -0.230  1.00 7.83  ? 1164 HIS A CG  1 
ATOM   442 N  ND1 . HIS A 1 58  ? -1.701  -10.144 -1.222  1.00 8.61  ? 1164 HIS A ND1 1 
ATOM   443 C  CD2 . HIS A 1 58  ? -0.556  -8.315  -0.807  1.00 7.47  ? 1164 HIS A CD2 1 
ATOM   444 C  CE1 . HIS A 1 58  ? -1.236  -9.651  -2.379  1.00 7.84  ? 1164 HIS A CE1 1 
ATOM   445 N  NE2 . HIS A 1 58  ? -0.470  -8.605  -2.150  1.00 8.93  ? 1164 HIS A NE2 1 
ATOM   446 N  N   . HIS A 1 59  ? 1.030   -9.923  2.496   1.00 8.10  ? 1165 HIS A N   1 
ATOM   447 C  CA  . HIS A 1 59  ? 2.520   -9.884  2.466   1.00 7.50  ? 1165 HIS A CA  1 
ATOM   448 C  C   . HIS A 1 59  ? 3.083   -11.298 2.643   1.00 8.49  ? 1165 HIS A C   1 
ATOM   449 O  O   . HIS A 1 59  ? 4.034   -11.722 1.934   1.00 7.82  ? 1165 HIS A O   1 
ATOM   450 C  CB  . HIS A 1 59  ? 3.126   -8.956  3.512   1.00 8.16  ? 1165 HIS A CB  1 
ATOM   451 C  CG  . HIS A 1 59  ? 4.586   -9.174  3.661   1.00 7.56  ? 1165 HIS A CG  1 
ATOM   452 N  ND1 . HIS A 1 59  ? 5.500   -8.817  2.693   1.00 7.52  ? 1165 HIS A ND1 1 
ATOM   453 C  CD2 . HIS A 1 59  ? 5.279   -9.839  4.634   1.00 7.54  ? 1165 HIS A CD2 1 
ATOM   454 C  CE1 . HIS A 1 59  ? 6.689   -9.250  3.075   1.00 8.99  ? 1165 HIS A CE1 1 
ATOM   455 N  NE2 . HIS A 1 59  ? 6.580   -9.902  4.232   1.00 7.91  ? 1165 HIS A NE2 1 
ATOM   456 N  N   . GLY A 1 60  ? 2.524   -12.020 3.617   1.00 8.05  ? 1166 GLY A N   1 
ATOM   457 C  CA  . GLY A 1 60  ? 3.062   -13.330 3.890   1.00 8.75  ? 1166 GLY A CA  1 
ATOM   458 C  C   . GLY A 1 60  ? 2.785   -14.303 2.768   1.00 8.57  ? 1166 GLY A C   1 
ATOM   459 O  O   . GLY A 1 60  ? 3.613   -15.219 2.541   1.00 9.26  ? 1166 GLY A O   1 
ATOM   460 N  N   . ASN A 1 61  ? 1.626   -14.213 2.117   1.00 9.32  ? 1167 ASN A N   1 
ATOM   461 C  CA  . ASN A 1 61  ? 1.308   -15.248 1.095   1.00 10.51 ? 1167 ASN A CA  1 
ATOM   462 C  C   . ASN A 1 61  ? 1.741   -14.903 -0.318  1.00 10.55 ? 1167 ASN A C   1 
ATOM   463 O  O   . ASN A 1 61  ? 1.702   -15.743 -1.253  1.00 9.91  ? 1167 ASN A O   1 
ATOM   464 C  CB  . ASN A 1 61  ? -0.163  -15.683 1.175   1.00 13.13 ? 1167 ASN A CB  1 
ATOM   465 C  CG  . ASN A 1 61  ? -1.139  -14.562 0.755   1.00 14.49 ? 1167 ASN A CG  1 
ATOM   466 O  OD1 . ASN A 1 61  ? -0.898  -13.874 -0.213  1.00 15.78 ? 1167 ASN A OD1 1 
ATOM   467 N  ND2 . ASN A 1 61  ? -2.323  -14.480 1.458   1.00 14.48 ? 1167 ASN A ND2 1 
ATOM   468 N  N   . SER A 1 62  ? 2.220   -13.669 -0.509  1.00 8.59  ? 1168 SER A N   1 
ATOM   469 C  CA  . SER A 1 62  ? 2.670   -13.219 -1.793  1.00 8.73  ? 1168 SER A CA  1 
ATOM   470 C  C   . SER A 1 62  ? 4.178   -12.869 -1.812  1.00 8.77  ? 1168 SER A C   1 
ATOM   471 O  O   . SER A 1 62  ? 4.800   -12.817 -2.926  1.00 9.56  ? 1168 SER A O   1 
ATOM   472 C  CB  . SER A 1 62  ? 1.925   -11.975 -2.316  1.00 8.73  ? 1168 SER A CB  1 
ATOM   473 O  OG  . SER A 1 62  ? 2.193   -10.854 -1.482  1.00 9.16  ? 1168 SER A OG  1 
ATOM   474 N  N   . GLY A 1 63  ? 4.666   -12.399 -0.654  1.00 8.27  ? 1169 GLY A N   1 
ATOM   475 C  CA  . GLY A 1 63  ? 5.953   -11.771 -0.502  1.00 8.75  ? 1169 GLY A CA  1 
ATOM   476 C  C   . GLY A 1 63  ? 6.079   -10.357 -0.981  1.00 8.40  ? 1169 GLY A C   1 
ATOM   477 O  O   . GLY A 1 63  ? 7.145   -9.798  -1.006  1.00 9.13  ? 1169 GLY A O   1 
ATOM   478 N  N   . HIS A 1 64  ? 4.966   -9.758  -1.424  1.00 7.59  ? 1170 HIS A N   1 
ATOM   479 C  CA  . HIS A 1 64  ? 5.032   -8.397  -1.923  1.00 7.08  ? 1170 HIS A CA  1 
ATOM   480 C  C   . HIS A 1 64  ? 5.437   -7.453  -0.789  1.00 6.79  ? 1170 HIS A C   1 
ATOM   481 O  O   . HIS A 1 64  ? 4.932   -7.553  0.330   1.00 7.85  ? 1170 HIS A O   1 
ATOM   482 C  CB  . HIS A 1 64  ? 3.715   -7.964  -2.553  1.00 6.88  ? 1170 HIS A CB  1 
ATOM   483 C  CG  . HIS A 1 64  ? 3.348   -8.743  -3.753  1.00 7.44  ? 1170 HIS A CG  1 
ATOM   484 N  ND1 . HIS A 1 64  ? 2.084   -8.726  -4.319  1.00 7.30  ? 1170 HIS A ND1 1 
ATOM   485 C  CD2 . HIS A 1 64  ? 4.095   -9.573  -4.519  1.00 7.97  ? 1170 HIS A CD2 1 
ATOM   486 C  CE1 . HIS A 1 64  ? 2.097   -9.476  -5.421  1.00 7.70  ? 1170 HIS A CE1 1 
ATOM   487 N  NE2 . HIS A 1 64  ? 3.315   -9.968  -5.570  1.00 7.68  ? 1170 HIS A NE2 1 
ATOM   488 N  N   . PRO A 1 65  ? 6.440   -6.608  -1.082  1.00 7.08  ? 1171 PRO A N   1 
ATOM   489 C  CA  . PRO A 1 65  ? 7.052   -5.865  -0.009  1.00 7.00  ? 1171 PRO A CA  1 
ATOM   490 C  C   . PRO A 1 65  ? 6.396   -4.594  0.522   1.00 6.59  ? 1171 PRO A C   1 
ATOM   491 O  O   . PRO A 1 65  ? 6.406   -4.353  1.748   1.00 6.94  ? 1171 PRO A O   1 
ATOM   492 C  CB  . PRO A 1 65  ? 8.431   -5.508  -0.568  1.00 7.35  ? 1171 PRO A CB  1 
ATOM   493 C  CG  . PRO A 1 65  ? 8.214   -5.436  -2.033  1.00 7.16  ? 1171 PRO A CG  1 
ATOM   494 C  CD  . PRO A 1 65  ? 7.208   -6.485  -2.361  1.00 6.98  ? 1171 PRO A CD  1 
ATOM   495 N  N   . LEU A 1 66  ? 5.939   -3.754  -0.398  1.00 6.93  ? 1172 LEU A N   1 
ATOM   496 C  CA  . LEU A 1 66  ? 5.608   -2.370  -0.106  1.00 7.18  ? 1172 LEU A CA  1 
ATOM   497 C  C   . LEU A 1 66  ? 4.153   -2.109  -0.268  1.00 6.91  ? 1172 LEU A C   1 
ATOM   498 O  O   . LEU A 1 66  ? 3.552   -2.506  -1.273  1.00 7.47  ? 1172 LEU A O   1 
ATOM   499 C  CB  . LEU A 1 66  ? 6.411   -1.474  -1.012  1.00 7.00  ? 1172 LEU A CB  1 
ATOM   500 C  CG  . LEU A 1 66  ? 7.853   -1.212  -0.560  1.00 7.92  ? 1172 LEU A CG  1 
ATOM   501 C  CD1 . LEU A 1 66  ? 8.854   -1.008  -1.714  1.00 9.20  ? 1172 LEU A CD1 1 
ATOM   502 C  CD2 . LEU A 1 66  ? 7.891   0.004   0.357   1.00 8.59  ? 1172 LEU A CD2 1 
ATOM   503 N  N   . VAL A 1 67  ? 3.583   -1.398  0.695   1.00 6.75  ? 1173 VAL A N   1 
ATOM   504 C  CA  . VAL A 1 67  ? 2.163   -1.079  0.692   1.00 7.09  ? 1173 VAL A CA  1 
ATOM   505 C  C   . VAL A 1 67  ? 1.948   0.398   1.076   1.00 7.06  ? 1173 VAL A C   1 
ATOM   506 O  O   . VAL A 1 67  ? 2.759   0.971   1.797   1.00 7.62  ? 1173 VAL A O   1 
ATOM   507 C  CB  . VAL A 1 67  ? 1.399   -1.997  1.685   1.00 7.08  ? 1173 VAL A CB  1 
ATOM   508 C  CG1 . VAL A 1 67  ? 1.527   -3.447  1.217   1.00 7.94  ? 1173 VAL A CG1 1 
ATOM   509 C  CG2 . VAL A 1 67  ? 1.940   -1.871  3.110   1.00 7.33  ? 1173 VAL A CG2 1 
ATOM   510 N  N   . LEU A 1 68  ? 0.880   0.980   0.563   1.00 7.01  ? 1174 LEU A N   1 
ATOM   511 C  CA  . LEU A 1 68  ? 0.524   2.386   0.725   1.00 8.24  ? 1174 LEU A CA  1 
ATOM   512 C  C   . LEU A 1 68  ? -0.745  2.504   1.537   1.00 7.80  ? 1174 LEU A C   1 
ATOM   513 O  O   . LEU A 1 68  ? -1.752  1.889   1.218   1.00 8.07  ? 1174 LEU A O   1 
ATOM   514 C  CB  . LEU A 1 68  ? 0.419   2.992   -0.654  1.00 10.00 ? 1174 LEU A CB  1 
ATOM   515 C  CG  . LEU A 1 68  ? 0.053   4.496   -0.676  1.00 11.32 ? 1174 LEU A CG  1 
ATOM   516 C  CD1 . LEU A 1 68  ? 1.187   5.401   -0.232  1.00 13.52 ? 1174 LEU A CD1 1 
ATOM   517 C  CD2 . LEU A 1 68  ? -0.496  4.861   -2.039  1.00 13.12 ? 1174 LEU A CD2 1 
ATOM   518 N  N   . SER A 1 69  ? -0.698  3.338   2.574   1.00 7.38  ? 1175 SER A N   1 
ATOM   519 C  CA  . SER A 1 69  ? -1.873  3.611   3.449   1.00 7.53  ? 1175 SER A CA  1 
ATOM   520 C  C   . SER A 1 69  ? -2.861  4.552   2.773   1.00 7.96  ? 1175 SER A C   1 
ATOM   521 O  O   . SER A 1 69  ? -2.526  5.666   2.332   1.00 7.37  ? 1175 SER A O   1 
ATOM   522 C  CB  . SER A 1 69  ? -1.344  4.328   4.688   1.00 7.54  ? 1175 SER A CB  1 
ATOM   523 O  OG  . SER A 1 69  ? -2.504  4.694   5.467   1.00 9.36  ? 1175 SER A OG  1 
ATOM   524 N  N   . TYR A 1 70  ? -4.135  4.132   2.756   1.00 7.80  ? 1176 TYR A N   1 
ATOM   525 C  CA  . TYR A 1 70  ? -5.216  5.019   2.317   1.00 8.20  ? 1176 TYR A CA  1 
ATOM   526 C  C   . TYR A 1 70  ? -5.629  6.011   3.391   1.00 9.38  ? 1176 TYR A C   1 
ATOM   527 O  O   . TYR A 1 70  ? -6.397  6.925   3.078   1.00 11.30 ? 1176 TYR A O   1 
ATOM   528 C  CB  . TYR A 1 70  ? -6.339  4.201   1.791   1.00 7.39  ? 1176 TYR A CB  1 
ATOM   529 C  CG  . TYR A 1 70  ? -6.104  3.638   0.415   1.00 7.68  ? 1176 TYR A CG  1 
ATOM   530 C  CD1 . TYR A 1 70  ? -5.182  4.208   -0.513  1.00 7.58  ? 1176 TYR A CD1 1 
ATOM   531 C  CD2 . TYR A 1 70  ? -6.848  2.542   -0.032  1.00 7.39  ? 1176 TYR A CD2 1 
ATOM   532 C  CE1 . TYR A 1 70  ? -5.092  3.739   -1.822  1.00 7.90  ? 1176 TYR A CE1 1 
ATOM   533 C  CE2 . TYR A 1 70  ? -6.763  2.091   -1.354  1.00 7.52  ? 1176 TYR A CE2 1 
ATOM   534 C  CZ  . TYR A 1 70  ? -5.889  2.684   -2.227  1.00 7.58  ? 1176 TYR A CZ  1 
ATOM   535 O  OH  . TYR A 1 70  ? -5.714  2.327   -3.527  1.00 9.32  ? 1176 TYR A OH  1 
ATOM   536 N  N   . ILE A 1 71  ? -5.092  5.913   4.597   1.00 10.77 ? 1177 ILE A N   1 
ATOM   537 C  CA  . ILE A 1 71  ? -5.374  6.891   5.644   1.00 12.08 ? 1177 ILE A CA  1 
ATOM   538 C  C   . ILE A 1 71  ? -4.434  8.093   5.550   1.00 12.13 ? 1177 ILE A C   1 
ATOM   539 O  O   . ILE A 1 71  ? -4.913  9.222   5.643   1.00 16.25 ? 1177 ILE A O   1 
ATOM   540 C  CB  . ILE A 1 71  ? -5.198  6.304   7.063   1.00 16.50 ? 1177 ILE A CB  1 
ATOM   541 C  CG1 . ILE A 1 71  ? -6.193  5.158   7.388   1.00 21.83 ? 1177 ILE A CG1 1 
ATOM   542 C  CG2 . ILE A 1 71  ? -5.226  7.385   8.122   1.00 18.66 ? 1177 ILE A CG2 1 
ATOM   543 C  CD1 . ILE A 1 71  ? -7.514  5.145   6.702   1.00 24.70 ? 1177 ILE A CD1 1 
ATOM   544 N  N   . ASP A 1 72  ? -3.127  7.870   5.390   1.00 11.43 ? 1178 ASP A N   1 
ATOM   545 C  CA  . ASP A 1 72  ? -2.147  9.018   5.369   1.00 12.56 ? 1178 ASP A CA  1 
ATOM   546 C  C   . ASP A 1 72  ? -1.094  8.975   4.275   1.00 11.85 ? 1178 ASP A C   1 
ATOM   547 O  O   . ASP A 1 72  ? -0.145  9.764   4.289   1.00 12.94 ? 1178 ASP A O   1 
ATOM   548 C  CB  . ASP A 1 72  ? -1.412  9.074   6.758   1.00 14.68 ? 1178 ASP A CB  1 
ATOM   549 C  CG  . ASP A 1 72  ? -0.413  8.002   6.912   1.00 17.10 ? 1178 ASP A CG  1 
ATOM   550 O  OD1 . ASP A 1 72  ? -0.364  7.061   6.108   1.00 13.65 ? 1178 ASP A OD1 1 
ATOM   551 O  OD2 . ASP A 1 72  ? 0.335   8.070   7.884   1.00 23.01 ? 1178 ASP A OD2 1 
ATOM   552 N  N   . LEU A 1 73  ? -1.209  8.036   3.319   1.00 10.03 ? 1179 LEU A N   1 
ATOM   553 C  CA  . LEU A 1 73  ? -0.345  7.947   2.138   1.00 10.35 ? 1179 LEU A CA  1 
ATOM   554 C  C   . LEU A 1 73  ? 1.102   7.677   2.475   1.00 10.82 ? 1179 LEU A C   1 
ATOM   555 O  O   . LEU A 1 73  ? 1.984   7.967   1.681   1.00 11.17 ? 1179 LEU A O   1 
ATOM   556 C  CB  . LEU A 1 73  ? -0.497  9.233   1.253   1.00 10.56 ? 1179 LEU A CB  1 
ATOM   557 C  CG  . LEU A 1 73  ? -1.916  9.614   0.863   1.00 12.05 ? 1179 LEU A CG  1 
ATOM   558 C  CD1 . LEU A 1 73  ? -1.959  10.790  -0.084  1.00 12.45 ? 1179 LEU A CD1 1 
ATOM   559 C  CD2 . LEU A 1 73  ? -2.745  8.495   0.228   1.00 12.77 ? 1179 LEU A CD2 1 
ATOM   560 N  N   . SER A 1 74  ? 1.334   7.054   3.613   1.00 11.11 ? 1180 SER A N   1 
ATOM   561 C  CA  . SER A 1 74  ? 2.657   6.572   3.965   1.00 9.69  ? 1180 SER A CA  1 
ATOM   562 C  C   . SER A 1 74  ? 2.829   5.226   3.224   1.00 9.50  ? 1180 SER A C   1 
ATOM   563 O  O   . SER A 1 74  ? 1.866   4.488   3.012   1.00 10.36 ? 1180 SER A O   1 
ATOM   564 C  CB  . SER A 1 74  ? 2.806   6.387   5.445   1.00 11.38 ? 1180 SER A CB  1 
ATOM   565 O  OG  . SER A 1 74  ? 1.878   5.511   6.036   1.00 15.06 ? 1180 SER A OG  1 
ATOM   566 N  N   . ALA A 1 75  ? 4.070   4.853   2.994   1.00 8.38  ? 1181 ALA A N   1 
ATOM   567 C  CA  . ALA A 1 75  ? 4.489   3.565   2.361   1.00 8.27  ? 1181 ALA A CA  1 
ATOM   568 C  C   . ALA A 1 75  ? 5.357   2.801   3.312   1.00 8.00  ? 1181 ALA A C   1 
ATOM   569 O  O   . ALA A 1 75  ? 6.367   3.315   3.803   1.00 8.64  ? 1181 ALA A O   1 
ATOM   570 C  CB  . ALA A 1 75  ? 5.256   3.817   1.024   1.00 8.97  ? 1181 ALA A CB  1 
ATOM   571 N  N   . TRP A 1 76  ? 4.953   1.549   3.614   1.00 6.65  ? 1182 TRP A N   1 
ATOM   572 C  CA  . TRP A 1 76  ? 5.640   0.647   4.550   1.00 6.63  ? 1182 TRP A CA  1 
ATOM   573 C  C   . TRP A 1 76  ? 6.173   -0.500  3.804   1.00 6.84  ? 1182 TRP A C   1 
ATOM   574 O  O   . TRP A 1 76  ? 5.529   -1.058  2.923   1.00 6.72  ? 1182 TRP A O   1 
ATOM   575 C  CB  . TRP A 1 76  ? 4.605   0.117   5.582   1.00 6.58  ? 1182 TRP A CB  1 
ATOM   576 C  CG  . TRP A 1 76  ? 5.131   -0.873  6.584   1.00 6.94  ? 1182 TRP A CG  1 
ATOM   577 C  CD1 . TRP A 1 76  ? 5.049   -2.172  6.546   1.00 6.73  ? 1182 TRP A CD1 1 
ATOM   578 C  CD2 . TRP A 1 76  ? 5.883   -0.525  7.763   1.00 6.92  ? 1182 TRP A CD2 1 
ATOM   579 N  NE1 . TRP A 1 76  ? 5.652   -2.727  7.674   1.00 8.26  ? 1182 TRP A NE1 1 
ATOM   580 C  CE2 . TRP A 1 76  ? 6.170   -1.707  8.427   1.00 7.12  ? 1182 TRP A CE2 1 
ATOM   581 C  CE3 . TRP A 1 76  ? 6.255   0.709   8.333   1.00 7.40  ? 1182 TRP A CE3 1 
ATOM   582 C  CZ2 . TRP A 1 76  ? 6.807   -1.695  9.686   1.00 7.40  ? 1182 TRP A CZ2 1 
ATOM   583 C  CZ3 . TRP A 1 76  ? 6.944   0.716   9.545   1.00 7.58  ? 1182 TRP A CZ3 1 
ATOM   584 C  CH2 . TRP A 1 76  ? 7.207   -0.464  10.162  1.00 7.53  ? 1182 TRP A CH2 1 
ATOM   585 N  N   . CYS A 1 77  ? 7.405   -0.847  4.149   1.00 6.77  ? 1183 CYS A N   1 
ATOM   586 C  CA  . CYS A 1 77  ? 8.023   -2.063  3.671   1.00 7.00  ? 1183 CYS A CA  1 
ATOM   587 C  C   . CYS A 1 77  ? 8.003   -3.106  4.775   1.00 6.80  ? 1183 CYS A C   1 
ATOM   588 O  O   . CYS A 1 77  ? 8.631   -2.953  5.807   1.00 7.10  ? 1183 CYS A O   1 
ATOM   589 C  CB  . CYS A 1 77  ? 9.485   -1.871  3.270   1.00 6.67  ? 1183 CYS A CB  1 
ATOM   590 S  SG  . CYS A 1 77  ? 10.259  -3.380  2.572   1.00 6.01  ? 1183 CYS A SG  1 
ATOM   591 N  N   . TYR A 1 78  ? 7.444   -4.267  4.469   1.00 6.71  ? 1184 TYR A N   1 
ATOM   592 C  CA  . TYR A 1 78  ? 7.319   -5.347  5.471   1.00 7.01  ? 1184 TYR A CA  1 
ATOM   593 C  C   . TYR A 1 78  ? 8.653   -6.060  5.703   1.00 7.36  ? 1184 TYR A C   1 
ATOM   594 O  O   . TYR A 1 78  ? 8.818   -6.712  6.762   1.00 9.41  ? 1184 TYR A O   1 
ATOM   595 C  CB  . TYR A 1 78  ? 6.266   -6.378  5.038   1.00 7.09  ? 1184 TYR A CB  1 
ATOM   596 C  CG  . TYR A 1 78  ? 4.856   -5.951  5.181   1.00 7.66  ? 1184 TYR A CG  1 
ATOM   597 C  CD1 . TYR A 1 78  ? 4.205   -5.967  6.437   1.00 7.50  ? 1184 TYR A CD1 1 
ATOM   598 C  CD2 . TYR A 1 78  ? 4.116   -5.546  4.082   1.00 7.35  ? 1184 TYR A CD2 1 
ATOM   599 C  CE1 . TYR A 1 78  ? 2.910   -5.534  6.563   1.00 7.52  ? 1184 TYR A CE1 1 
ATOM   600 C  CE2 . TYR A 1 78  ? 2.805   -5.180  4.221   1.00 7.13  ? 1184 TYR A CE2 1 
ATOM   601 C  CZ  . TYR A 1 78  ? 2.227   -5.145  5.454   1.00 8.37  ? 1184 TYR A CZ  1 
ATOM   602 O  OH  . TYR A 1 78  ? 0.893   -4.794  5.549   1.00 9.93  ? 1184 TYR A OH  1 
ATOM   603 N  N   . TYR A 1 79  ? 9.589   -6.016  4.721   1.00 6.75  ? 1185 TYR A N   1 
ATOM   604 C  CA  . TYR A 1 79  ? 10.906  -6.655  4.930   1.00 7.10  ? 1185 TYR A CA  1 
ATOM   605 C  C   . TYR A 1 79  ? 11.752  -5.752  5.760   1.00 7.65  ? 1185 TYR A C   1 
ATOM   606 O  O   . TYR A 1 79  ? 12.360  -6.171  6.761   1.00 8.45  ? 1185 TYR A O   1 
ATOM   607 C  CB  . TYR A 1 79  ? 11.557  -6.925  3.605   1.00 7.88  ? 1185 TYR A CB  1 
ATOM   608 C  CG  . TYR A 1 79  ? 10.917  -8.002  2.753   1.00 8.45  ? 1185 TYR A CG  1 
ATOM   609 C  CD1 . TYR A 1 79  ? 11.134  -9.325  3.012   1.00 9.85  ? 1185 TYR A CD1 1 
ATOM   610 C  CD2 . TYR A 1 79  ? 10.123  -7.686  1.699   1.00 8.74  ? 1185 TYR A CD2 1 
ATOM   611 C  CE1 . TYR A 1 79  ? 10.597  -10.315 2.196   1.00 10.02 ? 1185 TYR A CE1 1 
ATOM   612 C  CE2 . TYR A 1 79  ? 9.581   -8.662  0.885   1.00 8.87  ? 1185 TYR A CE2 1 
ATOM   613 C  CZ  . TYR A 1 79  ? 9.802   -9.962  1.147   1.00 10.28 ? 1185 TYR A CZ  1 
ATOM   614 O  OH  . TYR A 1 79  ? 9.230   -10.900 0.300   1.00 10.48 ? 1185 TYR A OH  1 
ATOM   615 N  N   . CYS A 1 80  ? 11.844  -4.478  5.349   1.00 7.66  ? 1186 CYS A N   1 
ATOM   616 C  CA  . CYS A 1 80  ? 12.668  -3.514  6.102   1.00 7.43  ? 1186 CYS A CA  1 
ATOM   617 C  C   . CYS A 1 80  ? 12.033  -3.116  7.427   1.00 8.57  ? 1186 CYS A C   1 
ATOM   618 O  O   . CYS A 1 80  ? 12.760  -2.528  8.261   1.00 9.52  ? 1186 CYS A O   1 
ATOM   619 C  CB  . CYS A 1 80  ? 12.939  -2.298  5.193   1.00 7.56  ? 1186 CYS A CB  1 
ATOM   620 S  SG  . CYS A 1 80  ? 13.924  -2.697  3.684   1.00 7.57  ? 1186 CYS A SG  1 
ATOM   621 N  N   . GLN A 1 81  ? 10.746  -3.358  7.616   1.00 8.47  ? 1187 GLN A N   1 
ATOM   622 C  CA  . GLN A 1 81  ? 9.998   -2.940  8.802   1.00 8.81  ? 1187 GLN A CA  1 
ATOM   623 C  C   . GLN A 1 81  ? 10.221  -1.433  9.071   1.00 7.80  ? 1187 GLN A C   1 
ATOM   624 O  O   . GLN A 1 81  ? 10.607  -0.990  10.150  1.00 8.77  ? 1187 GLN A O   1 
ATOM   625 C  CB  . GLN A 1 81  ? 10.290  -3.832  10.006  1.00 10.66 ? 1187 GLN A CB  1 
ATOM   626 C  CG  . GLN A 1 81  ? 9.864   -5.228  9.775   1.00 13.52 ? 1187 GLN A CG  1 
ATOM   627 C  CD  . GLN A 1 81  ? 10.132  -6.067  11.027  1.00 18.55 ? 1187 GLN A CD  1 
ATOM   628 O  OE1 . GLN A 1 81  ? 11.124  -6.752  11.106  1.00 28.04 ? 1187 GLN A OE1 1 
ATOM   629 N  NE2 . GLN A 1 81  ? 9.264   -5.961  12.004  1.00 22.13 ? 1187 GLN A NE2 1 
ATOM   630 N  N   . ALA A 1 82  ? 9.906   -0.677  8.037   1.00 7.04  ? 1188 ALA A N   1 
ATOM   631 C  CA  . ALA A 1 82  ? 10.119  0.802   7.975   1.00 7.41  ? 1188 ALA A CA  1 
ATOM   632 C  C   . ALA A 1 82  ? 9.304   1.460   6.940   1.00 6.93  ? 1188 ALA A C   1 
ATOM   633 O  O   . ALA A 1 82  ? 8.938   0.846   5.919   1.00 7.17  ? 1188 ALA A O   1 
ATOM   634 C  CB  . ALA A 1 82  ? 11.586  1.156   7.784   1.00 8.75  ? 1188 ALA A CB  1 
ATOM   635 N  N   . TYR A 1 83  ? 9.015   2.718   7.185   1.00 9.05  ? 1189 TYR A N   1 
ATOM   636 C  CA  . TYR A 1 83  ? 8.469   3.605   6.164   1.00 8.43  ? 1189 TYR A CA  1 
ATOM   637 C  C   . TYR A 1 83  ? 9.555   4.064   5.206   1.00 8.97  ? 1189 TYR A C   1 
ATOM   638 O  O   . TYR A 1 83  ? 10.691  4.174   5.599   1.00 7.82  ? 1189 TYR A O   1 
ATOM   639 C  CB  . TYR A 1 83  ? 7.805   4.834   6.783   1.00 8.91  ? 1189 TYR A CB  1 
ATOM   640 C  CG  . TYR A 1 83  ? 6.529   4.544   7.549   1.00 9.57  ? 1189 TYR A CG  1 
ATOM   641 C  CD1 . TYR A 1 83  ? 5.369   4.257   6.896   1.00 12.09 ? 1189 TYR A CD1 1 
ATOM   642 C  CD2 . TYR A 1 83  ? 6.565   4.523   8.927   1.00 10.93 ? 1189 TYR A CD2 1 
ATOM   643 C  CE1 . TYR A 1 83  ? 4.200   3.983   7.652   1.00 13.16 ? 1189 TYR A CE1 1 
ATOM   644 C  CE2 . TYR A 1 83  ? 5.452   4.224   9.684   1.00 13.83 ? 1189 TYR A CE2 1 
ATOM   645 C  CZ  . TYR A 1 83  ? 4.299   3.966   8.996   1.00 13.65 ? 1189 TYR A CZ  1 
ATOM   646 O  OH  . TYR A 1 83  ? 3.139   3.689   9.702   1.00 19.70 ? 1189 TYR A OH  1 
ATOM   647 N  N   . VAL A 1 84  ? 9.195   4.289   3.979   1.00 8.01  ? 1190 VAL A N   1 
ATOM   648 C  CA  . VAL A 1 84  ? 10.139  4.581   2.913   1.00 9.72  ? 1190 VAL A CA  1 
ATOM   649 C  C   . VAL A 1 84  ? 9.564   5.747   2.150   1.00 12.25 ? 1190 VAL A C   1 
ATOM   650 O  O   . VAL A 1 84  ? 8.344   5.803   1.861   1.00 11.58 ? 1190 VAL A O   1 
ATOM   651 C  CB  . VAL A 1 84  ? 10.353  3.378   1.979   1.00 9.14  ? 1190 VAL A CB  1 
ATOM   652 C  CG1 . VAL A 1 84  ? 11.346  3.708   0.855   1.00 8.09  ? 1190 VAL A CG1 1 
ATOM   653 C  CG2 . VAL A 1 84  ? 10.825  2.200   2.746   1.00 8.77  ? 1190 VAL A CG2 1 
ATOM   654 N  N   A HIS A 1 85  ? 10.397  6.676   1.762   0.50 12.25 ? 1191 HIS A N   1 
ATOM   655 N  N   B HIS A 1 85  ? 10.452  6.693   1.830   0.50 12.59 ? 1191 HIS A N   1 
ATOM   656 C  CA  A HIS A 1 85  ? 9.944   7.582   0.730   0.50 12.77 ? 1191 HIS A CA  1 
ATOM   657 C  CA  B HIS A 1 85  ? 10.173  7.892   0.989   0.50 13.27 ? 1191 HIS A CA  1 
ATOM   658 C  C   A HIS A 1 85  ? 11.073  7.782   -0.231  0.50 12.24 ? 1191 HIS A C   1 
ATOM   659 C  C   B HIS A 1 85  ? 11.145  7.815   -0.221  0.50 12.52 ? 1191 HIS A C   1 
ATOM   660 O  O   A HIS A 1 85  ? 12.232  7.882   0.131   0.50 14.01 ? 1191 HIS A O   1 
ATOM   661 O  O   B HIS A 1 85  ? 12.341  7.718   -0.004  0.50 14.29 ? 1191 HIS A O   1 
ATOM   662 C  CB  A HIS A 1 85  ? 9.449   8.923   1.232   0.50 12.42 ? 1191 HIS A CB  1 
ATOM   663 C  CB  B HIS A 1 85  ? 10.466  9.176   1.760   0.50 13.57 ? 1191 HIS A CB  1 
ATOM   664 C  CG  A HIS A 1 85  ? 9.004   9.812   0.114   0.50 12.56 ? 1191 HIS A CG  1 
ATOM   665 C  CG  B HIS A 1 85  ? 9.420   9.547   2.771   0.50 13.61 ? 1191 HIS A CG  1 
ATOM   666 N  ND1 A HIS A 1 85  ? 7.834   9.580   -0.573  0.50 11.70 ? 1191 HIS A ND1 1 
ATOM   667 N  ND1 B HIS A 1 85  ? 8.112   9.806   2.441   0.50 13.38 ? 1191 HIS A ND1 1 
ATOM   668 C  CD2 A HIS A 1 85  ? 9.641   10.801  -0.545  0.50 12.41 ? 1191 HIS A CD2 1 
ATOM   669 C  CD2 B HIS A 1 85  ? 9.512   9.727   4.109   0.50 14.73 ? 1191 HIS A CD2 1 
ATOM   670 C  CE1 A HIS A 1 85  ? 7.741   10.428  -1.566  0.50 12.51 ? 1191 HIS A CE1 1 
ATOM   671 C  CE1 B HIS A 1 85  ? 7.428   10.078  3.544   0.50 14.19 ? 1191 HIS A CE1 1 
ATOM   672 N  NE2 A HIS A 1 85  ? 8.835   11.167  -1.593  0.50 13.11 ? 1191 HIS A NE2 1 
ATOM   673 N  NE2 B HIS A 1 85  ? 8.260   10.075  4.566   0.50 13.71 ? 1191 HIS A NE2 1 
ATOM   674 N  N   . HIS A 1 86  ? 10.673  7.860   -1.456  1.00 12.76 ? 1192 HIS A N   1 
ATOM   675 C  CA  . HIS A 1 86  ? 11.625  7.914   -2.554  1.00 13.26 ? 1192 HIS A CA  1 
ATOM   676 C  C   . HIS A 1 86  ? 10.893  8.534   -3.692  1.00 14.59 ? 1192 HIS A C   1 
ATOM   677 O  O   . HIS A 1 86  ? 9.670   8.358   -3.825  1.00 14.28 ? 1192 HIS A O   1 
ATOM   678 C  CB  . HIS A 1 86  ? 12.155  6.487   -2.850  1.00 14.07 ? 1192 HIS A CB  1 
ATOM   679 C  CG  . HIS A 1 86  ? 13.271  6.461   -3.819  1.00 14.58 ? 1192 HIS A CG  1 
ATOM   680 N  ND1 . HIS A 1 86  ? 13.055  6.320   -5.173  1.00 16.68 ? 1192 HIS A ND1 1 
ATOM   681 C  CD2 . HIS A 1 86  ? 14.616  6.579   -3.655  1.00 16.61 ? 1192 HIS A CD2 1 
ATOM   682 C  CE1 . HIS A 1 86  ? 14.229  6.344   -5.800  1.00 18.13 ? 1192 HIS A CE1 1 
ATOM   683 N  NE2 . HIS A 1 86  ? 15.181  6.553   -4.907  1.00 17.27 ? 1192 HIS A NE2 1 
ATOM   684 N  N   . GLN A 1 87  ? 11.653  9.117   -4.629  1.00 16.02 ? 1193 GLN A N   1 
ATOM   685 C  CA  . GLN A 1 87  ? 11.087  9.611   -5.883  1.00 18.07 ? 1193 GLN A CA  1 
ATOM   686 C  C   . GLN A 1 87  ? 10.243  8.516   -6.577  1.00 16.37 ? 1193 GLN A C   1 
ATOM   687 O  O   . GLN A 1 87  ? 9.237   8.854   -7.167  1.00 17.43 ? 1193 GLN A O   1 
ATOM   688 C  CB  . GLN A 1 87  ? 12.266  10.108  -6.803  1.00 22.02 ? 1193 GLN A CB  1 
ATOM   689 C  CG  . GLN A 1 87  ? 11.869  10.877  -8.037  1.00 27.03 ? 1193 GLN A CG  1 
ATOM   690 C  CD  . GLN A 1 87  ? 13.074  11.576  -8.717  1.00 27.34 ? 1193 GLN A CD  1 
ATOM   691 O  OE1 . GLN A 1 87  ? 14.244  11.310  -8.395  1.00 30.99 ? 1193 GLN A OE1 1 
ATOM   692 N  NE2 . GLN A 1 87  ? 12.775  12.475  -9.660  1.00 30.08 ? 1193 GLN A NE2 1 
ATOM   693 N  N   . ALA A 1 88  ? 10.614  7.219   -6.509  1.00 17.67 ? 1194 ALA A N   1 
ATOM   694 C  CA  . ALA A 1 88  ? 9.889   6.086   -7.138  1.00 15.96 ? 1194 ALA A CA  1 
ATOM   695 C  C   . ALA A 1 88  ? 8.447   5.893   -6.598  1.00 15.45 ? 1194 ALA A C   1 
ATOM   696 O  O   . ALA A 1 88  ? 7.655   5.173   -7.173  1.00 18.81 ? 1194 ALA A O   1 
ATOM   697 C  CB  . ALA A 1 88  ? 10.656  4.746   -7.015  1.00 17.85 ? 1194 ALA A CB  1 
ATOM   698 N  N   . LEU A 1 89  ? 8.174   6.487   -5.467  1.00 13.17 ? 1195 LEU A N   1 
ATOM   699 C  CA  . LEU A 1 89  ? 6.842   6.436   -4.846  1.00 13.03 ? 1195 LEU A CA  1 
ATOM   700 C  C   . LEU A 1 89  ? 6.012   7.688   -5.120  1.00 14.24 ? 1195 LEU A C   1 
ATOM   701 O  O   . LEU A 1 89  ? 4.818   7.717   -4.754  1.00 12.57 ? 1195 LEU A O   1 
ATOM   702 C  CB  . LEU A 1 89  ? 7.008   6.239   -3.310  1.00 13.15 ? 1195 LEU A CB  1 
ATOM   703 C  CG  . LEU A 1 89  ? 7.732   5.010   -2.848  1.00 13.51 ? 1195 LEU A CG  1 
ATOM   704 C  CD1 . LEU A 1 89  ? 7.948   4.808   -1.357  1.00 14.30 ? 1195 LEU A CD1 1 
ATOM   705 C  CD2 . LEU A 1 89  ? 7.085   3.825   -3.465  1.00 14.97 ? 1195 LEU A CD2 1 
ATOM   706 N  N   . LEU A 1 90  ? 6.549   8.743   -5.767  1.00 13.95 ? 1196 LEU A N   1 
ATOM   707 C  CA  . LEU A 1 90  ? 5.757   9.952   -5.921  1.00 14.57 ? 1196 LEU A CA  1 
ATOM   708 C  C   . LEU A 1 90  ? 4.543   9.748   -6.818  1.00 14.40 ? 1196 LEU A C   1 
ATOM   709 O  O   . LEU A 1 90  ? 3.551   10.307  -6.510  1.00 13.76 ? 1196 LEU A O   1 
ATOM   710 C  CB  . LEU A 1 90  ? 6.595   11.220  -6.370  1.00 15.57 ? 1196 LEU A CB  1 
ATOM   711 C  CG  . LEU A 1 90  ? 7.632   11.733  -5.369  1.00 16.98 ? 1196 LEU A CG  1 
ATOM   712 C  CD1 . LEU A 1 90  ? 8.582   12.819  -5.937  1.00 18.14 ? 1196 LEU A CD1 1 
ATOM   713 C  CD2 . LEU A 1 90  ? 6.931   12.373  -4.194  1.00 19.16 ? 1196 LEU A CD2 1 
ATOM   714 N  N   . ASP A 1 91  ? 4.637   9.052   -7.935  1.00 17.71 ? 1197 ASP A N   1 
ATOM   715 C  CA  . ASP A 1 91  ? 3.521   8.931   -8.859  1.00 17.30 ? 1197 ASP A CA  1 
ATOM   716 C  C   . ASP A 1 91  ? 2.368   8.261   -8.157  1.00 15.63 ? 1197 ASP A C   1 
ATOM   717 O  O   . ASP A 1 91  ? 1.224   8.718   -8.211  1.00 16.95 ? 1197 ASP A O   1 
ATOM   718 C  CB  . ASP A 1 91  ? 3.863   8.128   -10.137 1.00 20.66 ? 1197 ASP A CB  1 
ATOM   719 C  CG  . ASP A 1 91  ? 4.654   8.926   -11.146 1.00 26.91 ? 1197 ASP A CG  1 
ATOM   720 O  OD1 . ASP A 1 91  ? 4.694   10.184  -11.051 1.00 27.88 ? 1197 ASP A OD1 1 
ATOM   721 O  OD2 . ASP A 1 91  ? 5.204   8.265   -12.072 1.00 34.48 ? 1197 ASP A OD2 1 
ATOM   722 N  N   . VAL A 1 92  ? 2.651   7.203   -7.402  1.00 13.83 ? 1198 VAL A N   1 
ATOM   723 C  CA  . VAL A 1 92  ? 1.535   6.499   -6.840  1.00 12.86 ? 1198 VAL A CA  1 
ATOM   724 C  C   . VAL A 1 92  ? 0.909   7.341   -5.669  1.00 11.07 ? 1198 VAL A C   1 
ATOM   725 O  O   . VAL A 1 92  ? -0.337  7.362   -5.440  1.00 10.06 ? 1198 VAL A O   1 
ATOM   726 C  CB  . VAL A 1 92  ? 1.915   5.057   -6.444  1.00 13.05 ? 1198 VAL A CB  1 
ATOM   727 C  CG1 . VAL A 1 92  ? 2.794   5.018   -5.213  1.00 13.20 ? 1198 VAL A CG1 1 
ATOM   728 C  CG2 . VAL A 1 92  ? 0.666   4.272   -6.179  1.00 13.31 ? 1198 VAL A CG2 1 
ATOM   729 N  N   . LYS A 1 93  ? 1.769   7.997   -4.882  1.00 10.34 ? 1199 LYS A N   1 
ATOM   730 C  CA  . LYS A 1 93  ? 1.302   8.883   -3.820  1.00 9.49  ? 1199 LYS A CA  1 
ATOM   731 C  C   . LYS A 1 93  ? 0.465   10.020  -4.373  1.00 9.71  ? 1199 LYS A C   1 
ATOM   732 O  O   . LYS A 1 93  ? -0.611  10.327  -3.856  1.00 10.70 ? 1199 LYS A O   1 
ATOM   733 C  CB  . LYS A 1 93  ? 2.407   9.418   -2.946  1.00 9.28  ? 1199 LYS A CB  1 
ATOM   734 C  CG  . LYS A 1 93  ? 2.944   8.318   -2.043  1.00 9.88  ? 1199 LYS A CG  1 
ATOM   735 C  CD  . LYS A 1 93  ? 4.028   8.854   -1.147  1.00 9.90  ? 1199 LYS A CD  1 
ATOM   736 C  CE  . LYS A 1 93  ? 4.608   7.770   -0.238  1.00 10.49 ? 1199 LYS A CE  1 
ATOM   737 N  NZ  . LYS A 1 93  ? 5.485   8.412   0.805   1.00 11.20 ? 1199 LYS A NZ  1 
ATOM   738 N  N   . ASN A 1 94  ? 0.903   10.582  -5.492  1.00 10.28 ? 1200 ASN A N   1 
ATOM   739 C  CA  . ASN A 1 94  ? 0.181   11.703  -6.080  1.00 11.04 ? 1200 ASN A CA  1 
ATOM   740 C  C   . ASN A 1 94  ? -1.177  11.258  -6.617  1.00 10.41 ? 1200 ASN A C   1 
ATOM   741 O  O   . ASN A 1 94  ? -2.140  11.997  -6.426  1.00 11.83 ? 1200 ASN A O   1 
ATOM   742 C  CB  . ASN A 1 94  ? 1.001   12.299  -7.226  1.00 12.42 ? 1200 ASN A CB  1 
ATOM   743 C  CG  . ASN A 1 94  ? 2.202   13.084  -6.723  1.00 12.72 ? 1200 ASN A CG  1 
ATOM   744 O  OD1 . ASN A 1 94  ? 2.234   13.564  -5.576  1.00 15.84 ? 1200 ASN A OD1 1 
ATOM   745 N  ND2 . ASN A 1 94  ? 3.202   13.199  -7.578  1.00 15.52 ? 1200 ASN A ND2 1 
ATOM   746 N  N   . ILE A 1 95  ? -1.268  10.100  -7.263  1.00 10.60 ? 1201 ILE A N   1 
ATOM   747 C  CA  . ILE A 1 95  ? -2.541  9.598   -7.780  1.00 11.03 ? 1201 ILE A CA  1 
ATOM   748 C  C   . ILE A 1 95  ? -3.512  9.292   -6.612  1.00 10.83 ? 1201 ILE A C   1 
ATOM   749 O  O   . ILE A 1 95  ? -4.686  9.670   -6.603  1.00 11.31 ? 1201 ILE A O   1 
ATOM   750 C  CB  . ILE A 1 95  ? -2.340  8.341   -8.679  1.00 13.30 ? 1201 ILE A CB  1 
ATOM   751 C  CG1 . ILE A 1 95  ? -1.819  8.785   -10.064 1.00 17.70 ? 1201 ILE A CG1 1 
ATOM   752 C  CG2 . ILE A 1 95  ? -3.638  7.548   -8.804  1.00 15.97 ? 1201 ILE A CG2 1 
ATOM   753 C  CD1 . ILE A 1 95  ? -1.435  7.679   -10.973 1.00 21.01 ? 1201 ILE A CD1 1 
ATOM   754 N  N   . ALA A 1 96  ? -2.968  8.692   -5.538  1.00 9.77  ? 1202 ALA A N   1 
ATOM   755 C  CA  . ALA A 1 96  ? -3.807  8.468   -4.358  1.00 9.50  ? 1202 ALA A CA  1 
ATOM   756 C  C   . ALA A 1 96  ? -4.249  9.771   -3.700  1.00 10.14 ? 1202 ALA A C   1 
ATOM   757 O  O   . ALA A 1 96  ? -5.421  9.922   -3.344  1.00 10.32 ? 1202 ALA A O   1 
ATOM   758 C  CB  . ALA A 1 96  ? -3.039  7.617   -3.396  1.00 9.38  ? 1202 ALA A CB  1 
ATOM   759 N  N   . HIS A 1 97  ? -3.330  10.752  -3.588  1.00 10.22 ? 1203 HIS A N   1 
ATOM   760 C  CA  . HIS A 1 97  ? -3.657  12.088  -2.996  1.00 11.96 ? 1203 HIS A CA  1 
ATOM   761 C  C   . HIS A 1 97  ? -4.758  12.800  -3.785  1.00 12.03 ? 1203 HIS A C   1 
ATOM   762 O  O   . HIS A 1 97  ? -5.688  13.374  -3.199  1.00 12.21 ? 1203 HIS A O   1 
ATOM   763 C  CB  . HIS A 1 97  ? -2.439  12.972  -3.055  1.00 12.19 ? 1203 HIS A CB  1 
ATOM   764 C  CG  . HIS A 1 97  ? -2.548  14.170  -2.175  1.00 15.51 ? 1203 HIS A CG  1 
ATOM   765 N  ND1 . HIS A 1 97  ? -3.138  15.345  -2.625  1.00 17.82 ? 1203 HIS A ND1 1 
ATOM   766 C  CD2 . HIS A 1 97  ? -2.079  14.421  -0.936  1.00 17.72 ? 1203 HIS A CD2 1 
ATOM   767 C  CE1 . HIS A 1 97  ? -3.062  16.246  -1.660  1.00 18.78 ? 1203 HIS A CE1 1 
ATOM   768 N  NE2 . HIS A 1 97  ? -2.425  15.716  -0.629  1.00 21.56 ? 1203 HIS A NE2 1 
ATOM   769 N  N   . GLN A 1 98  ? -4.729  12.655  -5.097  1.00 12.00 ? 1204 GLN A N   1 
ATOM   770 C  CA  . GLN A 1 98  ? -5.742  13.341  -5.988  1.00 13.44 ? 1204 GLN A CA  1 
ATOM   771 C  C   . GLN A 1 98  ? -7.098  12.635  -5.753  1.00 13.34 ? 1204 GLN A C   1 
ATOM   772 O  O   . GLN A 1 98  ? -8.139  13.242  -5.704  1.00 12.85 ? 1204 GLN A O   1 
ATOM   773 C  CB  . GLN A 1 98  ? -5.384  13.203  -7.418  1.00 15.05 ? 1204 GLN A CB  1 
ATOM   774 C  CG  . GLN A 1 98  ? -4.158  13.951  -7.841  1.00 21.55 ? 1204 GLN A CG  1 
ATOM   775 N  N   . ASN A 1 99  ? -7.071  11.309  -5.602  1.00 10.87 ? 1205 ASN A N   1 
ATOM   776 C  CA  . ASN A 1 99  ? -8.362  10.547  -5.472  1.00 12.03 ? 1205 ASN A CA  1 
ATOM   777 C  C   . ASN A 1 99  ? -8.920  10.844  -4.122  1.00 12.41 ? 1205 ASN A C   1 
ATOM   778 O  O   . ASN A 1 99  ? -10.133 11.055  -3.951  1.00 14.72 ? 1205 ASN A O   1 
ATOM   779 C  CB  . ASN A 1 99  ? -8.150  9.030   -5.634  1.00 11.55 ? 1205 ASN A CB  1 
ATOM   780 C  CG  . ASN A 1 99  ? -9.442  8.258   -5.551  1.00 12.13 ? 1205 ASN A CG  1 
ATOM   781 O  OD1 . ASN A 1 99  ? -9.682  7.577   -4.598  1.00 13.50 ? 1205 ASN A OD1 1 
ATOM   782 N  ND2 . ASN A 1 99  ? -10.341 8.442   -6.566  1.00 13.18 ? 1205 ASN A ND2 1 
ATOM   783 N  N   . LYS A 1 100 ? -8.042  10.948  -3.124  1.00 12.48 ? 1206 LYS A N   1 
ATOM   784 C  CA  . LYS A 1 100 ? -8.461  11.140  -1.743  1.00 11.12 ? 1206 LYS A CA  1 
ATOM   785 C  C   . LYS A 1 100 ? -9.013  12.533  -1.425  1.00 12.51 ? 1206 LYS A C   1 
ATOM   786 O  O   . LYS A 1 100 ? -10.065 12.712  -0.810  1.00 12.04 ? 1206 LYS A O   1 
ATOM   787 C  CB  . LYS A 1 100 ? -7.327  10.842  -0.752  1.00 10.23 ? 1206 LYS A CB  1 
ATOM   788 C  CG  . LYS A 1 100 ? -7.779  10.845  0.725   1.00 9.42  ? 1206 LYS A CG  1 
ATOM   789 C  CD  . LYS A 1 100 ? -6.723  10.249  1.619   1.00 9.07  ? 1206 LYS A CD  1 
ATOM   790 C  CE  . LYS A 1 100 ? -7.138  10.244  3.128   1.00 9.25  ? 1206 LYS A CE  1 
ATOM   791 N  NZ  . LYS A 1 100 ? -8.032  9.152   3.511   1.00 10.43 ? 1206 LYS A NZ  1 
ATOM   792 N  N   . PHE A 1 101 ? -8.290  13.519  -1.945  1.00 14.05 ? 1207 PHE A N   1 
ATOM   793 C  CA  . PHE A 1 101 ? -8.556  14.928  -1.630  1.00 15.71 ? 1207 PHE A CA  1 
ATOM   794 C  C   . PHE A 1 101 ? -9.096  15.618  -2.852  1.00 20.49 ? 1207 PHE A C   1 
ATOM   795 O  O   . PHE A 1 101 ? -9.922  16.519  -2.623  1.00 30.02 ? 1207 PHE A O   1 
ATOM   796 C  CB  . PHE A 1 101 ? -7.288  15.593  -1.096  1.00 16.17 ? 1207 PHE A CB  1 
ATOM   797 C  CG  . PHE A 1 101 ? -6.757  14.974  0.174   1.00 15.72 ? 1207 PHE A CG  1 
ATOM   798 C  CD1 . PHE A 1 101 ? -7.423  15.101  1.394   1.00 16.21 ? 1207 PHE A CD1 1 
ATOM   799 C  CD2 . PHE A 1 101 ? -5.569  14.234  0.172   1.00 16.65 ? 1207 PHE A CD2 1 
ATOM   800 C  CE1 . PHE A 1 101 ? -6.929  14.476  2.554   1.00 16.87 ? 1207 PHE A CE1 1 
ATOM   801 C  CE2 . PHE A 1 101 ? -5.100  13.607  1.340   1.00 18.01 ? 1207 PHE A CE2 1 
ATOM   802 C  CZ  . PHE A 1 101 ? -5.763  13.740  2.534   1.00 15.88 ? 1207 PHE A CZ  1 
HETATM 803 ZN ZN  . ZN  B 2 .   ? 0.418   -7.645  -3.705  1.00 8.84  ? 1301 ZN  A ZN  1 
HETATM 804 ZN ZN  . ZN  C 2 .   ? -9.655  -7.211  6.052   1.00 9.71  ? 1302 ZN  A ZN  1 
HETATM 805 ZN ZN  . ZN  D 2 .   ? 12.399  -2.767  1.947   1.00 8.30  ? 1303 ZN  A ZN  1 
HETATM 806 X  UNK . UNX E 3 .   ? 15.352  1.262   -6.863  1.00 21.65 ? 1304 UNX A UNK 1 
HETATM 807 C  C1  . EYY F 4 .   ? 0.460   -2.116  7.288   1.00 13.17 ? 1305 EYY A C1  1 
HETATM 808 O  O1  . EYY F 4 .   ? -0.939  -2.571  9.170   1.00 12.66 ? 1305 EYY A O1  1 
HETATM 809 C  C2  . EYY F 4 .   ? 1.944   -2.180  7.475   1.00 14.92 ? 1305 EYY A C2  1 
HETATM 810 C  C3  . EYY F 4 .   ? 2.477   -1.468  8.694   1.00 15.60 ? 1305 EYY A C3  1 
HETATM 811 C  C4  . EYY F 4 .   ? 2.569   -0.071  8.785   1.00 15.41 ? 1305 EYY A C4  1 
HETATM 812 C  C5  . EYY F 4 .   ? 3.163   0.482   9.880   1.00 15.53 ? 1305 EYY A C5  1 
HETATM 813 C  C6  . EYY F 4 .   ? 3.681   -0.342  10.908  1.00 15.60 ? 1305 EYY A C6  1 
HETATM 814 C  C7  . EYY F 4 .   ? 4.248   0.142   12.111  1.00 18.22 ? 1305 EYY A C7  1 
HETATM 815 C  C8  . EYY F 4 .   ? 4.671   -0.724  13.088  1.00 20.79 ? 1305 EYY A C8  1 
HETATM 816 C  C9  . EYY F 4 .   ? 4.579   -2.084  12.908  1.00 22.23 ? 1305 EYY A C9  1 
HETATM 817 C  C10 . EYY F 4 .   ? 4.025   -2.599  11.762  1.00 18.55 ? 1305 EYY A C10 1 
HETATM 818 C  C11 . EYY F 4 .   ? 3.548   -1.735  10.745  1.00 17.44 ? 1305 EYY A C11 1 
HETATM 819 C  C   . EYY F 4 .   ? -0.325  -3.034  8.196   1.00 11.40 ? 1305 EYY A C   1 
HETATM 820 O  O   . EYY F 4 .   ? -0.259  -4.278  7.898   1.00 10.80 ? 1305 EYY A O   1 
HETATM 821 N  N   . EYY F 4 .   ? 2.928   -2.293  9.647   1.00 17.25 ? 1305 EYY A N   1 
HETATM 822 X  UNK . UNX G 3 .   ? -3.718  -11.937 0.042   1.00 14.29 ? 1306 UNX A UNK 1 
HETATM 823 X  UNK . UNX H 3 .   ? 14.574  9.308   -1.825  1.00 24.12 ? 1307 UNX A UNK 1 
HETATM 824 O  O   . HOH I 5 .   ? -8.308  -5.818  15.272  1.00 13.59 ? 1401 HOH A O   1 
HETATM 825 O  O   . HOH I 5 .   ? -11.261 3.322   11.595  1.00 23.43 ? 1402 HOH A O   1 
HETATM 826 O  O   . HOH I 5 .   ? -14.388 -12.315 1.391   1.00 25.17 ? 1403 HOH A O   1 
HETATM 827 O  O   . HOH I 5 .   ? -6.267  0.072   -9.232  1.00 26.46 ? 1404 HOH A O   1 
HETATM 828 O  O   . HOH I 5 .   ? 2.500   7.032   8.797   1.00 28.04 ? 1405 HOH A O   1 
HETATM 829 O  O   . HOH I 5 .   ? -11.806 12.401  -5.429  1.00 28.84 ? 1406 HOH A O   1 
HETATM 830 O  O   . HOH I 5 .   ? -8.269  9.450   6.134   1.00 23.97 ? 1407 HOH A O   1 
HETATM 831 O  O   . HOH I 5 .   ? -2.414  -5.850  7.878   1.00 9.36  ? 1408 HOH A O   1 
HETATM 832 O  O   . HOH I 5 .   ? -3.892  -12.326 -3.803  1.00 39.95 ? 1409 HOH A O   1 
HETATM 833 O  O   . HOH I 5 .   ? 7.849   3.721   -9.407  1.00 27.02 ? 1410 HOH A O   1 
HETATM 834 O  O   . HOH I 5 .   ? -17.894 -2.479  3.110   1.00 13.53 ? 1411 HOH A O   1 
HETATM 835 O  O   . HOH I 5 .   ? 2.536   -12.106 7.067   1.00 28.04 ? 1412 HOH A O   1 
HETATM 836 O  O   . HOH I 5 .   ? 6.221   6.893   3.105   1.00 8.98  ? 1413 HOH A O   1 
HETATM 837 O  O   . HOH I 5 .   ? 8.592   -11.227 5.450   1.00 14.77 ? 1414 HOH A O   1 
HETATM 838 O  O   . HOH I 5 .   ? -3.752  -7.891  -8.700  1.00 16.07 ? 1415 HOH A O   1 
HETATM 839 O  O   . HOH I 5 .   ? -5.775  -6.269  15.452  1.00 22.34 ? 1416 HOH A O   1 
HETATM 840 O  O   . HOH I 5 .   ? -12.726 7.236   -4.345  1.00 27.47 ? 1417 HOH A O   1 
HETATM 841 O  O   . HOH I 5 .   ? -10.170 2.141   1.803   1.00 10.88 ? 1418 HOH A O   1 
HETATM 842 O  O   . HOH I 5 .   ? 2.021   -1.067  15.067  1.00 20.90 ? 1419 HOH A O   1 
HETATM 843 O  O   . HOH I 5 .   ? 3.135   12.283  -10.292 1.00 32.10 ? 1420 HOH A O   1 
HETATM 844 O  O   . HOH I 5 .   ? 10.040  -0.243  -9.359  1.00 23.21 ? 1421 HOH A O   1 
HETATM 845 O  O   . HOH I 5 .   ? -2.388  -10.947 9.727   1.00 21.38 ? 1422 HOH A O   1 
HETATM 846 O  O   . HOH I 5 .   ? -6.285  9.874   -8.819  1.00 15.68 ? 1423 HOH A O   1 
HETATM 847 O  O   . HOH I 5 .   ? -4.210  -8.035  12.882  1.00 26.17 ? 1424 HOH A O   1 
HETATM 848 O  O   . HOH I 5 .   ? 6.846   -4.656  11.937  1.00 24.11 ? 1425 HOH A O   1 
HETATM 849 O  O   . HOH I 5 .   ? -16.218 -9.526  7.086   1.00 25.41 ? 1426 HOH A O   1 
HETATM 850 O  O   . HOH I 5 .   ? 15.165  -0.972  -4.563  1.00 12.46 ? 1427 HOH A O   1 
HETATM 851 O  O   . HOH I 5 .   ? -10.694 -4.800  -2.528  1.00 11.31 ? 1428 HOH A O   1 
HETATM 852 O  O   . HOH I 5 .   ? 6.995   0.278   -11.761 1.00 24.35 ? 1429 HOH A O   1 
HETATM 853 O  O   . HOH I 5 .   ? -7.562  1.024   -5.157  1.00 9.78  ? 1430 HOH A O   1 
HETATM 854 O  O   . HOH I 5 .   ? -10.661 5.623   -8.634  1.00 20.72 ? 1431 HOH A O   1 
HETATM 855 O  O   . HOH I 5 .   ? 7.206   -11.761 -3.800  1.00 19.12 ? 1432 HOH A O   1 
HETATM 856 O  O   . HOH I 5 .   ? -6.840  5.341   -17.911 1.00 17.82 ? 1433 HOH A O   1 
HETATM 857 O  O   . HOH I 5 .   ? 5.116   -4.011  -3.069  1.00 10.05 ? 1434 HOH A O   1 
HETATM 858 O  O   . HOH I 5 .   ? -15.167 2.110   -3.104  1.00 18.14 ? 1435 HOH A O   1 
HETATM 859 O  O   . HOH I 5 .   ? -12.964 3.816   3.199   1.00 13.19 ? 1436 HOH A O   1 
HETATM 860 O  O   . HOH I 5 .   ? 6.888   -7.525  8.603   1.00 20.25 ? 1437 HOH A O   1 
HETATM 861 O  O   . HOH I 5 .   ? 7.307   8.464   -9.142  1.00 21.37 ? 1438 HOH A O   1 
HETATM 862 O  O   . HOH I 5 .   ? -4.325  2.695   6.158   1.00 20.26 ? 1439 HOH A O   1 
HETATM 863 O  O   . HOH I 5 .   ? 4.612   -16.011 0.049   1.00 10.74 ? 1440 HOH A O   1 
HETATM 864 O  O   . HOH I 5 .   ? 13.917  -5.898  9.075   1.00 30.51 ? 1441 HOH A O   1 
HETATM 865 O  O   . HOH I 5 .   ? -12.392 14.175  -1.367  1.00 13.24 ? 1442 HOH A O   1 
HETATM 866 O  O   . HOH I 5 .   ? -10.884 5.852   2.589   1.00 12.02 ? 1443 HOH A O   1 
HETATM 867 O  O   . HOH I 5 .   ? 16.485  9.218   -1.711  1.00 22.67 ? 1444 HOH A O   1 
HETATM 868 O  O   . HOH I 5 .   ? -3.082  0.737   9.574   1.00 28.28 ? 1445 HOH A O   1 
HETATM 869 O  O   . HOH I 5 .   ? -5.926  -0.570  -6.619  1.00 14.27 ? 1446 HOH A O   1 
HETATM 870 O  O   . HOH I 5 .   ? -11.998 9.344   -2.684  1.00 15.21 ? 1447 HOH A O   1 
HETATM 871 O  O   . HOH I 5 .   ? 14.405  -9.247  0.658   1.00 19.65 ? 1448 HOH A O   1 
HETATM 872 O  O   . HOH I 5 .   ? -3.057  -0.421  -16.656 1.00 21.65 ? 1449 HOH A O   1 
HETATM 873 O  O   . HOH I 5 .   ? -10.039 4.165   8.149   1.00 21.24 ? 1450 HOH A O   1 
HETATM 874 O  O   . HOH I 5 .   ? -9.579  2.649   4.497   1.00 10.64 ? 1451 HOH A O   1 
HETATM 875 O  O   . HOH I 5 .   ? 14.115  -6.794  -3.465  1.00 13.57 ? 1452 HOH A O   1 
HETATM 876 O  O   . HOH I 5 .   ? -7.706  -3.714  -6.581  1.00 22.86 ? 1453 HOH A O   1 
HETATM 877 O  O   . HOH I 5 .   ? 4.881   5.511   -8.047  1.00 16.97 ? 1454 HOH A O   1 
HETATM 878 O  O   . HOH I 5 .   ? -3.413  5.690   -13.183 1.00 29.23 ? 1455 HOH A O   1 
HETATM 879 O  O   . HOH I 5 .   ? -3.142  -16.285 3.567   1.00 22.86 ? 1456 HOH A O   1 
HETATM 880 O  O   . HOH I 5 .   ? 4.498   2.901   -9.820  1.00 29.23 ? 1457 HOH A O   1 
HETATM 881 O  O   . HOH I 5 .   ? 15.809  8.903   7.490   1.00 19.73 ? 1458 HOH A O   1 
HETATM 882 O  O   . HOH I 5 .   ? -12.097 -6.141  13.378  1.00 19.65 ? 1459 HOH A O   1 
HETATM 883 O  O   . HOH I 5 .   ? -4.796  -0.797  10.857  1.00 17.29 ? 1460 HOH A O   1 
HETATM 884 O  O   . HOH I 5 .   ? 18.071  6.832   -5.107  1.00 22.05 ? 1461 HOH A O   1 
HETATM 885 O  O   . HOH I 5 .   ? 4.053   10.195  2.611   1.00 15.43 ? 1462 HOH A O   1 
HETATM 886 O  O   . HOH I 5 .   ? -1.564  14.826  -5.963  1.00 18.26 ? 1463 HOH A O   1 
HETATM 887 O  O   . HOH I 5 .   ? -5.107  -4.793  -9.143  1.00 19.80 ? 1464 HOH A O   1 
HETATM 888 O  O   . HOH I 5 .   ? -0.697  1.152   -16.541 1.00 25.14 ? 1465 HOH A O   1 
HETATM 889 O  O   . HOH I 5 .   ? 14.418  9.971   -4.112  1.00 20.86 ? 1466 HOH A O   1 
HETATM 890 O  O   . HOH I 5 .   ? -9.445  10.286  -8.691  1.00 24.04 ? 1467 HOH A O   1 
HETATM 891 O  O   . HOH I 5 .   ? 16.985  -2.861  -5.075  1.00 25.26 ? 1468 HOH A O   1 
HETATM 892 O  O   . HOH I 5 .   ? -8.560  -8.849  -3.284  1.00 21.49 ? 1469 HOH A O   1 
HETATM 893 O  O   . HOH I 5 .   ? -8.353  -6.097  -3.589  1.00 11.96 ? 1470 HOH A O   1 
HETATM 894 O  O   . HOH I 5 .   ? 10.259  3.862   9.716   1.00 15.68 ? 1471 HOH A O   1 
HETATM 895 O  O   . HOH I 5 .   ? 5.628   -5.157  9.541   1.00 17.19 ? 1472 HOH A O   1 
HETATM 896 O  O   . HOH I 5 .   ? 3.183   3.856   -13.164 1.00 28.56 ? 1473 HOH A O   1 
HETATM 897 O  O   . HOH I 5 .   ? -6.928  7.402   -9.860  1.00 22.79 ? 1474 HOH A O   1 
HETATM 898 O  O   . HOH I 5 .   ? 6.126   8.063   5.688   1.00 15.87 ? 1475 HOH A O   1 
HETATM 899 O  O   . HOH I 5 .   ? -9.039  5.821   4.479   1.00 18.69 ? 1476 HOH A O   1 
HETATM 900 O  O   . HOH I 5 .   ? -16.769 -1.609  7.340   1.00 16.64 ? 1477 HOH A O   1 
HETATM 901 O  O   . HOH I 5 .   ? -15.254 -6.572  8.577   1.00 34.72 ? 1478 HOH A O   1 
HETATM 902 O  O   . HOH I 5 .   ? -11.815 -10.941 9.145   1.00 25.27 ? 1479 HOH A O   1 
HETATM 903 O  O   . HOH I 5 .   ? 14.734  -7.866  4.739   1.00 22.45 ? 1480 HOH A O   1 
HETATM 904 O  O   . HOH I 5 .   ? -8.834  -6.045  -6.149  1.00 25.27 ? 1481 HOH A O   1 
HETATM 905 O  O   . HOH I 5 .   ? -5.571  7.419   -12.374 1.00 27.56 ? 1482 HOH A O   1 
HETATM 906 O  O   . HOH I 5 .   ? -0.826  -13.025 8.881   1.00 33.81 ? 1483 HOH A O   1 
HETATM 907 O  O   . HOH I 5 .   ? -15.440 7.554   -4.711  1.00 22.05 ? 1484 HOH A O   1 
HETATM 908 O  O   . HOH I 5 .   ? 15.718  -5.429  4.352   1.00 13.83 ? 1485 HOH A O   1 
HETATM 909 O  O   . HOH I 5 .   ? 0.968   -14.253 7.411   1.00 29.70 ? 1486 HOH A O   1 
HETATM 910 O  O   . HOH I 5 .   ? 12.900  4.108   9.836   1.00 30.22 ? 1487 HOH A O   1 
HETATM 911 O  O   . HOH I 5 .   ? -13.082 -6.000  -3.078  1.00 24.11 ? 1488 HOH A O   1 
HETATM 912 O  O   . HOH I 5 .   ? 15.191  -9.920  3.083   1.00 26.90 ? 1489 HOH A O   1 
HETATM 913 O  O   . HOH I 5 .   ? 9.964   2.592   -10.276 1.00 27.01 ? 1490 HOH A O   1 
# 
loop_
_pdbx_poly_seq_scheme.asym_id 
_pdbx_poly_seq_scheme.entity_id 
_pdbx_poly_seq_scheme.seq_id 
_pdbx_poly_seq_scheme.mon_id 
_pdbx_poly_seq_scheme.ndb_seq_num 
_pdbx_poly_seq_scheme.pdb_seq_num 
_pdbx_poly_seq_scheme.auth_seq_num 
_pdbx_poly_seq_scheme.pdb_mon_id 
_pdbx_poly_seq_scheme.auth_mon_id 
_pdbx_poly_seq_scheme.pdb_strand_id 
_pdbx_poly_seq_scheme.pdb_ins_code 
_pdbx_poly_seq_scheme.hetero 
A 1 1   GLY 1   1107 ?    ?   ?   A . n 
A 1 2   SER 2   1108 ?    ?   ?   A . n 
A 1 3   PRO 3   1109 1109 PRO PRO A . n 
A 1 4   LEU 4   1110 1110 LEU LEU A . n 
A 1 5   PRO 5   1111 1111 PRO PRO A . n 
A 1 6   TRP 6   1112 1112 TRP TRP A . n 
A 1 7   CYS 7   1113 1113 CYS CYS A . n 
A 1 8   PRO 8   1114 1114 PRO PRO A . n 
A 1 9   HIS 9   1115 1115 HIS HIS A . n 
A 1 10  LEU 10  1116 1116 LEU LEU A . n 
A 1 11  VAL 11  1117 1117 VAL VAL A . n 
A 1 12  ALA 12  1118 1118 ALA ALA A . n 
A 1 13  VAL 13  1119 1119 VAL VAL A . n 
A 1 14  CYS 14  1120 1120 CYS CYS A . n 
A 1 15  PRO 15  1121 1121 PRO PRO A . n 
A 1 16  ILE 16  1122 1122 ILE ILE A . n 
A 1 17  PRO 17  1123 1123 PRO PRO A . n 
A 1 18  ALA 18  1124 1124 ALA ALA A . n 
A 1 19  ALA 19  1125 1125 ALA ALA A . n 
A 1 20  GLY 20  1126 1126 GLY GLY A . n 
A 1 21  LEU 21  1127 1127 LEU LEU A . n 
A 1 22  ASP 22  1128 1128 ASP ASP A . n 
A 1 23  VAL 23  1129 1129 VAL VAL A . n 
A 1 24  THR 24  1130 1130 THR THR A . n 
A 1 25  GLN 25  1131 1131 GLN GLN A . n 
A 1 26  PRO 26  1132 1132 PRO PRO A . n 
A 1 27  CYS 27  1133 1133 CYS CYS A . n 
A 1 28  GLY 28  1134 1134 GLY GLY A . n 
A 1 29  ASP 29  1135 1135 ASP ASP A . n 
A 1 30  CYS 30  1136 1136 CYS CYS A . n 
A 1 31  GLY 31  1137 1137 GLY GLY A . n 
A 1 32  THR 32  1138 1138 THR THR A . n 
A 1 33  ILE 33  1139 1139 ILE ILE A . n 
A 1 34  GLN 34  1140 1140 GLN GLN A . n 
A 1 35  GLU 35  1141 1141 GLU GLU A . n 
A 1 36  ASN 36  1142 1142 ASN ASN A . n 
A 1 37  TRP 37  1143 1143 TRP TRP A . n 
A 1 38  VAL 38  1144 1144 VAL VAL A . n 
A 1 39  CYS 39  1145 1145 CYS CYS A . n 
A 1 40  LEU 40  1146 1146 LEU LEU A . n 
A 1 41  SER 41  1147 1147 SER SER A . n 
A 1 42  CYS 42  1148 1148 CYS CYS A . n 
A 1 43  TYR 43  1149 1149 TYR TYR A . n 
A 1 44  GLN 44  1150 1150 GLN GLN A . n 
A 1 45  VAL 45  1151 1151 VAL VAL A . n 
A 1 46  TYR 46  1152 1152 TYR TYR A . n 
A 1 47  CYS 47  1153 1153 CYS CYS A . n 
A 1 48  GLY 48  1154 1154 GLY GLY A . n 
A 1 49  ARG 49  1155 1155 ARG ARG A . n 
A 1 50  TYR 50  1156 1156 TYR TYR A . n 
A 1 51  ILE 51  1157 1157 ILE ILE A . n 
A 1 52  ASN 52  1158 1158 ASN ASN A . n 
A 1 53  GLY 53  1159 1159 GLY GLY A . n 
A 1 54  HIS 54  1160 1160 HIS HIS A . n 
A 1 55  MET 55  1161 1161 MET MET A . n 
A 1 56  LEU 56  1162 1162 LEU LEU A . n 
A 1 57  GLN 57  1163 1163 GLN GLN A . n 
A 1 58  HIS 58  1164 1164 HIS HIS A . n 
A 1 59  HIS 59  1165 1165 HIS HIS A . n 
A 1 60  GLY 60  1166 1166 GLY GLY A . n 
A 1 61  ASN 61  1167 1167 ASN ASN A . n 
A 1 62  SER 62  1168 1168 SER SER A . n 
A 1 63  GLY 63  1169 1169 GLY GLY A . n 
A 1 64  HIS 64  1170 1170 HIS HIS A . n 
A 1 65  PRO 65  1171 1171 PRO PRO A . n 
A 1 66  LEU 66  1172 1172 LEU LEU A . n 
A 1 67  VAL 67  1173 1173 VAL VAL A . n 
A 1 68  LEU 68  1174 1174 LEU LEU A . n 
A 1 69  SER 69  1175 1175 SER SER A . n 
A 1 70  TYR 70  1176 1176 TYR TYR A . n 
A 1 71  ILE 71  1177 1177 ILE ILE A . n 
A 1 72  ASP 72  1178 1178 ASP ASP A . n 
A 1 73  LEU 73  1179 1179 LEU LEU A . n 
A 1 74  SER 74  1180 1180 SER SER A . n 
A 1 75  ALA 75  1181 1181 ALA ALA A . n 
A 1 76  TRP 76  1182 1182 TRP TRP A . n 
A 1 77  CYS 77  1183 1183 CYS CYS A . n 
A 1 78  TYR 78  1184 1184 TYR TYR A . n 
A 1 79  TYR 79  1185 1185 TYR TYR A . n 
A 1 80  CYS 80  1186 1186 CYS CYS A . n 
A 1 81  GLN 81  1187 1187 GLN GLN A . n 
A 1 82  ALA 82  1188 1188 ALA ALA A . n 
A 1 83  TYR 83  1189 1189 TYR TYR A . n 
A 1 84  VAL 84  1190 1190 VAL VAL A . n 
A 1 85  HIS 85  1191 1191 HIS HIS A . n 
A 1 86  HIS 86  1192 1192 HIS HIS A . n 
A 1 87  GLN 87  1193 1193 GLN GLN A . n 
A 1 88  ALA 88  1194 1194 ALA ALA A . n 
A 1 89  LEU 89  1195 1195 LEU LEU A . n 
A 1 90  LEU 90  1196 1196 LEU LEU A . n 
A 1 91  ASP 91  1197 1197 ASP ASP A . n 
A 1 92  VAL 92  1198 1198 VAL VAL A . n 
A 1 93  LYS 93  1199 1199 LYS LYS A . n 
A 1 94  ASN 94  1200 1200 ASN ASN A . n 
A 1 95  ILE 95  1201 1201 ILE ILE A . n 
A 1 96  ALA 96  1202 1202 ALA ALA A . n 
A 1 97  HIS 97  1203 1203 HIS HIS A . n 
A 1 98  GLN 98  1204 1204 GLN GLN A . n 
A 1 99  ASN 99  1205 1205 ASN ASN A . n 
A 1 100 LYS 100 1206 1206 LYS LYS A . n 
A 1 101 PHE 101 1207 1207 PHE PHE A . n 
A 1 102 GLY 102 1208 ?    ?   ?   A . n 
A 1 103 GLU 103 1209 ?    ?   ?   A . n 
A 1 104 ASP 104 1210 ?    ?   ?   A . n 
A 1 105 MET 105 1211 ?    ?   ?   A . n 
A 1 106 PRO 106 1212 ?    ?   ?   A . n 
A 1 107 HIS 107 1213 ?    ?   ?   A . n 
# 
_pdbx_SG_project.id                    1 
_pdbx_SG_project.project_name          ? 
_pdbx_SG_project.full_name_of_center   'Structural Genomics Consortium' 
_pdbx_SG_project.initial_of_center     SGC 
# 
loop_
_pdbx_nonpoly_scheme.asym_id 
_pdbx_nonpoly_scheme.entity_id 
_pdbx_nonpoly_scheme.mon_id 
_pdbx_nonpoly_scheme.ndb_seq_num 
_pdbx_nonpoly_scheme.pdb_seq_num 
_pdbx_nonpoly_scheme.auth_seq_num 
_pdbx_nonpoly_scheme.pdb_mon_id 
_pdbx_nonpoly_scheme.auth_mon_id 
_pdbx_nonpoly_scheme.pdb_strand_id 
_pdbx_nonpoly_scheme.pdb_ins_code 
B 2 ZN  1  1301 1301 ZN  ZN  A . 
C 2 ZN  1  1302 1302 ZN  ZN  A . 
D 2 ZN  1  1303 1303 ZN  ZN  A . 
E 3 UNX 1  1304 1313 UNX UNX A . 
F 4 EYY 1  1305 1    EYY D99 A . 
G 3 UNX 1  1306 1    UNX UNX A . 
H 3 UNX 1  1307 2    UNX UNX A . 
I 5 HOH 1  1401 50   HOH HOH A . 
I 5 HOH 2  1402 1403 HOH HOH A . 
I 5 HOH 3  1403 16   HOH HOH A . 
I 5 HOH 4  1404 38   HOH HOH A . 
I 5 HOH 5  1405 13   HOH HOH A . 
I 5 HOH 6  1406 1442 HOH HOH A . 
I 5 HOH 7  1407 1406 HOH HOH A . 
I 5 HOH 8  1408 1409 HOH HOH A . 
I 5 HOH 9  1409 1449 HOH HOH A . 
I 5 HOH 10 1410 4    HOH HOH A . 
I 5 HOH 11 1411 1410 HOH HOH A . 
I 5 HOH 12 1412 1427 HOH HOH A . 
I 5 HOH 13 1413 17   HOH HOH A . 
I 5 HOH 14 1414 1413 HOH HOH A . 
I 5 HOH 15 1415 1419 HOH HOH A . 
I 5 HOH 16 1416 1430 HOH HOH A . 
I 5 HOH 17 1417 1411 HOH HOH A . 
I 5 HOH 18 1418 1418 HOH HOH A . 
I 5 HOH 19 1419 43   HOH HOH A . 
I 5 HOH 20 1420 25   HOH HOH A . 
I 5 HOH 21 1421 3    HOH HOH A . 
I 5 HOH 22 1422 1416 HOH HOH A . 
I 5 HOH 23 1423 1424 HOH HOH A . 
I 5 HOH 24 1424 1423 HOH HOH A . 
I 5 HOH 25 1425 52   HOH HOH A . 
I 5 HOH 26 1426 40   HOH HOH A . 
I 5 HOH 27 1427 1437 HOH HOH A . 
I 5 HOH 28 1428 1420 HOH HOH A . 
I 5 HOH 29 1429 45   HOH HOH A . 
I 5 HOH 30 1430 1421 HOH HOH A . 
I 5 HOH 31 1431 1448 HOH HOH A . 
I 5 HOH 32 1432 1432 HOH HOH A . 
I 5 HOH 33 1433 23   HOH HOH A . 
I 5 HOH 34 1434 1425 HOH HOH A . 
I 5 HOH 35 1435 1441 HOH HOH A . 
I 5 HOH 36 1436 1444 HOH HOH A . 
I 5 HOH 37 1437 44   HOH HOH A . 
I 5 HOH 38 1438 1435 HOH HOH A . 
I 5 HOH 39 1439 1412 HOH HOH A . 
I 5 HOH 40 1440 1443 HOH HOH A . 
I 5 HOH 41 1441 1429 HOH HOH A . 
I 5 HOH 42 1442 1407 HOH HOH A . 
I 5 HOH 43 1443 1439 HOH HOH A . 
I 5 HOH 44 1444 1417 HOH HOH A . 
I 5 HOH 45 1445 53   HOH HOH A . 
I 5 HOH 46 1446 1447 HOH HOH A . 
I 5 HOH 47 1447 1428 HOH HOH A . 
I 5 HOH 48 1448 1422 HOH HOH A . 
I 5 HOH 49 1449 36   HOH HOH A . 
I 5 HOH 50 1450 46   HOH HOH A . 
I 5 HOH 51 1451 2    HOH HOH A . 
I 5 HOH 52 1452 1440 HOH HOH A . 
I 5 HOH 53 1453 1446 HOH HOH A . 
I 5 HOH 54 1454 1459 HOH HOH A . 
I 5 HOH 55 1455 1463 HOH HOH A . 
I 5 HOH 56 1456 1451 HOH HOH A . 
I 5 HOH 57 1457 26   HOH HOH A . 
I 5 HOH 58 1458 41   HOH HOH A . 
I 5 HOH 59 1459 22   HOH HOH A . 
I 5 HOH 60 1460 51   HOH HOH A . 
I 5 HOH 61 1461 47   HOH HOH A . 
I 5 HOH 62 1462 24   HOH HOH A . 
I 5 HOH 63 1463 42   HOH HOH A . 
I 5 HOH 64 1464 48   HOH HOH A . 
I 5 HOH 65 1465 37   HOH HOH A . 
I 5 HOH 66 1466 15   HOH HOH A . 
I 5 HOH 67 1467 1465 HOH HOH A . 
I 5 HOH 68 1468 1455 HOH HOH A . 
I 5 HOH 69 1469 1458 HOH HOH A . 
I 5 HOH 70 1470 1460 HOH HOH A . 
I 5 HOH 71 1471 1462 HOH HOH A . 
I 5 HOH 72 1472 1470 HOH HOH A . 
I 5 HOH 73 1473 1468 HOH HOH A . 
I 5 HOH 74 1474 1461 HOH HOH A . 
I 5 HOH 75 1475 18   HOH HOH A . 
I 5 HOH 76 1476 1    HOH HOH A . 
I 5 HOH 77 1477 1469 HOH HOH A . 
I 5 HOH 78 1478 35   HOH HOH A . 
I 5 HOH 79 1479 49   HOH HOH A . 
I 5 HOH 80 1480 1472 HOH HOH A . 
I 5 HOH 81 1481 1473 HOH HOH A . 
I 5 HOH 82 1482 1475 HOH HOH A . 
I 5 HOH 83 1483 1474 HOH HOH A . 
I 5 HOH 84 1484 1476 HOH HOH A . 
I 5 HOH 85 1485 1478 HOH HOH A . 
I 5 HOH 86 1486 1466 HOH HOH A . 
I 5 HOH 87 1487 34   HOH HOH A . 
I 5 HOH 88 1488 1480 HOH HOH A . 
I 5 HOH 89 1489 1481 HOH HOH A . 
I 5 HOH 90 1490 12   HOH HOH A . 
# 
_pdbx_struct_assembly.id                   1 
_pdbx_struct_assembly.details              author_and_software_defined_assembly 
_pdbx_struct_assembly.method_details       PISA 
_pdbx_struct_assembly.oligomeric_details   monomeric 
_pdbx_struct_assembly.oligomeric_count     1 
# 
_pdbx_struct_assembly_gen.assembly_id       1 
_pdbx_struct_assembly_gen.oper_expression   1 
_pdbx_struct_assembly_gen.asym_id_list      A,B,C,D,E,F,G,H,I 
# 
loop_
_pdbx_struct_assembly_prop.biol_id 
_pdbx_struct_assembly_prop.type 
_pdbx_struct_assembly_prop.value 
_pdbx_struct_assembly_prop.details 
1 'ABSA (A^2)' 0    ? 
1 MORE         0    ? 
1 'SSA (A^2)'  5590 ? 
# 
_pdbx_struct_oper_list.id                   1 
_pdbx_struct_oper_list.type                 'identity operation' 
_pdbx_struct_oper_list.name                 1_555 
_pdbx_struct_oper_list.symmetry_operation   x,y,z 
_pdbx_struct_oper_list.matrix[1][1]         1.0000000000 
_pdbx_struct_oper_list.matrix[1][2]         0.0000000000 
_pdbx_struct_oper_list.matrix[1][3]         0.0000000000 
_pdbx_struct_oper_list.vector[1]            0.0000000000 
_pdbx_struct_oper_list.matrix[2][1]         0.0000000000 
_pdbx_struct_oper_list.matrix[2][2]         1.0000000000 
_pdbx_struct_oper_list.matrix[2][3]         0.0000000000 
_pdbx_struct_oper_list.vector[2]            0.0000000000 
_pdbx_struct_oper_list.matrix[3][1]         0.0000000000 
_pdbx_struct_oper_list.matrix[3][2]         0.0000000000 
_pdbx_struct_oper_list.matrix[3][3]         1.0000000000 
_pdbx_struct_oper_list.vector[3]            0.0000000000 
# 
loop_
_pdbx_struct_conn_angle.id 
_pdbx_struct_conn_angle.ptnr1_label_atom_id 
_pdbx_struct_conn_angle.ptnr1_label_alt_id 
_pdbx_struct_conn_angle.ptnr1_label_asym_id 
_pdbx_struct_conn_angle.ptnr1_label_comp_id 
_pdbx_struct_conn_angle.ptnr1_label_seq_id 
_pdbx_struct_conn_angle.ptnr1_auth_atom_id 
_pdbx_struct_conn_angle.ptnr1_auth_asym_id 
_pdbx_struct_conn_angle.ptnr1_auth_comp_id 
_pdbx_struct_conn_angle.ptnr1_auth_seq_id 
_pdbx_struct_conn_angle.ptnr1_PDB_ins_code 
_pdbx_struct_conn_angle.ptnr1_symmetry 
_pdbx_struct_conn_angle.ptnr2_label_atom_id 
_pdbx_struct_conn_angle.ptnr2_label_alt_id 
_pdbx_struct_conn_angle.ptnr2_label_asym_id 
_pdbx_struct_conn_angle.ptnr2_label_comp_id 
_pdbx_struct_conn_angle.ptnr2_label_seq_id 
_pdbx_struct_conn_angle.ptnr2_auth_atom_id 
_pdbx_struct_conn_angle.ptnr2_auth_asym_id 
_pdbx_struct_conn_angle.ptnr2_auth_comp_id 
_pdbx_struct_conn_angle.ptnr2_auth_seq_id 
_pdbx_struct_conn_angle.ptnr2_PDB_ins_code 
_pdbx_struct_conn_angle.ptnr2_symmetry 
_pdbx_struct_conn_angle.ptnr3_label_atom_id 
_pdbx_struct_conn_angle.ptnr3_label_alt_id 
_pdbx_struct_conn_angle.ptnr3_label_asym_id 
_pdbx_struct_conn_angle.ptnr3_label_comp_id 
_pdbx_struct_conn_angle.ptnr3_label_seq_id 
_pdbx_struct_conn_angle.ptnr3_auth_atom_id 
_pdbx_struct_conn_angle.ptnr3_auth_asym_id 
_pdbx_struct_conn_angle.ptnr3_auth_comp_id 
_pdbx_struct_conn_angle.ptnr3_auth_seq_id 
_pdbx_struct_conn_angle.ptnr3_PDB_ins_code 
_pdbx_struct_conn_angle.ptnr3_symmetry 
_pdbx_struct_conn_angle.value 
_pdbx_struct_conn_angle.value_esd 
1  SG  ? A CYS 7  ? A CYS 1113 ? 1_555 ZN ? D ZN . ? A ZN 1303 ? 1_555 ND1 ? A HIS 9  ? A HIS 1115 ? 1_555 110.0 ? 
2  SG  ? A CYS 7  ? A CYS 1113 ? 1_555 ZN ? D ZN . ? A ZN 1303 ? 1_555 SG  ? A CYS 77 ? A CYS 1183 ? 1_555 115.0 ? 
3  ND1 ? A HIS 9  ? A HIS 1115 ? 1_555 ZN ? D ZN . ? A ZN 1303 ? 1_555 SG  ? A CYS 77 ? A CYS 1183 ? 1_555 97.2  ? 
4  SG  ? A CYS 7  ? A CYS 1113 ? 1_555 ZN ? D ZN . ? A ZN 1303 ? 1_555 SG  ? A CYS 80 ? A CYS 1186 ? 1_555 113.3 ? 
5  ND1 ? A HIS 9  ? A HIS 1115 ? 1_555 ZN ? D ZN . ? A ZN 1303 ? 1_555 SG  ? A CYS 80 ? A CYS 1186 ? 1_555 105.0 ? 
6  SG  ? A CYS 77 ? A CYS 1183 ? 1_555 ZN ? D ZN . ? A ZN 1303 ? 1_555 SG  ? A CYS 80 ? A CYS 1186 ? 1_555 114.5 ? 
7  SG  ? A CYS 27 ? A CYS 1133 ? 1_555 ZN ? C ZN . ? A ZN 1302 ? 1_555 SG  ? A CYS 30 ? A CYS 1136 ? 1_555 109.4 ? 
8  SG  ? A CYS 27 ? A CYS 1133 ? 1_555 ZN ? C ZN . ? A ZN 1302 ? 1_555 SG  ? A CYS 47 ? A CYS 1153 ? 1_555 112.4 ? 
9  SG  ? A CYS 30 ? A CYS 1136 ? 1_555 ZN ? C ZN . ? A ZN 1302 ? 1_555 SG  ? A CYS 47 ? A CYS 1153 ? 1_555 115.7 ? 
10 SG  ? A CYS 27 ? A CYS 1133 ? 1_555 ZN ? C ZN . ? A ZN 1302 ? 1_555 ND1 ? A HIS 54 ? A HIS 1160 ? 1_555 107.3 ? 
11 SG  ? A CYS 30 ? A CYS 1136 ? 1_555 ZN ? C ZN . ? A ZN 1302 ? 1_555 ND1 ? A HIS 54 ? A HIS 1160 ? 1_555 110.6 ? 
12 SG  ? A CYS 47 ? A CYS 1153 ? 1_555 ZN ? C ZN . ? A ZN 1302 ? 1_555 ND1 ? A HIS 54 ? A HIS 1160 ? 1_555 100.9 ? 
13 SG  ? A CYS 39 ? A CYS 1145 ? 1_555 ZN ? B ZN . ? A ZN 1301 ? 1_555 SG  ? A CYS 42 ? A CYS 1148 ? 1_555 116.4 ? 
14 SG  ? A CYS 39 ? A CYS 1145 ? 1_555 ZN ? B ZN . ? A ZN 1301 ? 1_555 NE2 ? A HIS 58 ? A HIS 1164 ? 1_555 110.6 ? 
15 SG  ? A CYS 42 ? A CYS 1148 ? 1_555 ZN ? B ZN . ? A ZN 1301 ? 1_555 NE2 ? A HIS 58 ? A HIS 1164 ? 1_555 102.1 ? 
16 SG  ? A CYS 39 ? A CYS 1145 ? 1_555 ZN ? B ZN . ? A ZN 1301 ? 1_555 ND1 ? A HIS 64 ? A HIS 1170 ? 1_555 106.3 ? 
17 SG  ? A CYS 42 ? A CYS 1148 ? 1_555 ZN ? B ZN . ? A ZN 1301 ? 1_555 ND1 ? A HIS 64 ? A HIS 1170 ? 1_555 112.0 ? 
18 NE2 ? A HIS 58 ? A HIS 1164 ? 1_555 ZN ? B ZN . ? A ZN 1301 ? 1_555 ND1 ? A HIS 64 ? A HIS 1170 ? 1_555 109.3 ? 
# 
loop_
_pdbx_audit_revision_history.ordinal 
_pdbx_audit_revision_history.data_content_type 
_pdbx_audit_revision_history.major_revision 
_pdbx_audit_revision_history.minor_revision 
_pdbx_audit_revision_history.revision_date 
1 'Structure model' 1 0 2018-02-28 
2 'Structure model' 1 1 2018-05-16 
3 'Structure model' 1 2 2018-05-30 
4 'Structure model' 1 3 2023-10-04 
# 
_pdbx_audit_revision_details.ordinal             1 
_pdbx_audit_revision_details.revision_ordinal    1 
_pdbx_audit_revision_details.data_content_type   'Structure model' 
_pdbx_audit_revision_details.provider            repository 
_pdbx_audit_revision_details.type                'Initial release' 
_pdbx_audit_revision_details.description         ? 
_pdbx_audit_revision_details.details             ? 
# 
loop_
_pdbx_audit_revision_group.ordinal 
_pdbx_audit_revision_group.revision_ordinal 
_pdbx_audit_revision_group.data_content_type 
_pdbx_audit_revision_group.group 
1 2 'Structure model' 'Data collection'        
2 2 'Structure model' 'Database references'    
3 3 'Structure model' 'Data collection'        
4 3 'Structure model' 'Database references'    
5 4 'Structure model' 'Data collection'        
6 4 'Structure model' 'Database references'    
7 4 'Structure model' 'Refinement description' 
# 
loop_
_pdbx_audit_revision_category.ordinal 
_pdbx_audit_revision_category.revision_ordinal 
_pdbx_audit_revision_category.data_content_type 
_pdbx_audit_revision_category.category 
1 2 'Structure model' citation                      
2 2 'Structure model' citation_author               
3 3 'Structure model' citation                      
4 4 'Structure model' chem_comp_atom                
5 4 'Structure model' chem_comp_bond                
6 4 'Structure model' database_2                    
7 4 'Structure model' pdbx_initial_refinement_model 
# 
loop_
_pdbx_audit_revision_item.ordinal 
_pdbx_audit_revision_item.revision_ordinal 
_pdbx_audit_revision_item.data_content_type 
_pdbx_audit_revision_item.item 
1  2 'Structure model' '_citation.country'                   
2  2 'Structure model' '_citation.journal_abbrev'            
3  2 'Structure model' '_citation.journal_id_ASTM'           
4  2 'Structure model' '_citation.journal_id_CSD'            
5  2 'Structure model' '_citation.journal_id_ISSN'           
6  2 'Structure model' '_citation.pdbx_database_id_DOI'      
7  2 'Structure model' '_citation.pdbx_database_id_PubMed'   
8  2 'Structure model' '_citation.title'                     
9  2 'Structure model' '_citation.year'                      
10 2 'Structure model' '_citation_author.name'               
11 3 'Structure model' '_citation.journal_volume'            
12 3 'Structure model' '_citation.page_first'                
13 3 'Structure model' '_citation.page_last'                 
14 4 'Structure model' '_database_2.pdbx_DOI'                
15 4 'Structure model' '_database_2.pdbx_database_accession' 
# 
loop_
_software.citation_id 
_software.classification 
_software.compiler_name 
_software.compiler_version 
_software.contact_author 
_software.contact_author_email 
_software.date 
_software.description 
_software.dependencies 
_software.hardware 
_software.language 
_software.location 
_software.mods 
_software.name 
_software.os 
_software.os_version 
_software.type 
_software.version 
_software.pdbx_ordinal 
? refinement        ? ? ? ? ? ? ? ? ? ? ? REFMAC      ? ? ? 5.8.0189 1 
? 'data scaling'    ? ? ? ? ? ? ? ? ? ? ? Aimless     ? ? ? 0.6.2    2 
? 'data extraction' ? ? ? ? ? ? ? ? ? ? ? PDB_EXTRACT ? ? ? 3.24     3 
? 'data reduction'  ? ? ? ? ? ? ? ? ? ? ? xia2        ? ? ? .        4 
# 
_pdbx_validate_close_contact.id               1 
_pdbx_validate_close_contact.PDB_model_num    1 
_pdbx_validate_close_contact.auth_atom_id_1   UNK 
_pdbx_validate_close_contact.auth_asym_id_1   A 
_pdbx_validate_close_contact.auth_comp_id_1   UNX 
_pdbx_validate_close_contact.auth_seq_id_1    1307 
_pdbx_validate_close_contact.PDB_ins_code_1   ? 
_pdbx_validate_close_contact.label_alt_id_1   ? 
_pdbx_validate_close_contact.auth_atom_id_2   O 
_pdbx_validate_close_contact.auth_asym_id_2   A 
_pdbx_validate_close_contact.auth_comp_id_2   HOH 
_pdbx_validate_close_contact.auth_seq_id_2    1444 
_pdbx_validate_close_contact.PDB_ins_code_2   ? 
_pdbx_validate_close_contact.label_alt_id_2   ? 
_pdbx_validate_close_contact.dist             1.92 
# 
loop_
_pdbx_validate_torsion.id 
_pdbx_validate_torsion.PDB_model_num 
_pdbx_validate_torsion.auth_comp_id 
_pdbx_validate_torsion.auth_asym_id 
_pdbx_validate_torsion.auth_seq_id 
_pdbx_validate_torsion.PDB_ins_code 
_pdbx_validate_torsion.label_alt_id 
_pdbx_validate_torsion.phi 
_pdbx_validate_torsion.psi 
1 1 ASP A 1135 ? A -92.78 -61.90 
2 1 ILE A 1157 ? ? -99.06 -99.30 
# 
loop_
_pdbx_unobs_or_zero_occ_atoms.id 
_pdbx_unobs_or_zero_occ_atoms.PDB_model_num 
_pdbx_unobs_or_zero_occ_atoms.polymer_flag 
_pdbx_unobs_or_zero_occ_atoms.occupancy_flag 
_pdbx_unobs_or_zero_occ_atoms.auth_asym_id 
_pdbx_unobs_or_zero_occ_atoms.auth_comp_id 
_pdbx_unobs_or_zero_occ_atoms.auth_seq_id 
_pdbx_unobs_or_zero_occ_atoms.PDB_ins_code 
_pdbx_unobs_or_zero_occ_atoms.auth_atom_id 
_pdbx_unobs_or_zero_occ_atoms.label_alt_id 
_pdbx_unobs_or_zero_occ_atoms.label_asym_id 
_pdbx_unobs_or_zero_occ_atoms.label_comp_id 
_pdbx_unobs_or_zero_occ_atoms.label_seq_id 
_pdbx_unobs_or_zero_occ_atoms.label_atom_id 
1 1 Y 1 A GLN 1204 ? CD  ? A GLN 98 CD  
2 1 Y 1 A GLN 1204 ? OE1 ? A GLN 98 OE1 
3 1 Y 1 A GLN 1204 ? NE2 ? A GLN 98 NE2 
# 
loop_
_pdbx_unobs_or_zero_occ_residues.id 
_pdbx_unobs_or_zero_occ_residues.PDB_model_num 
_pdbx_unobs_or_zero_occ_residues.polymer_flag 
_pdbx_unobs_or_zero_occ_residues.occupancy_flag 
_pdbx_unobs_or_zero_occ_residues.auth_asym_id 
_pdbx_unobs_or_zero_occ_residues.auth_comp_id 
_pdbx_unobs_or_zero_occ_residues.auth_seq_id 
_pdbx_unobs_or_zero_occ_residues.PDB_ins_code 
_pdbx_unobs_or_zero_occ_residues.label_asym_id 
_pdbx_unobs_or_zero_occ_residues.label_comp_id 
_pdbx_unobs_or_zero_occ_residues.label_seq_id 
1 1 Y 1 A GLY 1107 ? A GLY 1   
2 1 Y 1 A SER 1108 ? A SER 2   
3 1 Y 1 A GLY 1208 ? A GLY 102 
4 1 Y 1 A GLU 1209 ? A GLU 103 
5 1 Y 1 A ASP 1210 ? A ASP 104 
6 1 Y 1 A MET 1211 ? A MET 105 
7 1 Y 1 A PRO 1212 ? A PRO 106 
8 1 Y 1 A HIS 1213 ? A HIS 107 
# 
loop_
_chem_comp_atom.comp_id 
_chem_comp_atom.atom_id 
_chem_comp_atom.type_symbol 
_chem_comp_atom.pdbx_aromatic_flag 
_chem_comp_atom.pdbx_stereo_config 
_chem_comp_atom.pdbx_ordinal 
ALA N    N  N N 1   
ALA CA   C  N S 2   
ALA C    C  N N 3   
ALA O    O  N N 4   
ALA CB   C  N N 5   
ALA OXT  O  N N 6   
ALA H    H  N N 7   
ALA H2   H  N N 8   
ALA HA   H  N N 9   
ALA HB1  H  N N 10  
ALA HB2  H  N N 11  
ALA HB3  H  N N 12  
ALA HXT  H  N N 13  
ARG N    N  N N 14  
ARG CA   C  N S 15  
ARG C    C  N N 16  
ARG O    O  N N 17  
ARG CB   C  N N 18  
ARG CG   C  N N 19  
ARG CD   C  N N 20  
ARG NE   N  N N 21  
ARG CZ   C  N N 22  
ARG NH1  N  N N 23  
ARG NH2  N  N N 24  
ARG OXT  O  N N 25  
ARG H    H  N N 26  
ARG H2   H  N N 27  
ARG HA   H  N N 28  
ARG HB2  H  N N 29  
ARG HB3  H  N N 30  
ARG HG2  H  N N 31  
ARG HG3  H  N N 32  
ARG HD2  H  N N 33  
ARG HD3  H  N N 34  
ARG HE   H  N N 35  
ARG HH11 H  N N 36  
ARG HH12 H  N N 37  
ARG HH21 H  N N 38  
ARG HH22 H  N N 39  
ARG HXT  H  N N 40  
ASN N    N  N N 41  
ASN CA   C  N S 42  
ASN C    C  N N 43  
ASN O    O  N N 44  
ASN CB   C  N N 45  
ASN CG   C  N N 46  
ASN OD1  O  N N 47  
ASN ND2  N  N N 48  
ASN OXT  O  N N 49  
ASN H    H  N N 50  
ASN H2   H  N N 51  
ASN HA   H  N N 52  
ASN HB2  H  N N 53  
ASN HB3  H  N N 54  
ASN HD21 H  N N 55  
ASN HD22 H  N N 56  
ASN HXT  H  N N 57  
ASP N    N  N N 58  
ASP CA   C  N S 59  
ASP C    C  N N 60  
ASP O    O  N N 61  
ASP CB   C  N N 62  
ASP CG   C  N N 63  
ASP OD1  O  N N 64  
ASP OD2  O  N N 65  
ASP OXT  O  N N 66  
ASP H    H  N N 67  
ASP H2   H  N N 68  
ASP HA   H  N N 69  
ASP HB2  H  N N 70  
ASP HB3  H  N N 71  
ASP HD2  H  N N 72  
ASP HXT  H  N N 73  
CYS N    N  N N 74  
CYS CA   C  N R 75  
CYS C    C  N N 76  
CYS O    O  N N 77  
CYS CB   C  N N 78  
CYS SG   S  N N 79  
CYS OXT  O  N N 80  
CYS H    H  N N 81  
CYS H2   H  N N 82  
CYS HA   H  N N 83  
CYS HB2  H  N N 84  
CYS HB3  H  N N 85  
CYS HG   H  N N 86  
CYS HXT  H  N N 87  
EYY C1   C  N N 88  
EYY O1   O  N N 89  
EYY C2   C  N N 90  
EYY C3   C  Y N 91  
EYY C4   C  Y N 92  
EYY C5   C  Y N 93  
EYY C6   C  Y N 94  
EYY C7   C  Y N 95  
EYY C8   C  Y N 96  
EYY C9   C  Y N 97  
EYY C10  C  Y N 98  
EYY C11  C  Y N 99  
EYY C    C  N N 100 
EYY O    O  N N 101 
EYY N    N  Y N 102 
EYY H1   H  N N 103 
EYY H2   H  N N 104 
EYY H3   H  N N 105 
EYY H4   H  N N 106 
EYY H5   H  N N 107 
EYY H6   H  N N 108 
EYY H7   H  N N 109 
EYY H8   H  N N 110 
EYY H9   H  N N 111 
EYY H10  H  N N 112 
EYY H11  H  N N 113 
GLN N    N  N N 114 
GLN CA   C  N S 115 
GLN C    C  N N 116 
GLN O    O  N N 117 
GLN CB   C  N N 118 
GLN CG   C  N N 119 
GLN CD   C  N N 120 
GLN OE1  O  N N 121 
GLN NE2  N  N N 122 
GLN OXT  O  N N 123 
GLN H    H  N N 124 
GLN H2   H  N N 125 
GLN HA   H  N N 126 
GLN HB2  H  N N 127 
GLN HB3  H  N N 128 
GLN HG2  H  N N 129 
GLN HG3  H  N N 130 
GLN HE21 H  N N 131 
GLN HE22 H  N N 132 
GLN HXT  H  N N 133 
GLU N    N  N N 134 
GLU CA   C  N S 135 
GLU C    C  N N 136 
GLU O    O  N N 137 
GLU CB   C  N N 138 
GLU CG   C  N N 139 
GLU CD   C  N N 140 
GLU OE1  O  N N 141 
GLU OE2  O  N N 142 
GLU OXT  O  N N 143 
GLU H    H  N N 144 
GLU H2   H  N N 145 
GLU HA   H  N N 146 
GLU HB2  H  N N 147 
GLU HB3  H  N N 148 
GLU HG2  H  N N 149 
GLU HG3  H  N N 150 
GLU HE2  H  N N 151 
GLU HXT  H  N N 152 
GLY N    N  N N 153 
GLY CA   C  N N 154 
GLY C    C  N N 155 
GLY O    O  N N 156 
GLY OXT  O  N N 157 
GLY H    H  N N 158 
GLY H2   H  N N 159 
GLY HA2  H  N N 160 
GLY HA3  H  N N 161 
GLY HXT  H  N N 162 
HIS N    N  N N 163 
HIS CA   C  N S 164 
HIS C    C  N N 165 
HIS O    O  N N 166 
HIS CB   C  N N 167 
HIS CG   C  Y N 168 
HIS ND1  N  Y N 169 
HIS CD2  C  Y N 170 
HIS CE1  C  Y N 171 
HIS NE2  N  Y N 172 
HIS OXT  O  N N 173 
HIS H    H  N N 174 
HIS H2   H  N N 175 
HIS HA   H  N N 176 
HIS HB2  H  N N 177 
HIS HB3  H  N N 178 
HIS HD1  H  N N 179 
HIS HD2  H  N N 180 
HIS HE1  H  N N 181 
HIS HE2  H  N N 182 
HIS HXT  H  N N 183 
HOH O    O  N N 184 
HOH H1   H  N N 185 
HOH H2   H  N N 186 
ILE N    N  N N 187 
ILE CA   C  N S 188 
ILE C    C  N N 189 
ILE O    O  N N 190 
ILE CB   C  N S 191 
ILE CG1  C  N N 192 
ILE CG2  C  N N 193 
ILE CD1  C  N N 194 
ILE OXT  O  N N 195 
ILE H    H  N N 196 
ILE H2   H  N N 197 
ILE HA   H  N N 198 
ILE HB   H  N N 199 
ILE HG12 H  N N 200 
ILE HG13 H  N N 201 
ILE HG21 H  N N 202 
ILE HG22 H  N N 203 
ILE HG23 H  N N 204 
ILE HD11 H  N N 205 
ILE HD12 H  N N 206 
ILE HD13 H  N N 207 
ILE HXT  H  N N 208 
LEU N    N  N N 209 
LEU CA   C  N S 210 
LEU C    C  N N 211 
LEU O    O  N N 212 
LEU CB   C  N N 213 
LEU CG   C  N N 214 
LEU CD1  C  N N 215 
LEU CD2  C  N N 216 
LEU OXT  O  N N 217 
LEU H    H  N N 218 
LEU H2   H  N N 219 
LEU HA   H  N N 220 
LEU HB2  H  N N 221 
LEU HB3  H  N N 222 
LEU HG   H  N N 223 
LEU HD11 H  N N 224 
LEU HD12 H  N N 225 
LEU HD13 H  N N 226 
LEU HD21 H  N N 227 
LEU HD22 H  N N 228 
LEU HD23 H  N N 229 
LEU HXT  H  N N 230 
LYS N    N  N N 231 
LYS CA   C  N S 232 
LYS C    C  N N 233 
LYS O    O  N N 234 
LYS CB   C  N N 235 
LYS CG   C  N N 236 
LYS CD   C  N N 237 
LYS CE   C  N N 238 
LYS NZ   N  N N 239 
LYS OXT  O  N N 240 
LYS H    H  N N 241 
LYS H2   H  N N 242 
LYS HA   H  N N 243 
LYS HB2  H  N N 244 
LYS HB3  H  N N 245 
LYS HG2  H  N N 246 
LYS HG3  H  N N 247 
LYS HD2  H  N N 248 
LYS HD3  H  N N 249 
LYS HE2  H  N N 250 
LYS HE3  H  N N 251 
LYS HZ1  H  N N 252 
LYS HZ2  H  N N 253 
LYS HZ3  H  N N 254 
LYS HXT  H  N N 255 
MET N    N  N N 256 
MET CA   C  N S 257 
MET C    C  N N 258 
MET O    O  N N 259 
MET CB   C  N N 260 
MET CG   C  N N 261 
MET SD   S  N N 262 
MET CE   C  N N 263 
MET OXT  O  N N 264 
MET H    H  N N 265 
MET H2   H  N N 266 
MET HA   H  N N 267 
MET HB2  H  N N 268 
MET HB3  H  N N 269 
MET HG2  H  N N 270 
MET HG3  H  N N 271 
MET HE1  H  N N 272 
MET HE2  H  N N 273 
MET HE3  H  N N 274 
MET HXT  H  N N 275 
PHE N    N  N N 276 
PHE CA   C  N S 277 
PHE C    C  N N 278 
PHE O    O  N N 279 
PHE CB   C  N N 280 
PHE CG   C  Y N 281 
PHE CD1  C  Y N 282 
PHE CD2  C  Y N 283 
PHE CE1  C  Y N 284 
PHE CE2  C  Y N 285 
PHE CZ   C  Y N 286 
PHE OXT  O  N N 287 
PHE H    H  N N 288 
PHE H2   H  N N 289 
PHE HA   H  N N 290 
PHE HB2  H  N N 291 
PHE HB3  H  N N 292 
PHE HD1  H  N N 293 
PHE HD2  H  N N 294 
PHE HE1  H  N N 295 
PHE HE2  H  N N 296 
PHE HZ   H  N N 297 
PHE HXT  H  N N 298 
PRO N    N  N N 299 
PRO CA   C  N S 300 
PRO C    C  N N 301 
PRO O    O  N N 302 
PRO CB   C  N N 303 
PRO CG   C  N N 304 
PRO CD   C  N N 305 
PRO OXT  O  N N 306 
PRO H    H  N N 307 
PRO HA   H  N N 308 
PRO HB2  H  N N 309 
PRO HB3  H  N N 310 
PRO HG2  H  N N 311 
PRO HG3  H  N N 312 
PRO HD2  H  N N 313 
PRO HD3  H  N N 314 
PRO HXT  H  N N 315 
SER N    N  N N 316 
SER CA   C  N S 317 
SER C    C  N N 318 
SER O    O  N N 319 
SER CB   C  N N 320 
SER OG   O  N N 321 
SER OXT  O  N N 322 
SER H    H  N N 323 
SER H2   H  N N 324 
SER HA   H  N N 325 
SER HB2  H  N N 326 
SER HB3  H  N N 327 
SER HG   H  N N 328 
SER HXT  H  N N 329 
THR N    N  N N 330 
THR CA   C  N S 331 
THR C    C  N N 332 
THR O    O  N N 333 
THR CB   C  N R 334 
THR OG1  O  N N 335 
THR CG2  C  N N 336 
THR OXT  O  N N 337 
THR H    H  N N 338 
THR H2   H  N N 339 
THR HA   H  N N 340 
THR HB   H  N N 341 
THR HG1  H  N N 342 
THR HG21 H  N N 343 
THR HG22 H  N N 344 
THR HG23 H  N N 345 
THR HXT  H  N N 346 
TRP N    N  N N 347 
TRP CA   C  N S 348 
TRP C    C  N N 349 
TRP O    O  N N 350 
TRP CB   C  N N 351 
TRP CG   C  Y N 352 
TRP CD1  C  Y N 353 
TRP CD2  C  Y N 354 
TRP NE1  N  Y N 355 
TRP CE2  C  Y N 356 
TRP CE3  C  Y N 357 
TRP CZ2  C  Y N 358 
TRP CZ3  C  Y N 359 
TRP CH2  C  Y N 360 
TRP OXT  O  N N 361 
TRP H    H  N N 362 
TRP H2   H  N N 363 
TRP HA   H  N N 364 
TRP HB2  H  N N 365 
TRP HB3  H  N N 366 
TRP HD1  H  N N 367 
TRP HE1  H  N N 368 
TRP HE3  H  N N 369 
TRP HZ2  H  N N 370 
TRP HZ3  H  N N 371 
TRP HH2  H  N N 372 
TRP HXT  H  N N 373 
TYR N    N  N N 374 
TYR CA   C  N S 375 
TYR C    C  N N 376 
TYR O    O  N N 377 
TYR CB   C  N N 378 
TYR CG   C  Y N 379 
TYR CD1  C  Y N 380 
TYR CD2  C  Y N 381 
TYR CE1  C  Y N 382 
TYR CE2  C  Y N 383 
TYR CZ   C  Y N 384 
TYR OH   O  N N 385 
TYR OXT  O  N N 386 
TYR H    H  N N 387 
TYR H2   H  N N 388 
TYR HA   H  N N 389 
TYR HB2  H  N N 390 
TYR HB3  H  N N 391 
TYR HD1  H  N N 392 
TYR HD2  H  N N 393 
TYR HE1  H  N N 394 
TYR HE2  H  N N 395 
TYR HH   H  N N 396 
TYR HXT  H  N N 397 
VAL N    N  N N 398 
VAL CA   C  N S 399 
VAL C    C  N N 400 
VAL O    O  N N 401 
VAL CB   C  N N 402 
VAL CG1  C  N N 403 
VAL CG2  C  N N 404 
VAL OXT  O  N N 405 
VAL H    H  N N 406 
VAL H2   H  N N 407 
VAL HA   H  N N 408 
VAL HB   H  N N 409 
VAL HG11 H  N N 410 
VAL HG12 H  N N 411 
VAL HG13 H  N N 412 
VAL HG21 H  N N 413 
VAL HG22 H  N N 414 
VAL HG23 H  N N 415 
VAL HXT  H  N N 416 
ZN  ZN   ZN N N 417 
# 
loop_
_chem_comp_bond.comp_id 
_chem_comp_bond.atom_id_1 
_chem_comp_bond.atom_id_2 
_chem_comp_bond.value_order 
_chem_comp_bond.pdbx_aromatic_flag 
_chem_comp_bond.pdbx_stereo_config 
_chem_comp_bond.pdbx_ordinal 
ALA N   CA   sing N N 1   
ALA N   H    sing N N 2   
ALA N   H2   sing N N 3   
ALA CA  C    sing N N 4   
ALA CA  CB   sing N N 5   
ALA CA  HA   sing N N 6   
ALA C   O    doub N N 7   
ALA C   OXT  sing N N 8   
ALA CB  HB1  sing N N 9   
ALA CB  HB2  sing N N 10  
ALA CB  HB3  sing N N 11  
ALA OXT HXT  sing N N 12  
ARG N   CA   sing N N 13  
ARG N   H    sing N N 14  
ARG N   H2   sing N N 15  
ARG CA  C    sing N N 16  
ARG CA  CB   sing N N 17  
ARG CA  HA   sing N N 18  
ARG C   O    doub N N 19  
ARG C   OXT  sing N N 20  
ARG CB  CG   sing N N 21  
ARG CB  HB2  sing N N 22  
ARG CB  HB3  sing N N 23  
ARG CG  CD   sing N N 24  
ARG CG  HG2  sing N N 25  
ARG CG  HG3  sing N N 26  
ARG CD  NE   sing N N 27  
ARG CD  HD2  sing N N 28  
ARG CD  HD3  sing N N 29  
ARG NE  CZ   sing N N 30  
ARG NE  HE   sing N N 31  
ARG CZ  NH1  sing N N 32  
ARG CZ  NH2  doub N N 33  
ARG NH1 HH11 sing N N 34  
ARG NH1 HH12 sing N N 35  
ARG NH2 HH21 sing N N 36  
ARG NH2 HH22 sing N N 37  
ARG OXT HXT  sing N N 38  
ASN N   CA   sing N N 39  
ASN N   H    sing N N 40  
ASN N   H2   sing N N 41  
ASN CA  C    sing N N 42  
ASN CA  CB   sing N N 43  
ASN CA  HA   sing N N 44  
ASN C   O    doub N N 45  
ASN C   OXT  sing N N 46  
ASN CB  CG   sing N N 47  
ASN CB  HB2  sing N N 48  
ASN CB  HB3  sing N N 49  
ASN CG  OD1  doub N N 50  
ASN CG  ND2  sing N N 51  
ASN ND2 HD21 sing N N 52  
ASN ND2 HD22 sing N N 53  
ASN OXT HXT  sing N N 54  
ASP N   CA   sing N N 55  
ASP N   H    sing N N 56  
ASP N   H2   sing N N 57  
ASP CA  C    sing N N 58  
ASP CA  CB   sing N N 59  
ASP CA  HA   sing N N 60  
ASP C   O    doub N N 61  
ASP C   OXT  sing N N 62  
ASP CB  CG   sing N N 63  
ASP CB  HB2  sing N N 64  
ASP CB  HB3  sing N N 65  
ASP CG  OD1  doub N N 66  
ASP CG  OD2  sing N N 67  
ASP OD2 HD2  sing N N 68  
ASP OXT HXT  sing N N 69  
CYS N   CA   sing N N 70  
CYS N   H    sing N N 71  
CYS N   H2   sing N N 72  
CYS CA  C    sing N N 73  
CYS CA  CB   sing N N 74  
CYS CA  HA   sing N N 75  
CYS C   O    doub N N 76  
CYS C   OXT  sing N N 77  
CYS CB  SG   sing N N 78  
CYS CB  HB2  sing N N 79  
CYS CB  HB3  sing N N 80  
CYS SG  HG   sing N N 81  
CYS OXT HXT  sing N N 82  
EYY C10 C9   doub Y N 83  
EYY C10 C11  sing Y N 84  
EYY C9  C8   sing Y N 85  
EYY N   C11  doub Y N 86  
EYY N   C3   sing Y N 87  
EYY C11 C6   sing Y N 88  
EYY C2  C3   sing N N 89  
EYY C2  C1   sing N N 90  
EYY C8  C7   doub Y N 91  
EYY O   C    doub N N 92  
EYY C3  C4   doub Y N 93  
EYY C6  C7   sing Y N 94  
EYY C6  C5   doub Y N 95  
EYY C1  C    sing N N 96  
EYY C   O1   sing N N 97  
EYY C4  C5   sing Y N 98  
EYY C1  H1   sing N N 99  
EYY C1  H2   sing N N 100 
EYY O1  H3   sing N N 101 
EYY C2  H4   sing N N 102 
EYY C2  H5   sing N N 103 
EYY C4  H6   sing N N 104 
EYY C5  H7   sing N N 105 
EYY C7  H8   sing N N 106 
EYY C8  H9   sing N N 107 
EYY C9  H10  sing N N 108 
EYY C10 H11  sing N N 109 
GLN N   CA   sing N N 110 
GLN N   H    sing N N 111 
GLN N   H2   sing N N 112 
GLN CA  C    sing N N 113 
GLN CA  CB   sing N N 114 
GLN CA  HA   sing N N 115 
GLN C   O    doub N N 116 
GLN C   OXT  sing N N 117 
GLN CB  CG   sing N N 118 
GLN CB  HB2  sing N N 119 
GLN CB  HB3  sing N N 120 
GLN CG  CD   sing N N 121 
GLN CG  HG2  sing N N 122 
GLN CG  HG3  sing N N 123 
GLN CD  OE1  doub N N 124 
GLN CD  NE2  sing N N 125 
GLN NE2 HE21 sing N N 126 
GLN NE2 HE22 sing N N 127 
GLN OXT HXT  sing N N 128 
GLU N   CA   sing N N 129 
GLU N   H    sing N N 130 
GLU N   H2   sing N N 131 
GLU CA  C    sing N N 132 
GLU CA  CB   sing N N 133 
GLU CA  HA   sing N N 134 
GLU C   O    doub N N 135 
GLU C   OXT  sing N N 136 
GLU CB  CG   sing N N 137 
GLU CB  HB2  sing N N 138 
GLU CB  HB3  sing N N 139 
GLU CG  CD   sing N N 140 
GLU CG  HG2  sing N N 141 
GLU CG  HG3  sing N N 142 
GLU CD  OE1  doub N N 143 
GLU CD  OE2  sing N N 144 
GLU OE2 HE2  sing N N 145 
GLU OXT HXT  sing N N 146 
GLY N   CA   sing N N 147 
GLY N   H    sing N N 148 
GLY N   H2   sing N N 149 
GLY CA  C    sing N N 150 
GLY CA  HA2  sing N N 151 
GLY CA  HA3  sing N N 152 
GLY C   O    doub N N 153 
GLY C   OXT  sing N N 154 
GLY OXT HXT  sing N N 155 
HIS N   CA   sing N N 156 
HIS N   H    sing N N 157 
HIS N   H2   sing N N 158 
HIS CA  C    sing N N 159 
HIS CA  CB   sing N N 160 
HIS CA  HA   sing N N 161 
HIS C   O    doub N N 162 
HIS C   OXT  sing N N 163 
HIS CB  CG   sing N N 164 
HIS CB  HB2  sing N N 165 
HIS CB  HB3  sing N N 166 
HIS CG  ND1  sing Y N 167 
HIS CG  CD2  doub Y N 168 
HIS ND1 CE1  doub Y N 169 
HIS ND1 HD1  sing N N 170 
HIS CD2 NE2  sing Y N 171 
HIS CD2 HD2  sing N N 172 
HIS CE1 NE2  sing Y N 173 
HIS CE1 HE1  sing N N 174 
HIS NE2 HE2  sing N N 175 
HIS OXT HXT  sing N N 176 
HOH O   H1   sing N N 177 
HOH O   H2   sing N N 178 
ILE N   CA   sing N N 179 
ILE N   H    sing N N 180 
ILE N   H2   sing N N 181 
ILE CA  C    sing N N 182 
ILE CA  CB   sing N N 183 
ILE CA  HA   sing N N 184 
ILE C   O    doub N N 185 
ILE C   OXT  sing N N 186 
ILE CB  CG1  sing N N 187 
ILE CB  CG2  sing N N 188 
ILE CB  HB   sing N N 189 
ILE CG1 CD1  sing N N 190 
ILE CG1 HG12 sing N N 191 
ILE CG1 HG13 sing N N 192 
ILE CG2 HG21 sing N N 193 
ILE CG2 HG22 sing N N 194 
ILE CG2 HG23 sing N N 195 
ILE CD1 HD11 sing N N 196 
ILE CD1 HD12 sing N N 197 
ILE CD1 HD13 sing N N 198 
ILE OXT HXT  sing N N 199 
LEU N   CA   sing N N 200 
LEU N   H    sing N N 201 
LEU N   H2   sing N N 202 
LEU CA  C    sing N N 203 
LEU CA  CB   sing N N 204 
LEU CA  HA   sing N N 205 
LEU C   O    doub N N 206 
LEU C   OXT  sing N N 207 
LEU CB  CG   sing N N 208 
LEU CB  HB2  sing N N 209 
LEU CB  HB3  sing N N 210 
LEU CG  CD1  sing N N 211 
LEU CG  CD2  sing N N 212 
LEU CG  HG   sing N N 213 
LEU CD1 HD11 sing N N 214 
LEU CD1 HD12 sing N N 215 
LEU CD1 HD13 sing N N 216 
LEU CD2 HD21 sing N N 217 
LEU CD2 HD22 sing N N 218 
LEU CD2 HD23 sing N N 219 
LEU OXT HXT  sing N N 220 
LYS N   CA   sing N N 221 
LYS N   H    sing N N 222 
LYS N   H2   sing N N 223 
LYS CA  C    sing N N 224 
LYS CA  CB   sing N N 225 
LYS CA  HA   sing N N 226 
LYS C   O    doub N N 227 
LYS C   OXT  sing N N 228 
LYS CB  CG   sing N N 229 
LYS CB  HB2  sing N N 230 
LYS CB  HB3  sing N N 231 
LYS CG  CD   sing N N 232 
LYS CG  HG2  sing N N 233 
LYS CG  HG3  sing N N 234 
LYS CD  CE   sing N N 235 
LYS CD  HD2  sing N N 236 
LYS CD  HD3  sing N N 237 
LYS CE  NZ   sing N N 238 
LYS CE  HE2  sing N N 239 
LYS CE  HE3  sing N N 240 
LYS NZ  HZ1  sing N N 241 
LYS NZ  HZ2  sing N N 242 
LYS NZ  HZ3  sing N N 243 
LYS OXT HXT  sing N N 244 
MET N   CA   sing N N 245 
MET N   H    sing N N 246 
MET N   H2   sing N N 247 
MET CA  C    sing N N 248 
MET CA  CB   sing N N 249 
MET CA  HA   sing N N 250 
MET C   O    doub N N 251 
MET C   OXT  sing N N 252 
MET CB  CG   sing N N 253 
MET CB  HB2  sing N N 254 
MET CB  HB3  sing N N 255 
MET CG  SD   sing N N 256 
MET CG  HG2  sing N N 257 
MET CG  HG3  sing N N 258 
MET SD  CE   sing N N 259 
MET CE  HE1  sing N N 260 
MET CE  HE2  sing N N 261 
MET CE  HE3  sing N N 262 
MET OXT HXT  sing N N 263 
PHE N   CA   sing N N 264 
PHE N   H    sing N N 265 
PHE N   H2   sing N N 266 
PHE CA  C    sing N N 267 
PHE CA  CB   sing N N 268 
PHE CA  HA   sing N N 269 
PHE C   O    doub N N 270 
PHE C   OXT  sing N N 271 
PHE CB  CG   sing N N 272 
PHE CB  HB2  sing N N 273 
PHE CB  HB3  sing N N 274 
PHE CG  CD1  doub Y N 275 
PHE CG  CD2  sing Y N 276 
PHE CD1 CE1  sing Y N 277 
PHE CD1 HD1  sing N N 278 
PHE CD2 CE2  doub Y N 279 
PHE CD2 HD2  sing N N 280 
PHE CE1 CZ   doub Y N 281 
PHE CE1 HE1  sing N N 282 
PHE CE2 CZ   sing Y N 283 
PHE CE2 HE2  sing N N 284 
PHE CZ  HZ   sing N N 285 
PHE OXT HXT  sing N N 286 
PRO N   CA   sing N N 287 
PRO N   CD   sing N N 288 
PRO N   H    sing N N 289 
PRO CA  C    sing N N 290 
PRO CA  CB   sing N N 291 
PRO CA  HA   sing N N 292 
PRO C   O    doub N N 293 
PRO C   OXT  sing N N 294 
PRO CB  CG   sing N N 295 
PRO CB  HB2  sing N N 296 
PRO CB  HB3  sing N N 297 
PRO CG  CD   sing N N 298 
PRO CG  HG2  sing N N 299 
PRO CG  HG3  sing N N 300 
PRO CD  HD2  sing N N 301 
PRO CD  HD3  sing N N 302 
PRO OXT HXT  sing N N 303 
SER N   CA   sing N N 304 
SER N   H    sing N N 305 
SER N   H2   sing N N 306 
SER CA  C    sing N N 307 
SER CA  CB   sing N N 308 
SER CA  HA   sing N N 309 
SER C   O    doub N N 310 
SER C   OXT  sing N N 311 
SER CB  OG   sing N N 312 
SER CB  HB2  sing N N 313 
SER CB  HB3  sing N N 314 
SER OG  HG   sing N N 315 
SER OXT HXT  sing N N 316 
THR N   CA   sing N N 317 
THR N   H    sing N N 318 
THR N   H2   sing N N 319 
THR CA  C    sing N N 320 
THR CA  CB   sing N N 321 
THR CA  HA   sing N N 322 
THR C   O    doub N N 323 
THR C   OXT  sing N N 324 
THR CB  OG1  sing N N 325 
THR CB  CG2  sing N N 326 
THR CB  HB   sing N N 327 
THR OG1 HG1  sing N N 328 
THR CG2 HG21 sing N N 329 
THR CG2 HG22 sing N N 330 
THR CG2 HG23 sing N N 331 
THR OXT HXT  sing N N 332 
TRP N   CA   sing N N 333 
TRP N   H    sing N N 334 
TRP N   H2   sing N N 335 
TRP CA  C    sing N N 336 
TRP CA  CB   sing N N 337 
TRP CA  HA   sing N N 338 
TRP C   O    doub N N 339 
TRP C   OXT  sing N N 340 
TRP CB  CG   sing N N 341 
TRP CB  HB2  sing N N 342 
TRP CB  HB3  sing N N 343 
TRP CG  CD1  doub Y N 344 
TRP CG  CD2  sing Y N 345 
TRP CD1 NE1  sing Y N 346 
TRP CD1 HD1  sing N N 347 
TRP CD2 CE2  doub Y N 348 
TRP CD2 CE3  sing Y N 349 
TRP NE1 CE2  sing Y N 350 
TRP NE1 HE1  sing N N 351 
TRP CE2 CZ2  sing Y N 352 
TRP CE3 CZ3  doub Y N 353 
TRP CE3 HE3  sing N N 354 
TRP CZ2 CH2  doub Y N 355 
TRP CZ2 HZ2  sing N N 356 
TRP CZ3 CH2  sing Y N 357 
TRP CZ3 HZ3  sing N N 358 
TRP CH2 HH2  sing N N 359 
TRP OXT HXT  sing N N 360 
TYR N   CA   sing N N 361 
TYR N   H    sing N N 362 
TYR N   H2   sing N N 363 
TYR CA  C    sing N N 364 
TYR CA  CB   sing N N 365 
TYR CA  HA   sing N N 366 
TYR C   O    doub N N 367 
TYR C   OXT  sing N N 368 
TYR CB  CG   sing N N 369 
TYR CB  HB2  sing N N 370 
TYR CB  HB3  sing N N 371 
TYR CG  CD1  doub Y N 372 
TYR CG  CD2  sing Y N 373 
TYR CD1 CE1  sing Y N 374 
TYR CD1 HD1  sing N N 375 
TYR CD2 CE2  doub Y N 376 
TYR CD2 HD2  sing N N 377 
TYR CE1 CZ   doub Y N 378 
TYR CE1 HE1  sing N N 379 
TYR CE2 CZ   sing Y N 380 
TYR CE2 HE2  sing N N 381 
TYR CZ  OH   sing N N 382 
TYR OH  HH   sing N N 383 
TYR OXT HXT  sing N N 384 
VAL N   CA   sing N N 385 
VAL N   H    sing N N 386 
VAL N   H2   sing N N 387 
VAL CA  C    sing N N 388 
VAL CA  CB   sing N N 389 
VAL CA  HA   sing N N 390 
VAL C   O    doub N N 391 
VAL C   OXT  sing N N 392 
VAL CB  CG1  sing N N 393 
VAL CB  CG2  sing N N 394 
VAL CB  HB   sing N N 395 
VAL CG1 HG11 sing N N 396 
VAL CG1 HG12 sing N N 397 
VAL CG1 HG13 sing N N 398 
VAL CG2 HG21 sing N N 399 
VAL CG2 HG22 sing N N 400 
VAL CG2 HG23 sing N N 401 
VAL OXT HXT  sing N N 402 
# 
loop_
_pdbx_entity_nonpoly.entity_id 
_pdbx_entity_nonpoly.name 
_pdbx_entity_nonpoly.comp_id 
2 'ZINC ION'                        ZN  
3 'UNKNOWN ATOM OR ION'             UNX 
4 '3-(quinolin-2-yl)propanoic acid' EYY 
5 water                             HOH 
# 
_pdbx_initial_refinement_model.id               1 
_pdbx_initial_refinement_model.entity_id_list   ? 
_pdbx_initial_refinement_model.type             'experimental model' 
_pdbx_initial_refinement_model.source_name      PDB 
_pdbx_initial_refinement_model.accession_code   5KH3 
_pdbx_initial_refinement_model.details          'pdbid 5KH3' 
# 
_pdbx_struct_assembly_auth_evidence.id                     1 
_pdbx_struct_assembly_auth_evidence.assembly_id            1 
_pdbx_struct_assembly_auth_evidence.experimental_support   'gel filtration' 
_pdbx_struct_assembly_auth_evidence.details                ? 
# 
